data_6G9R
#
_entry.id   6G9R
#
_cell.length_a   92.245
_cell.length_b   123.597
_cell.length_c   99.262
_cell.angle_alpha   90.00
_cell.angle_beta   103.07
_cell.angle_gamma   90.00
#
_symmetry.space_group_name_H-M   'P 1 21 1'
#
loop_
_entity.id
_entity.type
_entity.pdbx_description
1 polymer 'H-2 class I histocompatibility antigen, D-B alpha chain'
2 polymer Beta-2-microglobulin
3 polymer 'Dopamine beta-hydroxylase'
4 water water
#
loop_
_entity_poly.entity_id
_entity_poly.type
_entity_poly.pdbx_seq_one_letter_code
_entity_poly.pdbx_strand_id
1 'polypeptide(L)'
;GPHSMRYFETAVSRPGLEEPRYISVGYVDNKEFVRFDSDAENPRYEPRAPWMEQEGPEYWERETQKAKGQEQWFRVSLRN
LLGYYNQSAGGSHTLQQMSGCDLGSDWRLLRGYLQFAYEGRDYIALNEDLKTWTAADMAAQITRRKWEQSGAAEHYKAYL
EGECVEWLHRYLKNGNATLLRTDSPKAHVTHHPRSKGEVTLRCWALGFYPADITLTWQLNGEELTQDMELVETRPAGDGT
FQKWASVVVPLGKEQNYTCRVYHEGLPEPLTLRWEP
;
A,C,E,G
2 'polypeptide(L)'
;IQKTPQIQVYSRHPPENGKPNILNCYVTQFHPPHIEIQMLKNGKKIPKVEMSDMSFSKDWSFYILAHTEFTPTETDTYAC
RVKHDSMAEPKTVYWDRDM
;
B,D,F,H
3 'polypeptide(L)' KAPYDYAPI P,I,J,K
#
# COMPACT_ATOMS: atom_id res chain seq x y z
N GLY A 1 5.66 -9.11 -3.11
CA GLY A 1 5.12 -10.15 -4.04
C GLY A 1 6.16 -10.80 -4.96
N PRO A 2 6.60 -12.05 -4.65
CA PRO A 2 7.28 -12.94 -5.61
C PRO A 2 6.32 -13.69 -6.52
N HIS A 3 6.79 -14.12 -7.68
CA HIS A 3 5.90 -14.61 -8.75
C HIS A 3 6.53 -15.75 -9.52
N SER A 4 5.70 -16.41 -10.33
CA SER A 4 6.12 -17.59 -11.06
C SER A 4 5.26 -17.82 -12.28
N MET A 5 5.79 -18.61 -13.20
CA MET A 5 5.01 -19.15 -14.30
C MET A 5 5.40 -20.61 -14.52
N ARG A 6 4.45 -21.42 -14.96
CA ARG A 6 4.68 -22.82 -15.27
C ARG A 6 3.88 -23.27 -16.45
N TYR A 7 4.42 -24.26 -17.14
CA TYR A 7 3.69 -24.99 -18.12
C TYR A 7 3.82 -26.50 -17.84
N PHE A 8 2.67 -27.10 -17.54
CA PHE A 8 2.56 -28.50 -17.22
C PHE A 8 1.97 -29.26 -18.41
N GLU A 9 2.80 -30.01 -19.10
CA GLU A 9 2.35 -30.75 -20.26
C GLU A 9 2.27 -32.23 -19.94
N THR A 10 1.34 -32.93 -20.58
CA THR A 10 1.06 -34.35 -20.36
C THR A 10 0.71 -34.99 -21.68
N ALA A 11 1.19 -36.20 -21.92
CA ALA A 11 0.72 -37.01 -23.02
C ALA A 11 0.42 -38.41 -22.54
N VAL A 12 -0.73 -38.93 -22.92
CA VAL A 12 -1.21 -40.21 -22.38
C VAL A 12 -1.52 -41.12 -23.54
N SER A 13 -0.93 -42.31 -23.49
CA SER A 13 -1.24 -43.37 -24.42
C SER A 13 -2.00 -44.43 -23.66
N ARG A 14 -3.02 -44.97 -24.30
CA ARG A 14 -3.88 -46.02 -23.72
C ARG A 14 -3.98 -47.16 -24.75
N PRO A 15 -4.19 -48.41 -24.27
CA PRO A 15 -3.74 -49.60 -25.01
C PRO A 15 -4.15 -49.73 -26.49
N GLY A 16 -5.41 -49.37 -26.76
CA GLY A 16 -5.95 -49.34 -28.12
C GLY A 16 -6.17 -47.96 -28.74
N LEU A 17 -6.22 -46.91 -27.90
CA LEU A 17 -6.24 -45.50 -28.39
C LEU A 17 -5.28 -45.33 -29.56
N GLU A 18 -5.73 -44.61 -30.59
CA GLU A 18 -4.95 -44.53 -31.83
C GLU A 18 -3.66 -43.74 -31.59
N GLU A 19 -3.82 -42.43 -31.31
CA GLU A 19 -2.74 -41.48 -31.03
C GLU A 19 -2.88 -41.05 -29.56
N PRO A 20 -1.75 -40.72 -28.89
CA PRO A 20 -1.78 -40.14 -27.56
C PRO A 20 -2.55 -38.83 -27.49
N ARG A 21 -3.14 -38.59 -26.32
CA ARG A 21 -3.78 -37.34 -26.02
C ARG A 21 -2.77 -36.39 -25.35
N TYR A 22 -2.66 -35.18 -25.90
CA TYR A 22 -1.70 -34.18 -25.41
C TYR A 22 -2.48 -33.07 -24.73
N ILE A 23 -1.99 -32.58 -23.58
CA ILE A 23 -2.67 -31.57 -22.77
C ILE A 23 -1.63 -30.69 -22.10
N SER A 24 -1.81 -29.39 -22.25
CA SER A 24 -0.86 -28.41 -21.76
C SER A 24 -1.64 -27.34 -21.01
N VAL A 25 -1.13 -26.98 -19.86
CA VAL A 25 -1.81 -26.07 -18.96
C VAL A 25 -0.77 -25.10 -18.44
N GLY A 26 -1.08 -23.83 -18.59
CA GLY A 26 -0.16 -22.80 -18.21
C GLY A 26 -0.66 -22.25 -16.92
N TYR A 27 0.26 -21.89 -16.03
CA TYR A 27 -0.07 -21.31 -14.75
C TYR A 27 0.74 -20.02 -14.60
N VAL A 28 0.07 -18.93 -14.22
CA VAL A 28 0.78 -17.77 -13.69
C VAL A 28 0.35 -17.66 -12.24
N ASP A 29 1.35 -17.46 -11.38
CA ASP A 29 1.22 -17.53 -9.91
C ASP A 29 0.28 -18.64 -9.41
N ASN A 30 0.54 -19.85 -9.88
CA ASN A 30 -0.28 -21.02 -9.58
C ASN A 30 -1.73 -21.01 -10.03
N LYS A 31 -2.17 -19.96 -10.74
CA LYS A 31 -3.54 -19.89 -11.18
C LYS A 31 -3.51 -20.28 -12.63
N GLU A 32 -4.33 -21.26 -12.98
CA GLU A 32 -4.45 -21.69 -14.35
C GLU A 32 -4.81 -20.45 -15.19
N PHE A 33 -4.15 -20.27 -16.33
CA PHE A 33 -4.36 -19.10 -17.17
C PHE A 33 -4.41 -19.36 -18.68
N VAL A 34 -3.88 -20.48 -19.18
CA VAL A 34 -4.21 -20.97 -20.55
C VAL A 34 -4.31 -22.48 -20.55
N ARG A 35 -4.77 -23.05 -21.65
CA ARG A 35 -4.96 -24.48 -21.74
C ARG A 35 -5.16 -24.94 -23.18
N PHE A 36 -4.50 -26.04 -23.53
CA PHE A 36 -4.65 -26.73 -24.83
C PHE A 36 -5.02 -28.18 -24.54
N ASP A 37 -5.83 -28.79 -25.41
CA ASP A 37 -6.23 -30.18 -25.26
C ASP A 37 -6.55 -30.78 -26.61
N SER A 38 -5.78 -31.78 -27.02
CA SER A 38 -5.88 -32.39 -28.36
C SER A 38 -7.20 -33.13 -28.63
N ASP A 39 -7.96 -33.42 -27.57
CA ASP A 39 -9.27 -34.07 -27.66
C ASP A 39 -10.38 -33.11 -28.03
N ALA A 40 -10.23 -31.82 -27.72
CA ALA A 40 -11.17 -30.77 -28.15
C ALA A 40 -11.51 -30.89 -29.64
N GLU A 41 -12.74 -30.49 -29.98
CA GLU A 41 -13.27 -30.63 -31.35
C GLU A 41 -12.39 -29.87 -32.33
N ASN A 42 -12.05 -28.64 -31.96
CA ASN A 42 -11.01 -27.89 -32.62
C ASN A 42 -9.91 -27.61 -31.59
N PRO A 43 -8.79 -28.38 -31.64
CA PRO A 43 -7.71 -28.18 -30.67
C PRO A 43 -7.02 -26.81 -30.82
N ARG A 44 -7.07 -26.04 -29.75
CA ARG A 44 -6.47 -24.71 -29.69
C ARG A 44 -6.16 -24.38 -28.23
N TYR A 45 -5.18 -23.52 -28.02
CA TYR A 45 -5.03 -22.87 -26.71
C TYR A 45 -6.19 -21.88 -26.49
N GLU A 46 -6.98 -22.08 -25.42
CA GLU A 46 -8.04 -21.12 -24.97
C GLU A 46 -7.52 -20.37 -23.75
N PRO A 47 -7.90 -19.10 -23.57
CA PRO A 47 -7.62 -18.45 -22.28
C PRO A 47 -8.49 -19.08 -21.20
N ARG A 48 -8.08 -18.85 -19.97
CA ARG A 48 -8.66 -19.50 -18.80
C ARG A 48 -8.89 -18.59 -17.60
N ALA A 49 -8.30 -17.40 -17.64
CA ALA A 49 -8.68 -16.28 -16.78
C ALA A 49 -9.22 -15.09 -17.62
N PRO A 50 -10.17 -14.31 -17.07
CA PRO A 50 -10.66 -13.10 -17.74
C PRO A 50 -9.55 -12.28 -18.43
N TRP A 51 -8.57 -11.83 -17.65
CA TRP A 51 -7.50 -10.92 -18.12
C TRP A 51 -6.69 -11.37 -19.35
N MET A 52 -6.84 -12.64 -19.75
CA MET A 52 -6.14 -13.16 -20.92
C MET A 52 -6.88 -12.97 -22.24
N GLU A 53 -8.19 -12.67 -22.19
CA GLU A 53 -8.95 -12.36 -23.44
C GLU A 53 -8.57 -11.03 -24.08
N GLN A 54 -7.73 -10.27 -23.37
CA GLN A 54 -6.83 -9.19 -23.82
C GLN A 54 -5.77 -9.50 -24.91
N GLU A 55 -5.74 -10.69 -25.51
CA GLU A 55 -4.62 -11.11 -26.34
C GLU A 55 -5.09 -11.34 -27.77
N GLY A 56 -4.36 -10.77 -28.72
CA GLY A 56 -4.79 -10.75 -30.10
C GLY A 56 -4.58 -12.10 -30.78
N PRO A 57 -5.51 -12.52 -31.64
CA PRO A 57 -5.48 -13.88 -32.28
C PRO A 57 -4.13 -14.40 -32.81
N GLU A 58 -3.22 -13.50 -33.21
CA GLU A 58 -1.87 -13.92 -33.61
C GLU A 58 -1.12 -14.67 -32.49
N TYR A 59 -1.21 -14.14 -31.27
CA TYR A 59 -0.78 -14.86 -30.08
C TYR A 59 -1.38 -16.29 -29.99
N TRP A 60 -2.70 -16.41 -30.00
CA TRP A 60 -3.35 -17.75 -29.97
C TRP A 60 -2.97 -18.69 -31.11
N GLU A 61 -2.65 -18.15 -32.29
CA GLU A 61 -2.23 -19.00 -33.42
C GLU A 61 -0.83 -19.53 -33.19
N ARG A 62 0.09 -18.66 -32.72
CA ARG A 62 1.48 -19.07 -32.47
C ARG A 62 1.49 -20.13 -31.41
N GLU A 63 0.89 -19.84 -30.25
CA GLU A 63 0.80 -20.81 -29.17
C GLU A 63 0.20 -22.11 -29.65
N THR A 64 -0.99 -22.05 -30.22
CA THR A 64 -1.62 -23.25 -30.80
C THR A 64 -0.67 -24.02 -31.72
N GLN A 65 0.14 -23.31 -32.52
CA GLN A 65 1.12 -24.01 -33.35
C GLN A 65 2.18 -24.75 -32.51
N LYS A 66 2.83 -24.05 -31.58
CA LYS A 66 3.72 -24.69 -30.60
C LYS A 66 3.11 -25.98 -30.03
N ALA A 67 1.90 -25.88 -29.52
CA ALA A 67 1.17 -27.04 -29.03
C ALA A 67 1.20 -28.20 -30.01
N LYS A 68 0.89 -27.94 -31.27
CA LYS A 68 0.83 -29.03 -32.26
C LYS A 68 2.23 -29.69 -32.44
N GLY A 69 3.28 -28.85 -32.39
CA GLY A 69 4.66 -29.33 -32.37
C GLY A 69 5.00 -30.13 -31.13
N GLN A 70 4.61 -29.61 -29.97
CA GLN A 70 4.74 -30.33 -28.71
C GLN A 70 4.03 -31.68 -28.78
N GLU A 71 2.78 -31.68 -29.25
CA GLU A 71 2.04 -32.92 -29.41
C GLU A 71 2.87 -33.96 -30.17
N GLN A 72 3.44 -33.56 -31.30
CA GLN A 72 4.30 -34.47 -32.08
C GLN A 72 5.55 -34.90 -31.30
N TRP A 73 6.15 -33.97 -30.53
CA TRP A 73 7.35 -34.27 -29.74
C TRP A 73 7.09 -35.31 -28.68
N PHE A 74 5.94 -35.18 -28.02
CA PHE A 74 5.51 -36.18 -27.03
C PHE A 74 5.24 -37.53 -27.67
N ARG A 75 4.61 -37.52 -28.85
CA ARG A 75 4.38 -38.73 -29.63
C ARG A 75 5.70 -39.48 -29.79
N VAL A 76 6.67 -38.83 -30.38
CA VAL A 76 7.93 -39.51 -30.69
C VAL A 76 8.61 -39.96 -29.40
N SER A 77 8.57 -39.12 -28.37
CA SER A 77 9.24 -39.42 -27.12
C SER A 77 8.63 -40.66 -26.44
N LEU A 78 7.31 -40.66 -26.32
CA LEU A 78 6.55 -41.86 -25.86
C LEU A 78 6.96 -43.13 -26.57
N ARG A 79 7.10 -43.03 -27.89
CA ARG A 79 7.48 -44.17 -28.74
C ARG A 79 8.89 -44.68 -28.41
N ASN A 80 9.81 -43.77 -28.24
CA ASN A 80 11.15 -44.15 -27.82
C ASN A 80 11.21 -44.73 -26.43
N LEU A 81 10.39 -44.22 -25.51
CA LEU A 81 10.41 -44.67 -24.11
C LEU A 81 10.01 -46.12 -23.97
N LEU A 82 8.96 -46.53 -24.68
CA LEU A 82 8.63 -47.95 -24.85
C LEU A 82 9.84 -48.84 -25.13
N GLY A 83 10.63 -48.39 -26.09
CA GLY A 83 11.83 -49.08 -26.47
C GLY A 83 12.88 -49.03 -25.38
N TYR A 84 13.14 -47.85 -24.81
CA TYR A 84 14.12 -47.73 -23.75
C TYR A 84 13.78 -48.61 -22.57
N TYR A 85 12.50 -48.76 -22.24
CA TYR A 85 12.11 -49.56 -21.09
C TYR A 85 11.74 -50.99 -21.43
N ASN A 86 11.85 -51.38 -22.71
CA ASN A 86 11.49 -52.72 -23.16
C ASN A 86 10.07 -53.09 -22.72
N GLN A 87 9.19 -52.12 -22.84
CA GLN A 87 7.76 -52.31 -22.67
C GLN A 87 7.22 -52.79 -24.00
N SER A 88 6.33 -53.77 -23.99
CA SER A 88 5.70 -54.17 -25.24
C SER A 88 4.47 -53.30 -25.48
N ALA A 89 3.73 -53.57 -26.56
CA ALA A 89 2.50 -52.83 -26.85
C ALA A 89 1.31 -53.26 -25.98
N GLY A 90 0.23 -52.48 -26.06
CA GLY A 90 -1.00 -52.77 -25.31
C GLY A 90 -0.91 -52.53 -23.82
N GLY A 91 -0.24 -51.44 -23.42
CA GLY A 91 -0.26 -50.94 -22.04
C GLY A 91 -0.65 -49.48 -22.03
N SER A 92 -0.79 -48.89 -20.85
CA SER A 92 -1.03 -47.45 -20.71
C SER A 92 0.26 -46.74 -20.31
N HIS A 93 0.52 -45.56 -20.87
CA HIS A 93 1.72 -44.80 -20.57
C HIS A 93 1.50 -43.32 -20.48
N THR A 94 2.37 -42.67 -19.73
CA THR A 94 2.26 -41.25 -19.44
C THR A 94 3.63 -40.58 -19.55
N LEU A 95 3.67 -39.42 -20.23
CA LEU A 95 4.88 -38.61 -20.22
C LEU A 95 4.45 -37.25 -19.82
N GLN A 96 5.21 -36.63 -18.93
CA GLN A 96 4.85 -35.36 -18.35
C GLN A 96 6.04 -34.44 -18.36
N GLN A 97 5.76 -33.15 -18.38
CA GLN A 97 6.79 -32.13 -18.36
C GLN A 97 6.31 -30.95 -17.51
N MET A 98 7.21 -30.36 -16.71
CA MET A 98 6.97 -29.09 -16.05
C MET A 98 8.09 -28.19 -16.51
N SER A 99 7.75 -26.96 -16.88
CA SER A 99 8.73 -26.02 -17.37
C SER A 99 8.27 -24.69 -16.87
N GLY A 100 9.21 -23.82 -16.49
CA GLY A 100 8.84 -22.49 -16.06
C GLY A 100 9.89 -21.78 -15.25
N CYS A 101 9.52 -20.62 -14.69
CA CYS A 101 10.46 -19.72 -14.01
C CYS A 101 9.84 -19.11 -12.77
N ASP A 102 10.71 -18.77 -11.82
CA ASP A 102 10.35 -18.15 -10.56
C ASP A 102 11.04 -16.82 -10.51
N LEU A 103 10.31 -15.79 -10.07
CA LEU A 103 10.86 -14.46 -9.90
C LEU A 103 10.82 -14.02 -8.46
N GLY A 104 11.86 -13.30 -8.05
CA GLY A 104 11.90 -12.64 -6.75
C GLY A 104 10.90 -11.51 -6.74
N SER A 105 10.69 -10.88 -5.58
CA SER A 105 9.78 -9.73 -5.50
C SER A 105 10.37 -8.52 -6.26
N ASP A 106 11.68 -8.53 -6.51
CA ASP A 106 12.30 -7.58 -7.42
C ASP A 106 12.02 -7.85 -8.91
N TRP A 107 11.28 -8.90 -9.20
CA TRP A 107 10.92 -9.31 -10.57
C TRP A 107 12.09 -9.88 -11.42
N ARG A 108 13.24 -10.13 -10.77
CA ARG A 108 14.40 -10.81 -11.37
C ARG A 108 14.18 -12.32 -11.33
N LEU A 109 14.89 -13.03 -12.21
CA LEU A 109 14.88 -14.50 -12.22
C LEU A 109 15.51 -15.08 -10.95
N LEU A 110 14.87 -16.10 -10.40
CA LEU A 110 15.35 -16.81 -9.24
C LEU A 110 15.79 -18.22 -9.67
N ARG A 111 14.87 -18.98 -10.27
CA ARG A 111 15.12 -20.37 -10.67
C ARG A 111 14.40 -20.65 -11.97
N GLY A 112 14.97 -21.53 -12.79
CA GLY A 112 14.28 -22.08 -13.93
C GLY A 112 13.99 -23.53 -13.61
N TYR A 113 12.88 -24.07 -14.10
CA TYR A 113 12.57 -25.46 -13.93
C TYR A 113 12.34 -26.04 -15.29
N LEU A 114 12.87 -27.24 -15.48
CA LEU A 114 12.64 -28.00 -16.68
C LEU A 114 12.78 -29.45 -16.17
N GLN A 115 11.66 -30.18 -16.17
CA GLN A 115 11.62 -31.52 -15.63
C GLN A 115 10.69 -32.42 -16.45
N PHE A 116 11.06 -33.70 -16.55
CA PHE A 116 10.24 -34.68 -17.19
C PHE A 116 10.01 -35.88 -16.31
N ALA A 117 8.89 -36.52 -16.54
CA ALA A 117 8.55 -37.71 -15.80
C ALA A 117 7.88 -38.68 -16.73
N TYR A 118 8.21 -39.96 -16.50
CA TYR A 118 7.67 -41.04 -17.26
C TYR A 118 6.97 -41.95 -16.27
N GLU A 119 5.76 -42.36 -16.62
CA GLU A 119 4.90 -43.16 -15.76
C GLU A 119 4.73 -42.54 -14.36
N GLY A 120 4.75 -41.22 -14.28
CA GLY A 120 4.62 -40.57 -12.99
C GLY A 120 5.89 -40.52 -12.18
N ARG A 121 7.00 -40.98 -12.76
CA ARG A 121 8.26 -41.03 -12.05
C ARG A 121 9.28 -40.18 -12.73
N ASP A 122 10.10 -39.50 -11.91
CA ASP A 122 11.17 -38.63 -12.38
C ASP A 122 11.98 -39.36 -13.40
N TYR A 123 12.21 -38.75 -14.55
CA TYR A 123 12.91 -39.38 -15.67
C TYR A 123 14.16 -38.63 -16.00
N ILE A 124 14.03 -37.32 -16.24
CA ILE A 124 15.18 -36.43 -16.42
C ILE A 124 14.79 -35.01 -16.06
N ALA A 125 15.74 -34.26 -15.51
CA ALA A 125 15.49 -32.87 -15.14
C ALA A 125 16.72 -31.99 -15.35
N LEU A 126 16.49 -30.75 -15.78
CA LEU A 126 17.53 -29.74 -15.87
C LEU A 126 17.83 -29.28 -14.45
N ASN A 127 19.11 -29.28 -14.08
CA ASN A 127 19.54 -28.80 -12.76
C ASN A 127 19.39 -27.29 -12.69
N GLU A 128 19.41 -26.78 -11.47
CA GLU A 128 19.34 -25.31 -11.19
C GLU A 128 20.34 -24.44 -11.98
N ASP A 129 21.53 -24.97 -12.24
CA ASP A 129 22.53 -24.28 -13.06
C ASP A 129 22.10 -24.04 -14.50
N LEU A 130 21.09 -24.79 -14.95
CA LEU A 130 20.58 -24.73 -16.32
C LEU A 130 21.59 -25.15 -17.39
N LYS A 131 22.57 -25.96 -17.01
CA LYS A 131 23.64 -26.47 -17.91
C LYS A 131 23.78 -27.99 -17.87
N THR A 132 23.53 -28.60 -16.71
CA THR A 132 23.69 -30.04 -16.52
C THR A 132 22.37 -30.74 -16.26
N TRP A 133 22.31 -32.01 -16.57
CA TRP A 133 21.08 -32.79 -16.38
C TRP A 133 21.20 -33.83 -15.27
N THR A 134 20.14 -34.01 -14.50
CA THR A 134 20.00 -35.16 -13.61
C THR A 134 19.04 -36.21 -14.23
N ALA A 135 19.44 -37.48 -14.17
CA ALA A 135 18.61 -38.61 -14.59
C ALA A 135 19.01 -39.88 -13.86
N ALA A 136 18.14 -40.33 -12.95
CA ALA A 136 18.42 -41.52 -12.15
C ALA A 136 18.51 -42.79 -12.98
N ASP A 137 17.46 -43.08 -13.75
CA ASP A 137 17.23 -44.40 -14.30
C ASP A 137 18.28 -44.79 -15.29
N MET A 138 18.57 -46.08 -15.35
CA MET A 138 19.53 -46.57 -16.34
C MET A 138 19.04 -46.22 -17.73
N ALA A 139 17.79 -46.52 -18.03
CA ALA A 139 17.22 -46.22 -19.33
C ALA A 139 17.33 -44.74 -19.70
N ALA A 140 17.25 -43.87 -18.71
CA ALA A 140 17.29 -42.43 -18.96
C ALA A 140 18.66 -41.90 -19.39
N GLN A 141 19.71 -42.69 -19.22
CA GLN A 141 21.06 -42.22 -19.52
C GLN A 141 21.23 -41.97 -21.00
N ILE A 142 20.56 -42.77 -21.80
CA ILE A 142 20.53 -42.61 -23.24
C ILE A 142 20.12 -41.17 -23.60
N THR A 143 19.03 -40.73 -22.99
CA THR A 143 18.53 -39.39 -23.18
C THR A 143 19.55 -38.35 -22.68
N ARG A 144 20.07 -38.53 -21.47
CA ARG A 144 21.05 -37.57 -20.91
C ARG A 144 22.19 -37.33 -21.90
N ARG A 145 22.67 -38.40 -22.53
CA ARG A 145 23.76 -38.28 -23.51
C ARG A 145 23.30 -37.57 -24.76
N LYS A 146 22.26 -38.07 -25.42
CA LYS A 146 21.74 -37.42 -26.62
C LYS A 146 21.64 -35.90 -26.40
N TRP A 147 21.21 -35.48 -25.21
CA TRP A 147 20.95 -34.08 -24.91
C TRP A 147 22.19 -33.30 -24.46
N GLU A 148 23.12 -33.98 -23.80
CA GLU A 148 24.42 -33.36 -23.55
C GLU A 148 25.16 -33.07 -24.88
N GLN A 149 25.14 -34.07 -25.75
CA GLN A 149 25.74 -34.03 -27.10
C GLN A 149 25.25 -32.85 -27.92
N SER A 150 23.97 -32.51 -27.77
CA SER A 150 23.28 -31.63 -28.71
C SER A 150 22.98 -30.24 -28.16
N GLY A 151 23.47 -29.93 -26.96
CA GLY A 151 23.26 -28.58 -26.42
C GLY A 151 21.80 -28.23 -26.13
N ALA A 152 21.00 -29.24 -25.90
CA ALA A 152 19.65 -29.04 -25.39
C ALA A 152 19.59 -28.06 -24.24
N ALA A 153 20.50 -28.17 -23.27
CA ALA A 153 20.46 -27.27 -22.10
C ALA A 153 20.51 -25.79 -22.46
N GLU A 154 21.32 -25.41 -23.45
CA GLU A 154 21.42 -24.00 -23.85
C GLU A 154 20.07 -23.51 -24.38
N HIS A 155 19.43 -24.32 -25.23
CA HIS A 155 18.09 -24.01 -25.75
C HIS A 155 17.08 -23.74 -24.62
N TYR A 156 16.85 -24.75 -23.76
CA TYR A 156 15.94 -24.57 -22.61
C TYR A 156 16.38 -23.41 -21.71
N LYS A 157 17.70 -23.24 -21.53
CA LYS A 157 18.24 -22.13 -20.73
C LYS A 157 17.81 -20.79 -21.30
N ALA A 158 17.91 -20.65 -22.62
CA ALA A 158 17.50 -19.38 -23.28
C ALA A 158 16.05 -19.07 -22.99
N TYR A 159 15.15 -20.03 -23.25
CA TYR A 159 13.72 -19.88 -22.95
C TYR A 159 13.49 -19.48 -21.49
N LEU A 160 14.12 -20.21 -20.57
CA LEU A 160 13.90 -19.98 -19.16
C LEU A 160 14.37 -18.61 -18.66
N GLU A 161 15.41 -18.07 -19.28
CA GLU A 161 15.98 -16.76 -18.88
C GLU A 161 15.43 -15.58 -19.66
N GLY A 162 15.08 -15.82 -20.93
CA GLY A 162 14.43 -14.83 -21.78
C GLY A 162 12.91 -14.97 -21.76
N GLU A 163 12.39 -15.69 -22.75
CA GLU A 163 10.92 -15.73 -23.00
C GLU A 163 10.07 -15.95 -21.72
N CYS A 164 10.43 -16.93 -20.90
CA CYS A 164 9.71 -17.20 -19.66
C CYS A 164 9.60 -15.95 -18.81
N VAL A 165 10.70 -15.23 -18.69
CA VAL A 165 10.74 -14.01 -17.89
C VAL A 165 9.99 -12.86 -18.59
N GLU A 166 10.43 -12.52 -19.79
CA GLU A 166 9.81 -11.40 -20.58
C GLU A 166 8.30 -11.53 -20.54
N TRP A 167 7.76 -12.66 -21.00
CA TRP A 167 6.31 -12.82 -21.10
C TRP A 167 5.60 -12.86 -19.76
N LEU A 168 6.27 -13.38 -18.72
CA LEU A 168 5.67 -13.38 -17.37
C LEU A 168 5.49 -11.97 -16.87
N HIS A 169 6.51 -11.12 -17.05
CA HIS A 169 6.36 -9.68 -16.78
C HIS A 169 5.09 -9.15 -17.49
N ARG A 170 4.98 -9.40 -18.79
CA ARG A 170 3.86 -8.89 -19.60
C ARG A 170 2.52 -9.35 -19.04
N TYR A 171 2.39 -10.63 -18.80
CA TYR A 171 1.18 -11.19 -18.16
C TYR A 171 0.89 -10.61 -16.80
N LEU A 172 1.93 -10.30 -16.04
CA LEU A 172 1.75 -9.72 -14.72
C LEU A 172 1.09 -8.33 -14.74
N LYS A 173 1.53 -7.49 -15.66
CA LYS A 173 0.92 -6.17 -15.89
C LYS A 173 -0.53 -6.28 -16.31
N ASN A 174 -0.79 -7.10 -17.33
CA ASN A 174 -2.13 -7.20 -17.95
C ASN A 174 -3.29 -7.67 -17.06
N GLY A 175 -2.97 -8.25 -15.91
CA GLY A 175 -3.98 -8.52 -14.88
C GLY A 175 -3.39 -8.10 -13.56
N ASN A 176 -2.90 -6.85 -13.49
CA ASN A 176 -2.21 -6.33 -12.31
C ASN A 176 -3.20 -6.05 -11.15
N ALA A 177 -4.50 -6.02 -11.45
CA ALA A 177 -5.59 -5.99 -10.44
C ALA A 177 -6.02 -7.38 -9.95
N THR A 178 -6.14 -8.34 -10.89
CA THR A 178 -6.63 -9.72 -10.61
C THR A 178 -5.83 -10.51 -9.55
N LEU A 179 -4.50 -10.39 -9.60
CA LEU A 179 -3.58 -11.22 -8.80
C LEU A 179 -2.87 -10.47 -7.64
N LEU A 180 -2.82 -9.13 -7.70
CA LEU A 180 -2.00 -8.29 -6.78
C LEU A 180 -2.09 -8.67 -5.29
N ARG A 181 -3.29 -9.07 -4.86
CA ARG A 181 -3.61 -9.40 -3.45
C ARG A 181 -3.83 -10.91 -3.18
N THR A 182 -4.26 -11.22 -1.95
CA THR A 182 -4.54 -12.57 -1.48
C THR A 182 -5.68 -12.57 -0.46
N ASP A 183 -6.62 -13.51 -0.57
CA ASP A 183 -7.79 -13.65 0.34
C ASP A 183 -7.45 -14.24 1.73
N SER A 184 -7.44 -13.43 2.77
CA SER A 184 -7.15 -13.94 4.11
C SER A 184 -8.21 -14.95 4.53
N PRO A 185 -7.88 -15.86 5.45
CA PRO A 185 -8.83 -16.83 5.91
C PRO A 185 -9.68 -16.32 7.04
N LYS A 186 -10.90 -16.86 7.14
CA LYS A 186 -11.79 -16.62 8.27
C LYS A 186 -11.83 -17.90 9.07
N ALA A 187 -11.62 -17.78 10.37
CA ALA A 187 -11.51 -18.95 11.23
C ALA A 187 -12.60 -19.00 12.27
N HIS A 188 -12.89 -20.23 12.72
CA HIS A 188 -13.80 -20.47 13.84
C HIS A 188 -13.68 -21.91 14.35
N VAL A 189 -14.10 -22.14 15.59
CA VAL A 189 -13.97 -23.45 16.22
C VAL A 189 -15.34 -24.06 16.45
N THR A 190 -15.50 -25.32 16.05
CA THR A 190 -16.75 -26.06 16.26
C THR A 190 -16.54 -27.12 17.32
N HIS A 191 -17.66 -27.46 17.97
CA HIS A 191 -17.70 -28.33 19.15
C HIS A 191 -18.52 -29.58 18.84
N HIS A 192 -17.93 -30.75 19.12
CA HIS A 192 -18.57 -32.03 18.84
C HIS A 192 -18.32 -33.00 19.99
N PRO A 193 -19.33 -33.18 20.87
CA PRO A 193 -19.18 -34.17 21.95
C PRO A 193 -19.21 -35.58 21.38
N ARG A 194 -18.40 -36.49 21.94
CA ARG A 194 -18.23 -37.83 21.34
C ARG A 194 -18.29 -39.03 22.32
N SER A 195 -17.21 -39.29 23.03
CA SER A 195 -17.16 -40.35 24.03
C SER A 195 -17.59 -39.70 25.32
N LYS A 196 -17.73 -40.50 26.38
CA LYS A 196 -18.18 -39.99 27.68
C LYS A 196 -17.06 -39.12 28.29
N GLY A 197 -17.40 -37.86 28.54
CA GLY A 197 -16.47 -36.89 29.12
C GLY A 197 -15.41 -36.28 28.21
N GLU A 198 -15.43 -36.58 26.89
CA GLU A 198 -14.49 -36.02 25.90
C GLU A 198 -15.19 -35.36 24.70
N VAL A 199 -14.58 -34.27 24.21
CA VAL A 199 -15.09 -33.50 23.05
C VAL A 199 -14.02 -33.27 21.97
N THR A 200 -14.51 -33.03 20.77
CA THR A 200 -13.68 -32.72 19.61
C THR A 200 -13.79 -31.22 19.43
N LEU A 201 -12.66 -30.55 19.51
CA LEU A 201 -12.55 -29.15 19.12
C LEU A 201 -11.95 -29.13 17.73
N ARG A 202 -12.76 -28.69 16.75
CA ARG A 202 -12.33 -28.68 15.36
C ARG A 202 -12.22 -27.24 14.85
N CYS A 203 -10.98 -26.77 14.71
CA CYS A 203 -10.69 -25.41 14.23
C CYS A 203 -10.74 -25.35 12.71
N TRP A 204 -11.67 -24.58 12.17
CA TRP A 204 -11.81 -24.47 10.74
C TRP A 204 -11.09 -23.25 10.26
N ALA A 205 -10.80 -23.24 8.97
CA ALA A 205 -10.26 -22.08 8.28
C ALA A 205 -10.86 -22.11 6.90
N LEU A 206 -11.48 -21.01 6.49
CA LEU A 206 -12.25 -20.99 5.25
C LEU A 206 -12.01 -19.74 4.38
N GLY A 207 -12.36 -19.90 3.11
CA GLY A 207 -12.28 -18.84 2.11
C GLY A 207 -10.95 -18.14 1.94
N PHE A 208 -9.86 -18.91 1.86
CA PHE A 208 -8.51 -18.34 1.72
C PHE A 208 -7.82 -18.68 0.40
N TYR A 209 -6.94 -17.78 0.00
CA TYR A 209 -6.08 -17.95 -1.18
C TYR A 209 -4.74 -17.24 -0.89
N PRO A 210 -3.59 -17.80 -1.30
CA PRO A 210 -3.49 -19.13 -1.89
C PRO A 210 -3.54 -20.21 -0.84
N ALA A 211 -3.41 -21.46 -1.25
CA ALA A 211 -3.69 -22.61 -0.40
C ALA A 211 -2.74 -22.88 0.78
N ASP A 212 -1.53 -22.31 0.75
CA ASP A 212 -0.54 -22.62 1.79
C ASP A 212 -1.05 -22.04 3.07
N ILE A 213 -1.05 -22.84 4.11
CA ILE A 213 -1.58 -22.44 5.39
C ILE A 213 -1.14 -23.44 6.44
N THR A 214 -1.05 -23.01 7.69
CA THR A 214 -0.71 -23.91 8.77
C THR A 214 -1.67 -23.69 9.93
N LEU A 215 -2.12 -24.78 10.53
CA LEU A 215 -3.02 -24.79 11.69
C LEU A 215 -2.36 -25.55 12.83
N THR A 216 -2.38 -24.96 14.02
CA THR A 216 -1.75 -25.59 15.20
C THR A 216 -2.62 -25.40 16.43
N TRP A 217 -2.85 -26.50 17.14
CA TRP A 217 -3.50 -26.47 18.42
C TRP A 217 -2.46 -26.40 19.53
N GLN A 218 -2.67 -25.49 20.47
CA GLN A 218 -1.81 -25.41 21.65
C GLN A 218 -2.60 -25.67 22.93
N LEU A 219 -2.03 -26.51 23.80
CA LEU A 219 -2.47 -26.60 25.20
C LEU A 219 -1.79 -25.46 25.97
N ASN A 220 -2.41 -24.28 25.90
CA ASN A 220 -1.96 -23.08 26.62
C ASN A 220 -0.61 -22.45 26.16
N GLY A 221 0.06 -23.07 25.19
CA GLY A 221 1.44 -22.74 24.81
C GLY A 221 2.20 -23.93 24.24
N GLU A 222 1.81 -25.16 24.62
CA GLU A 222 2.39 -26.41 24.08
C GLU A 222 1.65 -26.99 22.86
N GLU A 223 2.31 -26.99 21.69
CA GLU A 223 1.79 -27.59 20.45
C GLU A 223 1.62 -29.12 20.57
N LEU A 224 0.92 -29.73 19.60
CA LEU A 224 0.66 -31.19 19.60
C LEU A 224 0.86 -31.88 18.21
N THR A 225 1.99 -32.60 18.07
CA THR A 225 2.11 -33.74 17.11
C THR A 225 1.53 -35.03 17.70
N GLN A 226 1.25 -34.99 19.01
CA GLN A 226 0.43 -35.94 19.75
C GLN A 226 -1.00 -35.92 19.21
N ASP A 227 -1.26 -36.82 18.26
CA ASP A 227 -2.62 -37.15 17.78
C ASP A 227 -3.60 -35.96 17.65
N MET A 228 -3.12 -34.90 16.99
CA MET A 228 -4.00 -33.88 16.42
C MET A 228 -4.44 -34.43 15.06
N GLU A 229 -5.68 -34.11 14.68
CA GLU A 229 -6.27 -34.59 13.43
C GLU A 229 -6.40 -33.42 12.46
N LEU A 230 -6.03 -33.64 11.20
CA LEU A 230 -6.23 -32.63 10.14
C LEU A 230 -6.77 -33.26 8.85
N VAL A 231 -6.90 -32.45 7.80
CA VAL A 231 -7.19 -32.92 6.45
C VAL A 231 -6.34 -32.13 5.49
N GLU A 232 -6.01 -32.73 4.36
CA GLU A 232 -5.31 -32.02 3.33
C GLU A 232 -6.13 -30.80 2.96
N THR A 233 -5.45 -29.68 2.75
CA THR A 233 -6.06 -28.49 2.20
C THR A 233 -6.78 -28.84 0.92
N ARG A 234 -7.98 -28.28 0.79
CA ARG A 234 -8.96 -28.64 -0.24
C ARG A 234 -9.64 -27.41 -0.79
N PRO A 235 -9.95 -27.40 -2.10
CA PRO A 235 -10.60 -26.25 -2.69
C PRO A 235 -12.09 -26.23 -2.38
N ALA A 236 -12.59 -25.06 -1.99
CA ALA A 236 -14.02 -24.81 -1.90
C ALA A 236 -14.70 -24.93 -3.26
N GLY A 237 -13.97 -24.73 -4.35
CA GLY A 237 -14.57 -24.80 -5.69
C GLY A 237 -14.93 -23.43 -6.25
N ASP A 238 -14.87 -22.38 -5.42
CA ASP A 238 -15.09 -20.99 -5.82
C ASP A 238 -13.77 -20.24 -6.09
N GLY A 239 -12.64 -20.95 -6.20
CA GLY A 239 -11.30 -20.32 -6.25
C GLY A 239 -10.59 -20.03 -4.92
N THR A 240 -11.23 -20.36 -3.77
CA THR A 240 -10.64 -20.29 -2.41
C THR A 240 -10.50 -21.70 -1.79
N PHE A 241 -9.94 -21.79 -0.59
CA PHE A 241 -9.56 -23.08 0.01
C PHE A 241 -9.97 -23.23 1.44
N GLN A 242 -9.97 -24.47 1.90
CA GLN A 242 -10.41 -24.84 3.24
C GLN A 242 -9.44 -25.82 3.87
N LYS A 243 -9.32 -25.74 5.20
CA LYS A 243 -8.60 -26.76 5.97
C LYS A 243 -9.15 -26.71 7.37
N TRP A 244 -9.07 -27.84 8.05
CA TRP A 244 -9.41 -27.88 9.46
C TRP A 244 -8.43 -28.73 10.22
N ALA A 245 -8.29 -28.42 11.50
CA ALA A 245 -7.52 -29.25 12.41
C ALA A 245 -8.37 -29.43 13.65
N SER A 246 -8.39 -30.66 14.19
CA SER A 246 -9.14 -30.98 15.38
C SER A 246 -8.28 -31.70 16.42
N VAL A 247 -8.70 -31.65 17.68
CA VAL A 247 -8.05 -32.46 18.70
C VAL A 247 -9.04 -32.90 19.79
N VAL A 248 -8.72 -34.06 20.39
CA VAL A 248 -9.40 -34.60 21.60
C VAL A 248 -9.22 -33.73 22.85
N VAL A 249 -10.30 -33.44 23.55
CA VAL A 249 -10.29 -32.51 24.69
C VAL A 249 -11.23 -32.98 25.83
N PRO A 250 -10.76 -32.94 27.09
CA PRO A 250 -11.63 -33.08 28.28
C PRO A 250 -12.84 -32.11 28.28
N LEU A 251 -14.04 -32.64 28.44
CA LEU A 251 -15.25 -31.80 28.44
C LEU A 251 -15.18 -30.86 29.64
N GLY A 252 -15.36 -29.55 29.39
CA GLY A 252 -15.25 -28.53 30.44
C GLY A 252 -13.89 -27.87 30.47
N LYS A 253 -12.83 -28.66 30.62
CA LYS A 253 -11.44 -28.18 30.53
C LYS A 253 -11.03 -27.95 29.06
N GLU A 254 -11.60 -26.90 28.46
CA GLU A 254 -11.55 -26.65 27.01
C GLU A 254 -11.23 -25.22 26.55
N GLN A 255 -11.05 -24.28 27.47
CA GLN A 255 -10.58 -22.94 27.14
C GLN A 255 -9.06 -22.84 27.27
N ASN A 256 -8.43 -23.89 27.81
CA ASN A 256 -6.97 -24.04 27.78
C ASN A 256 -6.41 -24.30 26.38
N TYR A 257 -7.33 -24.52 25.41
CA TYR A 257 -7.00 -24.95 24.06
C TYR A 257 -7.21 -23.84 23.03
N THR A 258 -6.08 -23.36 22.48
CA THR A 258 -6.03 -22.29 21.48
C THR A 258 -5.52 -22.82 20.12
N CYS A 259 -6.34 -22.63 19.09
CA CYS A 259 -5.96 -22.89 17.72
C CYS A 259 -5.28 -21.64 17.18
N ARG A 260 -4.14 -21.81 16.51
CA ARG A 260 -3.49 -20.71 15.81
C ARG A 260 -3.51 -20.98 14.31
N VAL A 261 -3.61 -19.90 13.52
CA VAL A 261 -3.70 -19.99 12.05
C VAL A 261 -2.77 -18.98 11.31
N TYR A 262 -1.91 -19.52 10.45
CA TYR A 262 -0.83 -18.77 9.81
C TYR A 262 -1.05 -18.81 8.32
N HIS A 263 -1.11 -17.66 7.69
CA HIS A 263 -1.35 -17.62 6.24
C HIS A 263 -0.76 -16.29 5.75
N GLU A 264 -0.40 -16.22 4.47
CA GLU A 264 0.39 -15.09 3.99
C GLU A 264 -0.34 -13.74 3.91
N GLY A 265 -1.58 -13.77 3.45
CA GLY A 265 -2.48 -12.61 3.50
C GLY A 265 -2.78 -12.07 4.89
N LEU A 266 -2.53 -12.87 5.93
CA LEU A 266 -2.69 -12.38 7.29
C LEU A 266 -1.66 -11.31 7.67
N PRO A 267 -2.13 -10.23 8.35
CA PRO A 267 -1.18 -9.26 8.89
C PRO A 267 -0.31 -9.94 9.93
N GLU A 268 -0.95 -10.72 10.78
CA GLU A 268 -0.27 -11.56 11.74
C GLU A 268 -1.16 -12.76 11.96
N PRO A 269 -0.66 -13.80 12.64
CA PRO A 269 -1.45 -15.02 12.75
C PRO A 269 -2.64 -14.82 13.65
N LEU A 270 -3.66 -15.65 13.48
CA LEU A 270 -4.88 -15.59 14.30
C LEU A 270 -4.73 -16.53 15.46
N THR A 271 -5.16 -16.06 16.63
CA THR A 271 -5.34 -16.93 17.78
C THR A 271 -6.85 -17.03 17.98
N LEU A 272 -7.33 -18.26 18.13
CA LEU A 272 -8.75 -18.51 18.42
C LEU A 272 -8.93 -19.62 19.43
N ARG A 273 -10.03 -19.56 20.18
CA ARG A 273 -10.48 -20.69 20.97
C ARG A 273 -12.00 -20.79 20.90
N TRP A 274 -12.54 -21.86 21.48
CA TRP A 274 -13.99 -22.15 21.48
C TRP A 274 -14.77 -21.04 22.18
N GLU A 275 -15.76 -20.50 21.48
CA GLU A 275 -16.64 -19.44 22.01
C GLU A 275 -18.08 -19.96 22.00
N PRO A 276 -18.59 -20.41 23.17
CA PRO A 276 -19.95 -20.98 23.21
C PRO A 276 -21.04 -19.89 23.16
N ILE B 1 4.23 -47.42 -12.16
CA ILE B 1 3.43 -47.97 -10.99
C ILE B 1 2.21 -47.06 -10.68
N GLN B 2 1.22 -47.67 -10.04
CA GLN B 2 -0.04 -47.02 -9.77
C GLN B 2 0.09 -46.34 -8.41
N LYS B 3 -0.25 -45.06 -8.34
CA LYS B 3 -0.46 -44.37 -7.08
C LYS B 3 -1.96 -44.37 -6.82
N THR B 4 -2.34 -44.47 -5.55
CA THR B 4 -3.71 -44.77 -5.12
C THR B 4 -4.43 -43.49 -4.59
N PRO B 5 -5.65 -43.17 -5.08
CA PRO B 5 -6.35 -41.86 -4.86
C PRO B 5 -6.80 -41.53 -3.45
N GLN B 6 -6.42 -40.35 -2.96
CA GLN B 6 -6.94 -39.79 -1.73
C GLN B 6 -8.21 -39.03 -2.07
N ILE B 7 -9.17 -39.10 -1.15
CA ILE B 7 -10.53 -38.60 -1.37
C ILE B 7 -11.01 -37.80 -0.17
N GLN B 8 -11.52 -36.60 -0.43
CA GLN B 8 -12.28 -35.85 0.55
C GLN B 8 -13.65 -35.54 -0.01
N VAL B 9 -14.66 -35.61 0.86
CA VAL B 9 -16.02 -35.25 0.50
C VAL B 9 -16.52 -34.20 1.47
N TYR B 10 -16.95 -33.06 0.92
CA TYR B 10 -17.27 -31.91 1.76
C TYR B 10 -18.10 -30.90 0.95
N SER B 11 -18.65 -29.93 1.67
CA SER B 11 -19.48 -28.88 1.08
C SER B 11 -18.71 -27.57 0.97
N ARG B 12 -19.02 -26.78 -0.07
CA ARG B 12 -18.41 -25.44 -0.25
C ARG B 12 -18.69 -24.53 0.95
N HIS B 13 -19.97 -24.29 1.20
CA HIS B 13 -20.40 -23.39 2.27
C HIS B 13 -20.83 -24.24 3.42
N PRO B 14 -20.72 -23.72 4.66
CA PRO B 14 -21.11 -24.59 5.79
C PRO B 14 -22.57 -24.99 5.66
N PRO B 15 -22.92 -26.23 6.07
CA PRO B 15 -24.25 -26.72 5.71
C PRO B 15 -25.36 -26.39 6.74
N GLU B 16 -26.55 -26.09 6.22
CA GLU B 16 -27.77 -25.90 6.99
C GLU B 16 -28.82 -26.74 6.28
N ASN B 17 -29.54 -27.58 7.01
CA ASN B 17 -30.55 -28.41 6.33
C ASN B 17 -31.54 -27.52 5.62
N GLY B 18 -31.86 -27.85 4.36
CA GLY B 18 -32.77 -27.06 3.54
C GLY B 18 -32.13 -25.95 2.70
N LYS B 19 -30.96 -25.46 3.11
CA LYS B 19 -30.17 -24.45 2.37
C LYS B 19 -29.39 -25.04 1.18
N PRO B 20 -29.65 -24.56 -0.07
CA PRO B 20 -28.85 -25.12 -1.18
C PRO B 20 -27.34 -24.78 -1.08
N ASN B 21 -26.53 -25.67 -1.64
CA ASN B 21 -25.11 -25.71 -1.38
C ASN B 21 -24.45 -26.45 -2.52
N ILE B 22 -23.12 -26.44 -2.53
CA ILE B 22 -22.35 -27.29 -3.45
C ILE B 22 -21.60 -28.35 -2.63
N LEU B 23 -21.63 -29.57 -3.14
CA LEU B 23 -20.91 -30.69 -2.54
C LEU B 23 -19.75 -31.14 -3.41
N ASN B 24 -18.57 -31.14 -2.81
CA ASN B 24 -17.32 -31.43 -3.49
C ASN B 24 -16.83 -32.84 -3.20
N CYS B 25 -16.32 -33.49 -4.24
CA CYS B 25 -15.47 -34.65 -4.09
C CYS B 25 -14.07 -34.32 -4.63
N TYR B 26 -13.15 -34.04 -3.73
CA TYR B 26 -11.78 -33.75 -4.09
C TYR B 26 -11.01 -35.06 -4.16
N VAL B 27 -10.52 -35.41 -5.34
CA VAL B 27 -9.72 -36.62 -5.55
C VAL B 27 -8.29 -36.30 -6.00
N THR B 28 -7.32 -36.81 -5.27
CA THR B 28 -5.93 -36.40 -5.44
C THR B 28 -4.97 -37.57 -5.34
N GLN B 29 -3.70 -37.32 -5.71
CA GLN B 29 -2.60 -38.23 -5.50
C GLN B 29 -2.71 -39.53 -6.25
N PHE B 30 -3.31 -39.51 -7.42
CA PHE B 30 -3.51 -40.76 -8.15
C PHE B 30 -2.74 -40.73 -9.45
N HIS B 31 -2.59 -41.92 -10.01
CA HIS B 31 -1.89 -42.16 -11.25
C HIS B 31 -2.15 -43.62 -11.59
N PRO B 32 -2.55 -43.98 -12.83
CA PRO B 32 -2.55 -43.08 -13.99
C PRO B 32 -3.78 -42.20 -13.98
N PRO B 33 -3.81 -41.19 -14.88
CA PRO B 33 -4.82 -40.15 -14.78
C PRO B 33 -6.24 -40.58 -15.18
N HIS B 34 -6.41 -41.75 -15.79
CA HIS B 34 -7.75 -42.30 -16.00
C HIS B 34 -8.40 -42.77 -14.69
N ILE B 35 -9.54 -42.16 -14.38
CA ILE B 35 -10.25 -42.34 -13.14
C ILE B 35 -11.72 -42.14 -13.39
N GLU B 36 -12.58 -42.82 -12.64
CA GLU B 36 -14.04 -42.61 -12.69
C GLU B 36 -14.57 -42.16 -11.34
N ILE B 37 -15.35 -41.11 -11.36
CA ILE B 37 -15.87 -40.52 -10.15
C ILE B 37 -17.37 -40.38 -10.30
N GLN B 38 -18.09 -41.03 -9.41
CA GLN B 38 -19.53 -40.83 -9.25
C GLN B 38 -19.77 -40.16 -7.90
N MET B 39 -20.86 -39.41 -7.83
CA MET B 39 -21.40 -38.87 -6.60
C MET B 39 -22.79 -39.46 -6.42
N LEU B 40 -23.12 -39.81 -5.16
CA LEU B 40 -24.33 -40.57 -4.88
C LEU B 40 -25.16 -39.87 -3.81
N LYS B 41 -26.48 -39.86 -4.01
CA LYS B 41 -27.46 -39.45 -3.01
C LYS B 41 -28.23 -40.68 -2.66
N ASN B 42 -28.23 -41.01 -1.38
CA ASN B 42 -28.95 -42.21 -0.89
C ASN B 42 -28.67 -43.44 -1.78
N GLY B 43 -27.38 -43.67 -2.05
CA GLY B 43 -26.94 -44.83 -2.85
C GLY B 43 -27.17 -44.75 -4.34
N LYS B 44 -27.81 -43.65 -4.80
CA LYS B 44 -28.18 -43.48 -6.21
C LYS B 44 -27.39 -42.38 -6.90
N LYS B 45 -26.84 -42.74 -8.06
CA LYS B 45 -26.02 -41.86 -8.90
C LYS B 45 -26.70 -40.51 -9.21
N ILE B 46 -26.10 -39.43 -8.73
CA ILE B 46 -26.56 -38.07 -9.08
C ILE B 46 -26.16 -37.84 -10.54
N PRO B 47 -27.09 -37.33 -11.37
CA PRO B 47 -26.87 -37.49 -12.83
C PRO B 47 -25.92 -36.46 -13.47
N LYS B 48 -26.14 -35.17 -13.19
CA LYS B 48 -25.35 -34.09 -13.81
C LYS B 48 -24.36 -33.51 -12.81
N VAL B 49 -23.12 -34.00 -12.94
CA VAL B 49 -22.04 -33.75 -12.00
C VAL B 49 -20.91 -33.05 -12.72
N GLU B 50 -20.49 -31.90 -12.19
CA GLU B 50 -19.38 -31.14 -12.75
C GLU B 50 -18.05 -31.85 -12.49
N MET B 51 -17.20 -31.89 -13.52
CA MET B 51 -15.87 -32.49 -13.43
C MET B 51 -14.82 -31.48 -13.92
N SER B 52 -14.03 -30.94 -13.00
CA SER B 52 -12.90 -30.08 -13.35
C SER B 52 -11.92 -30.84 -14.22
N ASP B 53 -11.06 -30.13 -14.95
CA ASP B 53 -10.23 -30.79 -15.98
C ASP B 53 -8.95 -31.44 -15.45
N MET B 54 -8.43 -32.41 -16.22
CA MET B 54 -7.18 -33.10 -15.89
C MET B 54 -6.12 -32.09 -15.41
N SER B 55 -5.51 -32.33 -14.28
CA SER B 55 -4.45 -31.46 -13.79
C SER B 55 -3.50 -32.27 -12.96
N PHE B 56 -2.26 -31.80 -12.86
CA PHE B 56 -1.32 -32.52 -12.01
C PHE B 56 -0.48 -31.60 -11.15
N SER B 57 -0.02 -32.14 -10.03
CA SER B 57 0.66 -31.35 -9.02
C SER B 57 2.15 -31.45 -9.28
N LYS B 58 2.95 -30.68 -8.53
CA LYS B 58 4.40 -30.65 -8.79
C LYS B 58 5.08 -31.99 -8.48
N ASP B 59 4.37 -32.90 -7.86
CA ASP B 59 4.90 -34.26 -7.66
C ASP B 59 4.44 -35.24 -8.76
N TRP B 60 3.79 -34.75 -9.80
CA TRP B 60 3.36 -35.54 -10.96
C TRP B 60 2.05 -36.27 -10.74
N SER B 61 1.53 -36.26 -9.53
CA SER B 61 0.29 -36.97 -9.24
C SER B 61 -0.87 -36.14 -9.74
N PHE B 62 -1.90 -36.84 -10.24
CA PHE B 62 -3.11 -36.19 -10.73
C PHE B 62 -4.12 -35.87 -9.63
N TYR B 63 -4.98 -34.91 -9.96
CA TYR B 63 -6.06 -34.46 -9.09
C TYR B 63 -7.22 -33.91 -9.90
N ILE B 64 -8.41 -34.31 -9.48
CA ILE B 64 -9.65 -33.83 -10.09
C ILE B 64 -10.59 -33.35 -8.98
N LEU B 65 -11.38 -32.32 -9.28
CA LEU B 65 -12.47 -31.88 -8.40
C LEU B 65 -13.83 -32.11 -9.06
N ALA B 66 -14.64 -32.93 -8.40
CA ALA B 66 -16.00 -33.19 -8.83
C ALA B 66 -16.90 -32.44 -7.89
N HIS B 67 -17.92 -31.79 -8.44
CA HIS B 67 -18.89 -31.07 -7.62
C HIS B 67 -20.29 -31.09 -8.23
N THR B 68 -21.26 -30.79 -7.38
CA THR B 68 -22.67 -30.78 -7.78
C THR B 68 -23.49 -29.97 -6.80
N GLU B 69 -24.65 -29.53 -7.27
CA GLU B 69 -25.55 -28.75 -6.46
C GLU B 69 -26.25 -29.77 -5.58
N PHE B 70 -26.44 -29.42 -4.31
CA PHE B 70 -27.22 -30.27 -3.42
C PHE B 70 -27.91 -29.48 -2.33
N THR B 71 -29.05 -30.01 -1.87
CA THR B 71 -29.72 -29.41 -0.76
C THR B 71 -29.75 -30.45 0.38
N PRO B 72 -28.86 -30.27 1.37
CA PRO B 72 -28.77 -31.18 2.48
C PRO B 72 -30.06 -31.23 3.30
N THR B 73 -30.51 -32.43 3.57
CA THR B 73 -31.64 -32.64 4.48
C THR B 73 -31.12 -33.32 5.73
N GLU B 74 -31.99 -33.40 6.73
CA GLU B 74 -31.74 -34.16 7.96
C GLU B 74 -31.22 -35.59 7.74
N THR B 75 -31.79 -36.23 6.73
CA THR B 75 -31.85 -37.67 6.64
C THR B 75 -31.11 -38.28 5.42
N ASP B 76 -30.95 -37.49 4.37
CA ASP B 76 -30.26 -37.93 3.14
C ASP B 76 -28.78 -38.12 3.40
N THR B 77 -28.25 -39.21 2.86
CA THR B 77 -26.82 -39.41 2.86
C THR B 77 -26.27 -39.20 1.47
N TYR B 78 -25.08 -38.62 1.46
CA TYR B 78 -24.36 -38.29 0.24
C TYR B 78 -22.98 -38.94 0.26
N ALA B 79 -22.52 -39.39 -0.90
CA ALA B 79 -21.25 -40.12 -1.02
C ALA B 79 -20.59 -39.89 -2.34
N CYS B 80 -19.32 -40.26 -2.39
CA CYS B 80 -18.50 -40.23 -3.62
C CYS B 80 -17.88 -41.58 -3.87
N ARG B 81 -18.03 -42.10 -5.09
CA ARG B 81 -17.53 -43.43 -5.42
C ARG B 81 -16.50 -43.30 -6.54
N VAL B 82 -15.30 -43.80 -6.27
CA VAL B 82 -14.15 -43.64 -7.14
C VAL B 82 -13.67 -44.98 -7.67
N LYS B 83 -13.55 -45.10 -9.00
CA LYS B 83 -13.00 -46.30 -9.64
C LYS B 83 -11.66 -45.93 -10.31
N HIS B 84 -10.63 -46.74 -10.07
CA HIS B 84 -9.27 -46.48 -10.54
C HIS B 84 -8.45 -47.76 -10.46
N ASP B 85 -7.55 -47.98 -11.43
CA ASP B 85 -6.83 -49.26 -11.56
C ASP B 85 -6.07 -49.65 -10.28
N SER B 86 -5.55 -48.64 -9.58
CA SER B 86 -4.85 -48.82 -8.29
C SER B 86 -5.61 -49.59 -7.24
N MET B 87 -6.92 -49.72 -7.43
CA MET B 87 -7.75 -50.46 -6.50
C MET B 87 -8.66 -51.40 -7.26
N ALA B 88 -8.76 -52.61 -6.72
CA ALA B 88 -9.56 -53.68 -7.32
C ALA B 88 -11.05 -53.33 -7.33
N GLU B 89 -11.53 -52.83 -6.18
CA GLU B 89 -12.92 -52.44 -6.02
C GLU B 89 -13.08 -50.95 -5.90
N PRO B 90 -14.26 -50.45 -6.34
CA PRO B 90 -14.52 -49.03 -6.17
C PRO B 90 -14.41 -48.66 -4.71
N LYS B 91 -14.06 -47.40 -4.44
CA LYS B 91 -14.00 -46.89 -3.09
C LYS B 91 -15.10 -45.85 -2.90
N THR B 92 -15.89 -46.01 -1.83
CA THR B 92 -16.95 -45.08 -1.47
C THR B 92 -16.57 -44.36 -0.20
N VAL B 93 -16.62 -43.04 -0.18
CA VAL B 93 -16.47 -42.29 1.06
C VAL B 93 -17.67 -41.37 1.25
N TYR B 94 -18.25 -41.47 2.45
CA TYR B 94 -19.52 -40.85 2.80
C TYR B 94 -19.26 -39.43 3.25
N TRP B 95 -20.17 -38.54 2.87
CA TRP B 95 -20.13 -37.16 3.31
C TRP B 95 -20.46 -37.11 4.79
N ASP B 96 -19.59 -36.45 5.54
CA ASP B 96 -19.77 -36.20 6.94
C ASP B 96 -19.81 -34.68 7.05
N ARG B 97 -20.99 -34.16 7.39
CA ARG B 97 -21.24 -32.71 7.54
C ARG B 97 -20.31 -32.00 8.56
N ASP B 98 -19.77 -32.73 9.52
CA ASP B 98 -18.88 -32.18 10.55
C ASP B 98 -17.44 -32.04 10.10
N MET B 99 -16.94 -33.01 9.36
CA MET B 99 -15.50 -33.14 9.12
C MET B 99 -15.18 -32.88 7.62
N GLY C 1 -7.30 7.55 1.04
CA GLY C 1 -8.60 7.16 0.40
C GLY C 1 -9.86 7.60 1.16
N PRO C 2 -10.55 8.67 0.68
CA PRO C 2 -11.95 8.99 1.04
C PRO C 2 -12.96 8.21 0.23
N HIS C 3 -14.15 8.04 0.78
CA HIS C 3 -15.13 7.07 0.22
C HIS C 3 -16.54 7.61 0.34
N SER C 4 -17.44 6.91 -0.33
CA SER C 4 -18.82 7.33 -0.41
C SER C 4 -19.75 6.17 -0.73
N MET C 5 -21.03 6.36 -0.44
CA MET C 5 -22.08 5.47 -0.92
C MET C 5 -23.28 6.31 -1.35
N ARG C 6 -23.99 5.84 -2.35
CA ARG C 6 -25.20 6.51 -2.84
C ARG C 6 -26.26 5.52 -3.23
N TYR C 7 -27.50 5.95 -3.12
CA TYR C 7 -28.60 5.25 -3.72
C TYR C 7 -29.44 6.24 -4.57
N PHE C 8 -29.47 5.97 -5.88
CA PHE C 8 -30.15 6.78 -6.87
C PHE C 8 -31.43 6.08 -7.26
N GLU C 9 -32.56 6.59 -6.79
CA GLU C 9 -33.85 5.96 -7.10
C GLU C 9 -34.63 6.84 -8.08
N THR C 10 -35.42 6.21 -8.93
CA THR C 10 -36.14 6.85 -10.02
C THR C 10 -37.49 6.16 -10.16
N ALA C 11 -38.54 6.93 -10.38
CA ALA C 11 -39.81 6.37 -10.77
C ALA C 11 -40.35 7.15 -11.94
N VAL C 12 -40.80 6.43 -12.96
CA VAL C 12 -41.23 7.05 -14.20
C VAL C 12 -42.67 6.63 -14.46
N SER C 13 -43.52 7.61 -14.69
CA SER C 13 -44.86 7.40 -15.20
C SER C 13 -44.92 7.90 -16.65
N ARG C 14 -45.61 7.13 -17.48
CA ARG C 14 -45.75 7.42 -18.92
C ARG C 14 -47.25 7.32 -19.25
N PRO C 15 -47.72 8.06 -20.30
CA PRO C 15 -49.11 8.53 -20.35
C PRO C 15 -50.21 7.48 -20.19
N GLY C 16 -50.00 6.32 -20.81
CA GLY C 16 -50.88 5.17 -20.69
C GLY C 16 -50.38 4.00 -19.86
N LEU C 17 -49.06 3.93 -19.61
CA LEU C 17 -48.46 2.93 -18.68
C LEU C 17 -49.33 2.78 -17.43
N GLU C 18 -49.53 1.53 -16.99
CA GLU C 18 -50.49 1.28 -15.90
C GLU C 18 -49.96 1.86 -14.59
N GLU C 19 -48.86 1.27 -14.10
CA GLU C 19 -48.15 1.68 -12.86
C GLU C 19 -46.76 2.22 -13.26
N PRO C 20 -46.21 3.17 -12.46
CA PRO C 20 -44.86 3.66 -12.66
C PRO C 20 -43.81 2.57 -12.54
N ARG C 21 -42.72 2.74 -13.30
CA ARG C 21 -41.56 1.88 -13.22
C ARG C 21 -40.55 2.44 -12.20
N TYR C 22 -40.13 1.60 -11.27
CA TYR C 22 -39.29 2.02 -10.17
C TYR C 22 -37.95 1.36 -10.35
N ILE C 23 -36.89 2.10 -10.12
CA ILE C 23 -35.53 1.64 -10.35
C ILE C 23 -34.62 2.27 -9.32
N SER C 24 -33.80 1.43 -8.69
CA SER C 24 -32.90 1.85 -7.65
C SER C 24 -31.55 1.28 -7.95
N VAL C 25 -30.53 2.12 -7.80
CA VAL C 25 -29.18 1.75 -8.13
C VAL C 25 -28.29 2.23 -6.99
N GLY C 26 -27.50 1.31 -6.45
CA GLY C 26 -26.64 1.62 -5.35
C GLY C 26 -25.24 1.74 -5.86
N TYR C 27 -24.49 2.68 -5.30
CA TYR C 27 -23.14 2.94 -5.73
C TYR C 27 -22.28 2.95 -4.49
N VAL C 28 -21.17 2.23 -4.53
CA VAL C 28 -20.12 2.43 -3.54
C VAL C 28 -18.94 2.94 -4.33
N ASP C 29 -18.30 3.97 -3.77
CA ASP C 29 -17.26 4.76 -4.44
C ASP C 29 -17.51 4.99 -5.94
N ASN C 30 -18.72 5.47 -6.25
CA ASN C 30 -19.16 5.70 -7.62
C ASN C 30 -19.27 4.50 -8.53
N LYS C 31 -19.03 3.29 -8.02
CA LYS C 31 -19.10 2.11 -8.85
C LYS C 31 -20.43 1.45 -8.51
N GLU C 32 -21.21 1.19 -9.55
CA GLU C 32 -22.50 0.52 -9.37
C GLU C 32 -22.25 -0.81 -8.68
N PHE C 33 -23.04 -1.12 -7.66
CA PHE C 33 -22.82 -2.33 -6.85
C PHE C 33 -24.07 -3.10 -6.48
N VAL C 34 -25.27 -2.49 -6.51
CA VAL C 34 -26.52 -3.27 -6.50
C VAL C 34 -27.52 -2.60 -7.43
N ARG C 35 -28.67 -3.24 -7.65
CA ARG C 35 -29.67 -2.72 -8.56
C ARG C 35 -30.99 -3.45 -8.44
N PHE C 36 -32.08 -2.70 -8.44
CA PHE C 36 -33.45 -3.22 -8.45
C PHE C 36 -34.17 -2.58 -9.61
N ASP C 37 -35.07 -3.32 -10.24
CA ASP C 37 -35.87 -2.80 -11.36
C ASP C 37 -37.23 -3.51 -11.40
N SER C 38 -38.31 -2.75 -11.23
CA SER C 38 -39.67 -3.29 -11.16
C SER C 38 -40.17 -3.94 -12.45
N ASP C 39 -39.49 -3.66 -13.57
CA ASP C 39 -39.81 -4.26 -14.90
C ASP C 39 -39.28 -5.66 -15.09
N ALA C 40 -38.21 -6.01 -14.38
CA ALA C 40 -37.70 -7.38 -14.32
C ALA C 40 -38.81 -8.41 -14.09
N GLU C 41 -38.63 -9.60 -14.66
CA GLU C 41 -39.65 -10.67 -14.63
C GLU C 41 -39.96 -11.06 -13.18
N ASN C 42 -38.89 -11.22 -12.40
CA ASN C 42 -38.99 -11.30 -10.96
C ASN C 42 -38.21 -10.13 -10.35
N PRO C 43 -38.92 -9.07 -9.89
CA PRO C 43 -38.23 -7.90 -9.34
C PRO C 43 -37.52 -8.21 -8.05
N ARG C 44 -36.21 -7.97 -8.04
CA ARG C 44 -35.36 -8.20 -6.89
C ARG C 44 -34.13 -7.31 -7.02
N TYR C 45 -33.53 -6.97 -5.88
CA TYR C 45 -32.17 -6.44 -5.88
C TYR C 45 -31.18 -7.55 -6.30
N GLU C 46 -30.43 -7.34 -7.39
CA GLU C 46 -29.32 -8.23 -7.82
C GLU C 46 -28.00 -7.56 -7.48
N PRO C 47 -26.95 -8.34 -7.12
CA PRO C 47 -25.62 -7.72 -7.04
C PRO C 47 -25.13 -7.35 -8.42
N ARG C 48 -24.12 -6.47 -8.45
CA ARG C 48 -23.63 -5.84 -9.67
C ARG C 48 -22.11 -5.76 -9.78
N ALA C 49 -21.43 -6.00 -8.67
CA ALA C 49 -20.00 -6.28 -8.64
C ALA C 49 -19.73 -7.70 -8.08
N PRO C 50 -18.67 -8.38 -8.55
CA PRO C 50 -18.27 -9.67 -7.98
C PRO C 50 -18.38 -9.75 -6.46
N TRP C 51 -17.67 -8.86 -5.76
CA TRP C 51 -17.55 -8.88 -4.29
C TRP C 51 -18.85 -8.82 -3.47
N MET C 52 -19.97 -8.55 -4.14
CA MET C 52 -21.26 -8.53 -3.48
C MET C 52 -22.00 -9.88 -3.47
N GLU C 53 -21.57 -10.85 -4.29
CA GLU C 53 -22.13 -12.23 -4.22
C GLU C 53 -21.74 -13.02 -2.96
N GLN C 54 -20.85 -12.43 -2.16
CA GLN C 54 -20.59 -12.62 -0.72
C GLN C 54 -21.73 -12.40 0.31
N GLU C 55 -22.98 -12.15 -0.13
CA GLU C 55 -24.04 -11.70 0.77
C GLU C 55 -25.17 -12.73 0.81
N GLY C 56 -25.58 -13.08 2.03
CA GLY C 56 -26.51 -14.18 2.22
C GLY C 56 -27.92 -13.77 1.88
N PRO C 57 -28.70 -14.67 1.25
CA PRO C 57 -30.06 -14.35 0.78
C PRO C 57 -30.96 -13.53 1.71
N GLU C 58 -30.78 -13.62 3.02
CA GLU C 58 -31.58 -12.78 3.94
C GLU C 58 -31.38 -11.29 3.69
N TYR C 59 -30.13 -10.89 3.46
CA TYR C 59 -29.81 -9.55 2.94
C TYR C 59 -30.62 -9.18 1.67
N TRP C 60 -30.54 -9.99 0.63
CA TRP C 60 -31.31 -9.75 -0.61
C TRP C 60 -32.84 -9.71 -0.42
N GLU C 61 -33.37 -10.46 0.56
CA GLU C 61 -34.81 -10.43 0.81
C GLU C 61 -35.20 -9.12 1.47
N ARG C 62 -34.40 -8.68 2.44
CA ARG C 62 -34.70 -7.41 3.18
C ARG C 62 -34.66 -6.25 2.23
N GLU C 63 -33.54 -6.10 1.52
CA GLU C 63 -33.40 -5.04 0.51
C GLU C 63 -34.52 -5.11 -0.49
N THR C 64 -34.72 -6.26 -1.12
CA THR C 64 -35.88 -6.42 -2.03
C THR C 64 -37.21 -5.99 -1.40
N GLN C 65 -37.42 -6.26 -0.12
CA GLN C 65 -38.63 -5.76 0.55
C GLN C 65 -38.68 -4.24 0.62
N LYS C 66 -37.62 -3.61 1.15
CA LYS C 66 -37.48 -2.15 1.09
C LYS C 66 -37.86 -1.58 -0.29
N ALA C 67 -37.26 -2.12 -1.34
CA ALA C 67 -37.56 -1.73 -2.70
C ALA C 67 -39.05 -1.72 -2.96
N LYS C 68 -39.74 -2.77 -2.57
CA LYS C 68 -41.17 -2.85 -2.84
C LYS C 68 -41.96 -1.73 -2.11
N GLY C 69 -41.50 -1.41 -0.89
CA GLY C 69 -42.00 -0.28 -0.14
C GLY C 69 -41.69 1.06 -0.80
N GLN C 70 -40.44 1.23 -1.21
CA GLN C 70 -40.03 2.41 -1.96
C GLN C 70 -40.89 2.56 -3.22
N GLU C 71 -41.03 1.47 -3.98
CA GLU C 71 -41.90 1.50 -5.18
C GLU C 71 -43.28 2.11 -4.84
N GLN C 72 -43.91 1.64 -3.76
CA GLN C 72 -45.20 2.20 -3.32
C GLN C 72 -45.11 3.68 -2.90
N TRP C 73 -44.03 4.05 -2.23
CA TRP C 73 -43.82 5.44 -1.81
C TRP C 73 -43.68 6.41 -2.97
N PHE C 74 -42.95 5.99 -4.00
CA PHE C 74 -42.85 6.76 -5.23
C PHE C 74 -44.19 6.86 -5.95
N ARG C 75 -44.96 5.77 -5.96
CA ARG C 75 -46.31 5.77 -6.54
C ARG C 75 -47.11 6.93 -5.92
N VAL C 76 -47.24 6.90 -4.62
CA VAL C 76 -48.10 7.87 -3.95
C VAL C 76 -47.57 9.26 -4.15
N SER C 77 -46.24 9.42 -4.07
CA SER C 77 -45.62 10.73 -4.23
C SER C 77 -45.87 11.35 -5.62
N LEU C 78 -45.62 10.56 -6.66
CA LEU C 78 -45.96 10.94 -8.04
C LEU C 78 -47.39 11.42 -8.16
N ARG C 79 -48.31 10.69 -7.53
CA ARG C 79 -49.74 10.99 -7.58
C ARG C 79 -50.02 12.37 -6.95
N ASN C 80 -49.40 12.62 -5.80
CA ASN C 80 -49.55 13.91 -5.15
C ASN C 80 -48.94 15.05 -5.94
N LEU C 81 -47.83 14.77 -6.63
CA LEU C 81 -47.12 15.82 -7.37
C LEU C 81 -47.96 16.36 -8.52
N LEU C 82 -48.61 15.47 -9.26
CA LEU C 82 -49.62 15.85 -10.25
C LEU C 82 -50.56 16.92 -9.73
N GLY C 83 -51.06 16.67 -8.54
CA GLY C 83 -51.99 17.58 -7.88
C GLY C 83 -51.33 18.86 -7.47
N TYR C 84 -50.15 18.77 -6.86
CA TYR C 84 -49.42 19.97 -6.45
C TYR C 84 -49.08 20.87 -7.61
N TYR C 85 -48.76 20.30 -8.76
CA TYR C 85 -48.42 21.11 -9.93
C TYR C 85 -49.60 21.39 -10.87
N ASN C 86 -50.80 20.90 -10.53
CA ASN C 86 -51.99 21.05 -11.40
C ASN C 86 -51.73 20.55 -12.83
N GLN C 87 -51.04 19.41 -12.89
CA GLN C 87 -50.82 18.68 -14.12
C GLN C 87 -52.04 17.79 -14.31
N SER C 88 -52.57 17.72 -15.52
CA SER C 88 -53.67 16.80 -15.79
C SER C 88 -53.09 15.44 -16.16
N ALA C 89 -53.96 14.49 -16.49
CA ALA C 89 -53.52 13.15 -16.89
C ALA C 89 -52.97 13.10 -18.33
N GLY C 90 -52.36 11.96 -18.66
CA GLY C 90 -51.81 11.73 -20.00
C GLY C 90 -50.56 12.53 -20.34
N GLY C 91 -49.66 12.66 -19.36
CA GLY C 91 -48.30 13.18 -19.59
C GLY C 91 -47.27 12.21 -19.06
N SER C 92 -45.99 12.50 -19.27
CA SER C 92 -44.92 11.69 -18.68
C SER C 92 -44.34 12.41 -17.49
N HIS C 93 -43.98 11.67 -16.44
CA HIS C 93 -43.43 12.28 -15.22
C HIS C 93 -42.34 11.46 -14.59
N THR C 94 -41.47 12.15 -13.86
CA THR C 94 -40.30 11.55 -13.27
C THR C 94 -40.14 12.05 -11.85
N LEU C 95 -39.86 11.13 -10.93
CA LEU C 95 -39.47 11.50 -9.58
C LEU C 95 -38.19 10.78 -9.28
N GLN C 96 -37.24 11.50 -8.70
CA GLN C 96 -35.92 10.96 -8.47
C GLN C 96 -35.50 11.27 -7.07
N GLN C 97 -34.60 10.43 -6.55
CA GLN C 97 -34.03 10.63 -5.22
C GLN C 97 -32.58 10.23 -5.24
N MET C 98 -31.73 11.00 -4.55
CA MET C 98 -30.32 10.60 -4.28
C MET C 98 -30.21 10.64 -2.78
N SER C 99 -29.63 9.59 -2.22
CA SER C 99 -29.48 9.46 -0.77
C SER C 99 -28.14 8.81 -0.57
N GLY C 100 -27.41 9.21 0.45
CA GLY C 100 -26.14 8.55 0.75
C GLY C 100 -25.22 9.36 1.65
N CYS C 101 -23.99 8.90 1.79
CA CYS C 101 -23.03 9.48 2.72
C CYS C 101 -21.64 9.51 2.14
N ASP C 102 -20.84 10.46 2.63
CA ASP C 102 -19.44 10.65 2.24
C ASP C 102 -18.61 10.49 3.48
N LEU C 103 -17.50 9.77 3.34
CA LEU C 103 -16.57 9.56 4.43
C LEU C 103 -15.23 10.16 4.13
N GLY C 104 -14.61 10.74 5.15
CA GLY C 104 -13.22 11.18 5.07
C GLY C 104 -12.29 9.99 4.94
N SER C 105 -11.01 10.23 4.72
CA SER C 105 -10.04 9.12 4.66
C SER C 105 -9.84 8.48 6.04
N ASP C 106 -10.22 9.20 7.10
CA ASP C 106 -10.35 8.60 8.44
C ASP C 106 -11.57 7.68 8.63
N TRP C 107 -12.39 7.53 7.58
CA TRP C 107 -13.60 6.70 7.58
C TRP C 107 -14.76 7.25 8.45
N ARG C 108 -14.62 8.49 8.94
CA ARG C 108 -15.68 9.22 9.64
C ARG C 108 -16.65 9.84 8.61
N LEU C 109 -17.87 10.13 9.07
CA LEU C 109 -18.84 10.84 8.27
C LEU C 109 -18.41 12.26 7.95
N LEU C 110 -18.60 12.66 6.71
CA LEU C 110 -18.32 14.00 6.25
C LEU C 110 -19.65 14.73 5.94
N ARG C 111 -20.46 14.16 5.05
CA ARG C 111 -21.70 14.75 4.61
C ARG C 111 -22.74 13.65 4.41
N GLY C 112 -24.00 13.97 4.65
CA GLY C 112 -25.10 13.12 4.27
C GLY C 112 -25.82 13.84 3.13
N TYR C 113 -26.39 13.09 2.19
CA TYR C 113 -27.14 13.69 1.10
C TYR C 113 -28.47 13.04 1.09
N LEU C 114 -29.50 13.86 0.90
CA LEU C 114 -30.88 13.40 0.76
C LEU C 114 -31.52 14.48 -0.09
N GLN C 115 -31.84 14.13 -1.32
CA GLN C 115 -32.32 15.08 -2.30
C GLN C 115 -33.36 14.44 -3.20
N PHE C 116 -34.32 15.24 -3.60
CA PHE C 116 -35.34 14.82 -4.53
C PHE C 116 -35.40 15.75 -5.70
N ALA C 117 -35.82 15.20 -6.82
CA ALA C 117 -36.08 16.00 -7.99
C ALA C 117 -37.35 15.52 -8.67
N TYR C 118 -38.10 16.50 -9.19
CA TYR C 118 -39.31 16.23 -9.94
C TYR C 118 -39.09 16.81 -11.34
N GLU C 119 -39.44 16.01 -12.34
CA GLU C 119 -39.25 16.35 -13.74
C GLU C 119 -37.80 16.69 -14.05
N GLY C 120 -36.86 16.09 -13.36
CA GLY C 120 -35.46 16.46 -13.53
C GLY C 120 -35.01 17.72 -12.82
N ARG C 121 -35.89 18.35 -12.05
CA ARG C 121 -35.59 19.62 -11.41
C ARG C 121 -35.65 19.45 -9.93
N ASP C 122 -34.72 20.13 -9.25
CA ASP C 122 -34.67 20.14 -7.80
C ASP C 122 -36.03 20.42 -7.25
N TYR C 123 -36.47 19.61 -6.32
CA TYR C 123 -37.81 19.73 -5.71
C TYR C 123 -37.72 19.98 -4.21
N ILE C 124 -37.02 19.12 -3.50
CA ILE C 124 -36.71 19.35 -2.09
C ILE C 124 -35.41 18.61 -1.72
N ALA C 125 -34.65 19.18 -0.80
CA ALA C 125 -33.40 18.54 -0.35
C ALA C 125 -33.14 18.77 1.12
N LEU C 126 -32.59 17.75 1.79
CA LEU C 126 -32.12 17.90 3.16
C LEU C 126 -30.82 18.69 3.14
N ASN C 127 -30.74 19.73 3.94
CA ASN C 127 -29.53 20.53 4.06
C ASN C 127 -28.43 19.74 4.75
N GLU C 128 -27.20 20.25 4.63
CA GLU C 128 -26.00 19.64 5.25
C GLU C 128 -26.13 19.41 6.76
N ASP C 129 -26.86 20.27 7.45
CA ASP C 129 -27.11 20.11 8.88
C ASP C 129 -27.92 18.87 9.23
N LEU C 130 -28.60 18.32 8.23
CA LEU C 130 -29.49 17.16 8.38
C LEU C 130 -30.71 17.40 9.29
N LYS C 131 -31.10 18.66 9.46
CA LYS C 131 -32.25 19.06 10.29
C LYS C 131 -33.27 19.91 9.54
N THR C 132 -32.80 20.73 8.58
CA THR C 132 -33.65 21.66 7.85
C THR C 132 -33.74 21.32 6.38
N TRP C 133 -34.82 21.74 5.75
CA TRP C 133 -35.03 21.42 4.34
C TRP C 133 -34.92 22.65 3.47
N THR C 134 -34.35 22.50 2.28
CA THR C 134 -34.50 23.47 1.20
C THR C 134 -35.52 22.99 0.16
N ALA C 135 -36.38 23.92 -0.26
CA ALA C 135 -37.34 23.68 -1.38
C ALA C 135 -37.71 24.98 -2.08
N ALA C 136 -37.23 25.17 -3.30
CA ALA C 136 -37.46 26.40 -4.04
C ALA C 136 -38.93 26.59 -4.37
N ASP C 137 -39.53 25.60 -5.03
CA ASP C 137 -40.79 25.77 -5.75
C ASP C 137 -41.94 26.06 -4.84
N MET C 138 -42.87 26.87 -5.32
CA MET C 138 -44.05 27.20 -4.51
C MET C 138 -44.77 25.91 -4.17
N ALA C 139 -45.00 25.07 -5.16
CA ALA C 139 -45.66 23.77 -4.95
C ALA C 139 -44.96 22.89 -3.92
N ALA C 140 -43.63 23.00 -3.84
CA ALA C 140 -42.85 22.18 -2.91
C ALA C 140 -43.00 22.58 -1.45
N GLN C 141 -43.56 23.75 -1.16
CA GLN C 141 -43.68 24.23 0.22
C GLN C 141 -44.61 23.37 1.05
N ILE C 142 -45.61 22.84 0.39
CA ILE C 142 -46.55 21.90 0.98
C ILE C 142 -45.79 20.73 1.62
N THR C 143 -44.89 20.14 0.82
CA THR C 143 -44.06 19.04 1.27
C THR C 143 -43.15 19.49 2.41
N ARG C 144 -42.47 20.63 2.26
CA ARG C 144 -41.57 21.13 3.30
C ARG C 144 -42.27 21.18 4.67
N ARG C 145 -43.52 21.64 4.67
CA ARG C 145 -44.30 21.72 5.90
C ARG C 145 -44.65 20.35 6.40
N LYS C 146 -45.33 19.54 5.58
CA LYS C 146 -45.69 18.18 6.00
C LYS C 146 -44.50 17.50 6.71
N TRP C 147 -43.30 17.69 6.17
CA TRP C 147 -42.09 17.01 6.65
C TRP C 147 -41.39 17.70 7.84
N GLU C 148 -41.51 19.02 7.93
CA GLU C 148 -41.11 19.72 9.14
C GLU C 148 -41.99 19.28 10.34
N GLN C 149 -43.30 19.24 10.09
CA GLN C 149 -44.33 18.82 11.04
C GLN C 149 -44.08 17.44 11.62
N SER C 150 -43.56 16.54 10.81
CA SER C 150 -43.54 15.12 11.12
C SER C 150 -42.16 14.55 11.49
N GLY C 151 -41.15 15.40 11.59
CA GLY C 151 -39.83 14.92 11.98
C GLY C 151 -39.17 13.99 10.98
N ALA C 152 -39.57 14.10 9.71
CA ALA C 152 -38.88 13.40 8.63
C ALA C 152 -37.36 13.55 8.72
N ALA C 153 -36.86 14.76 8.98
CA ALA C 153 -35.42 14.95 9.02
C ALA C 153 -34.69 14.04 9.99
N GLU C 154 -35.27 13.81 11.17
CA GLU C 154 -34.62 12.95 12.16
C GLU C 154 -34.47 11.54 11.62
N HIS C 155 -35.53 11.03 11.02
N HIS C 155 -35.53 11.03 11.02
CA HIS C 155 -35.52 9.70 10.38
CA HIS C 155 -35.53 9.71 10.37
C HIS C 155 -34.37 9.58 9.36
C HIS C 155 -34.38 9.59 9.37
N TYR C 156 -34.38 10.43 8.34
CA TYR C 156 -33.31 10.43 7.33
C TYR C 156 -31.94 10.66 7.97
N LYS C 157 -31.88 11.54 8.96
CA LYS C 157 -30.63 11.80 9.68
C LYS C 157 -30.09 10.52 10.30
N ALA C 158 -30.96 9.74 10.94
CA ALA C 158 -30.54 8.49 11.57
C ALA C 158 -29.90 7.57 10.55
N TYR C 159 -30.62 7.31 9.45
CA TYR C 159 -30.10 6.47 8.37
C TYR C 159 -28.75 6.97 7.88
N LEU C 160 -28.65 8.26 7.62
CA LEU C 160 -27.43 8.83 7.06
C LEU C 160 -26.21 8.76 7.98
N GLU C 161 -26.44 8.80 9.30
CA GLU C 161 -25.34 8.77 10.27
C GLU C 161 -25.04 7.35 10.76
N GLY C 162 -26.08 6.51 10.85
CA GLY C 162 -25.93 5.10 11.26
C GLY C 162 -25.81 4.19 10.06
N GLU C 163 -26.94 3.64 9.62
CA GLU C 163 -26.93 2.57 8.60
C GLU C 163 -26.03 2.87 7.37
N CYS C 164 -26.14 4.08 6.80
CA CYS C 164 -25.33 4.46 5.64
C CYS C 164 -23.87 4.28 5.95
N VAL C 165 -23.45 4.72 7.13
CA VAL C 165 -22.05 4.61 7.53
C VAL C 165 -21.68 3.15 7.86
N GLU C 166 -22.38 2.56 8.84
CA GLU C 166 -22.11 1.19 9.27
C GLU C 166 -21.94 0.29 8.04
N TRP C 167 -22.97 0.22 7.20
CA TRP C 167 -22.93 -0.71 6.07
C TRP C 167 -21.85 -0.38 5.05
N LEU C 168 -21.54 0.91 4.87
CA LEU C 168 -20.51 1.29 3.91
C LEU C 168 -19.18 0.77 4.37
N HIS C 169 -18.89 0.92 5.67
CA HIS C 169 -17.69 0.29 6.28
C HIS C 169 -17.66 -1.21 5.89
N ARG C 170 -18.76 -1.91 6.16
CA ARG C 170 -18.86 -3.36 5.88
C ARG C 170 -18.58 -3.68 4.42
N TYR C 171 -19.26 -3.00 3.52
CA TYR C 171 -18.99 -3.16 2.09
C TYR C 171 -17.54 -2.85 1.69
N LEU C 172 -16.93 -1.87 2.36
CA LEU C 172 -15.56 -1.50 2.04
C LEU C 172 -14.56 -2.62 2.32
N LYS C 173 -14.73 -3.28 3.46
CA LYS C 173 -13.92 -4.44 3.82
C LYS C 173 -14.10 -5.56 2.83
N ASN C 174 -15.36 -5.92 2.57
CA ASN C 174 -15.69 -7.10 1.74
C ASN C 174 -15.20 -7.11 0.28
N GLY C 175 -14.79 -5.96 -0.23
CA GLY C 175 -14.08 -5.89 -1.48
C GLY C 175 -12.91 -4.96 -1.29
N ASN C 176 -12.09 -5.22 -0.27
CA ASN C 176 -10.98 -4.33 0.11
C ASN C 176 -9.82 -4.42 -0.89
N ALA C 177 -9.84 -5.46 -1.74
CA ALA C 177 -8.94 -5.58 -2.89
C ALA C 177 -9.45 -4.87 -4.17
N THR C 178 -10.75 -5.04 -4.45
CA THR C 178 -11.39 -4.52 -5.69
C THR C 178 -11.28 -3.00 -5.90
N LEU C 179 -11.43 -2.22 -4.81
CA LEU C 179 -11.53 -0.76 -4.87
C LEU C 179 -10.31 0.02 -4.32
N LEU C 180 -9.46 -0.65 -3.52
CA LEU C 180 -8.34 0.01 -2.76
C LEU C 180 -7.52 1.03 -3.55
N ARG C 181 -7.28 0.73 -4.84
CA ARG C 181 -6.46 1.53 -5.75
C ARG C 181 -7.26 2.31 -6.82
N THR C 182 -6.52 2.94 -7.74
CA THR C 182 -7.09 3.71 -8.84
C THR C 182 -6.17 3.59 -10.06
N ASP C 183 -6.75 3.38 -11.24
CA ASP C 183 -5.99 3.19 -12.49
C ASP C 183 -5.45 4.50 -13.05
N SER C 184 -4.14 4.73 -12.94
CA SER C 184 -3.55 5.95 -13.50
C SER C 184 -3.75 5.98 -15.02
N PRO C 185 -3.73 7.17 -15.62
CA PRO C 185 -3.92 7.29 -17.04
C PRO C 185 -2.63 7.16 -17.80
N LYS C 186 -2.74 6.67 -19.03
CA LYS C 186 -1.62 6.64 -19.97
C LYS C 186 -1.88 7.70 -20.99
N ALA C 187 -0.89 8.54 -21.24
CA ALA C 187 -1.05 9.68 -22.13
C ALA C 187 -0.16 9.59 -23.33
N HIS C 188 -0.59 10.25 -24.41
CA HIS C 188 0.21 10.41 -25.62
C HIS C 188 -0.40 11.48 -26.53
N VAL C 189 0.41 12.04 -27.41
CA VAL C 189 -0.02 13.12 -28.29
C VAL C 189 -0.06 12.62 -29.73
N THR C 190 -1.17 12.88 -30.43
CA THR C 190 -1.30 12.57 -31.85
C THR C 190 -1.25 13.85 -32.69
N HIS C 191 -0.82 13.67 -33.94
CA HIS C 191 -0.55 14.73 -34.88
C HIS C 191 -1.50 14.63 -36.08
N HIS C 192 -2.17 15.73 -36.42
CA HIS C 192 -3.13 15.78 -37.52
C HIS C 192 -2.99 17.08 -38.31
N PRO C 193 -2.33 17.02 -39.48
CA PRO C 193 -2.21 18.24 -40.31
C PRO C 193 -3.56 18.57 -40.92
N ARG C 194 -3.88 19.86 -41.04
CA ARG C 194 -5.23 20.29 -41.45
C ARG C 194 -5.36 21.38 -42.52
N SER C 195 -5.14 22.64 -42.12
CA SER C 195 -5.10 23.76 -43.04
C SER C 195 -3.66 23.92 -43.47
N LYS C 196 -3.40 24.84 -44.40
CA LYS C 196 -2.04 25.06 -44.92
C LYS C 196 -1.19 25.72 -43.83
N GLY C 197 -0.12 25.01 -43.45
CA GLY C 197 0.81 25.49 -42.43
C GLY C 197 0.39 25.35 -40.97
N GLU C 198 -0.76 24.73 -40.69
CA GLU C 198 -1.25 24.50 -39.30
C GLU C 198 -1.57 23.02 -39.02
N VAL C 199 -1.31 22.60 -37.78
CA VAL C 199 -1.57 21.23 -37.29
C VAL C 199 -2.38 21.18 -35.99
N THR C 200 -3.03 20.05 -35.78
CA THR C 200 -3.79 19.75 -34.57
C THR C 200 -2.89 18.83 -33.73
N LEU C 201 -2.55 19.31 -32.53
CA LEU C 201 -1.92 18.47 -31.53
C LEU C 201 -3.01 18.05 -30.57
N ARG C 202 -3.31 16.75 -30.56
CA ARG C 202 -4.38 16.21 -29.73
C ARG C 202 -3.79 15.30 -28.66
N CYS C 203 -3.77 15.80 -27.43
CA CYS C 203 -3.28 15.06 -26.26
C CYS C 203 -4.35 14.12 -25.71
N TRP C 204 -4.08 12.83 -25.76
CA TRP C 204 -5.03 11.85 -25.30
C TRP C 204 -4.69 11.50 -23.88
N ALA C 205 -5.69 10.94 -23.20
CA ALA C 205 -5.50 10.32 -21.90
C ALA C 205 -6.44 9.12 -21.84
N LEU C 206 -5.90 7.94 -21.53
CA LEU C 206 -6.67 6.70 -21.68
C LEU C 206 -6.51 5.77 -20.48
N GLY C 207 -7.48 4.86 -20.39
CA GLY C 207 -7.48 3.80 -19.38
C GLY C 207 -7.33 4.25 -17.95
N PHE C 208 -8.08 5.29 -17.55
CA PHE C 208 -8.03 5.80 -16.17
C PHE C 208 -9.31 5.65 -15.39
N TYR C 209 -9.15 5.56 -14.07
CA TYR C 209 -10.24 5.50 -13.12
C TYR C 209 -9.77 6.18 -11.82
N PRO C 210 -10.62 6.94 -11.12
CA PRO C 210 -11.97 7.31 -11.58
C PRO C 210 -11.91 8.43 -12.61
N ALA C 211 -13.07 8.88 -13.07
CA ALA C 211 -13.19 9.75 -14.24
C ALA C 211 -12.67 11.19 -14.11
N ASP C 212 -12.49 11.68 -12.89
CA ASP C 212 -12.08 13.07 -12.69
C ASP C 212 -10.69 13.20 -13.20
N ILE C 213 -10.46 14.19 -14.04
CA ILE C 213 -9.18 14.40 -14.65
C ILE C 213 -9.16 15.80 -15.27
N THR C 214 -7.98 16.40 -15.39
CA THR C 214 -7.84 17.69 -16.05
C THR C 214 -6.69 17.63 -17.05
N LEU C 215 -6.93 18.22 -18.22
CA LEU C 215 -5.94 18.30 -19.30
C LEU C 215 -5.71 19.76 -19.63
N THR C 216 -4.45 20.16 -19.77
CA THR C 216 -4.09 21.55 -20.09
C THR C 216 -2.94 21.59 -21.08
N TRP C 217 -3.11 22.40 -22.12
CA TRP C 217 -2.06 22.70 -23.06
C TRP C 217 -1.36 23.99 -22.64
N GLN C 218 -0.03 23.96 -22.63
CA GLN C 218 0.75 25.16 -22.36
C GLN C 218 1.63 25.52 -23.56
N LEU C 219 1.62 26.81 -23.93
CA LEU C 219 2.65 27.38 -24.81
C LEU C 219 3.87 27.71 -23.95
N ASN C 220 4.70 26.69 -23.70
CA ASN C 220 5.96 26.83 -22.95
C ASN C 220 5.84 27.12 -21.43
N GLY C 221 4.61 27.29 -20.94
CA GLY C 221 4.34 27.82 -19.60
C GLY C 221 3.01 28.55 -19.49
N GLU C 222 2.53 29.11 -20.61
CA GLU C 222 1.22 29.79 -20.69
C GLU C 222 0.06 28.89 -21.14
N GLU C 223 -0.89 28.64 -20.22
CA GLU C 223 -2.12 27.87 -20.50
C GLU C 223 -3.04 28.58 -21.51
N LEU C 224 -4.05 27.86 -22.02
CA LEU C 224 -4.98 28.40 -23.04
C LEU C 224 -6.47 28.05 -22.77
N THR C 225 -7.23 29.03 -22.28
CA THR C 225 -8.71 29.10 -22.52
C THR C 225 -9.05 29.72 -23.87
N GLN C 226 -8.04 30.27 -24.56
CA GLN C 226 -8.01 30.62 -25.97
C GLN C 226 -8.17 29.37 -26.80
N ASP C 227 -9.42 29.07 -27.16
CA ASP C 227 -9.78 28.07 -28.17
C ASP C 227 -8.92 26.79 -28.20
N MET C 228 -8.76 26.19 -27.01
CA MET C 228 -8.36 24.79 -26.89
C MET C 228 -9.65 23.97 -27.04
N GLU C 229 -9.52 22.80 -27.66
CA GLU C 229 -10.66 21.92 -27.92
C GLU C 229 -10.57 20.69 -27.03
N LEU C 230 -11.70 20.29 -26.43
CA LEU C 230 -11.79 19.07 -25.61
C LEU C 230 -13.08 18.28 -25.91
N VAL C 231 -13.28 17.19 -25.16
CA VAL C 231 -14.53 16.44 -25.15
C VAL C 231 -14.84 16.02 -23.75
N GLU C 232 -16.12 15.86 -23.46
CA GLU C 232 -16.51 15.39 -22.13
C GLU C 232 -15.83 14.06 -21.91
N THR C 233 -15.35 13.86 -20.69
CA THR C 233 -14.85 12.57 -20.27
C THR C 233 -15.91 11.52 -20.53
N ARG C 234 -15.44 10.39 -21.05
CA ARG C 234 -16.28 9.33 -21.63
C ARG C 234 -15.74 7.95 -21.23
N PRO C 235 -16.65 6.98 -21.01
CA PRO C 235 -16.22 5.64 -20.62
C PRO C 235 -15.74 4.84 -21.81
N ALA C 236 -14.59 4.20 -21.65
CA ALA C 236 -14.11 3.19 -22.61
C ALA C 236 -15.07 2.00 -22.70
N GLY C 237 -15.85 1.76 -21.65
CA GLY C 237 -16.79 0.63 -21.64
C GLY C 237 -16.23 -0.60 -20.92
N ASP C 238 -14.93 -0.59 -20.59
CA ASP C 238 -14.27 -1.64 -19.81
C ASP C 238 -14.17 -1.29 -18.32
N GLY C 239 -14.88 -0.26 -17.87
CA GLY C 239 -14.73 0.29 -16.51
C GLY C 239 -13.65 1.37 -16.29
N THR C 240 -12.95 1.78 -17.36
CA THR C 240 -12.01 2.93 -17.35
C THR C 240 -12.53 4.07 -18.26
N PHE C 241 -11.81 5.18 -18.33
CA PHE C 241 -12.31 6.40 -19.00
C PHE C 241 -11.29 7.04 -19.92
N GLN C 242 -11.79 7.93 -20.78
CA GLN C 242 -10.98 8.60 -21.79
C GLN C 242 -11.33 10.07 -21.84
N LYS C 243 -10.33 10.88 -22.15
CA LYS C 243 -10.55 12.29 -22.46
C LYS C 243 -9.40 12.73 -23.36
N TRP C 244 -9.66 13.72 -24.19
CA TRP C 244 -8.61 14.32 -24.97
C TRP C 244 -8.76 15.81 -25.00
N ALA C 245 -7.65 16.50 -25.18
CA ALA C 245 -7.65 17.94 -25.43
C ALA C 245 -6.72 18.20 -26.59
N SER C 246 -7.15 19.09 -27.49
CA SER C 246 -6.38 19.44 -28.69
C SER C 246 -6.25 20.95 -28.84
N VAL C 247 -5.24 21.38 -29.59
CA VAL C 247 -5.12 22.79 -29.92
C VAL C 247 -4.47 22.99 -31.30
N VAL C 248 -4.86 24.11 -31.93
CA VAL C 248 -4.23 24.63 -33.17
C VAL C 248 -2.77 25.05 -32.98
N VAL C 249 -1.90 24.60 -33.89
CA VAL C 249 -0.43 24.81 -33.77
C VAL C 249 0.22 25.09 -35.13
N PRO C 250 1.10 26.12 -35.22
CA PRO C 250 1.99 26.31 -36.38
C PRO C 250 2.82 25.05 -36.73
N LEU C 251 2.78 24.61 -37.99
CA LEU C 251 3.52 23.42 -38.42
C LEU C 251 5.01 23.70 -38.27
N GLY C 252 5.73 22.81 -37.58
CA GLY C 252 7.17 22.99 -37.28
C GLY C 252 7.42 23.58 -35.90
N LYS C 253 6.83 24.74 -35.62
CA LYS C 253 6.88 25.37 -34.28
C LYS C 253 5.89 24.66 -33.32
N GLU C 254 6.25 23.44 -32.93
CA GLU C 254 5.34 22.51 -32.23
C GLU C 254 5.91 21.76 -31.01
N GLN C 255 7.19 21.96 -30.68
CA GLN C 255 7.77 21.43 -29.46
C GLN C 255 7.69 22.45 -28.32
N ASN C 256 7.28 23.68 -28.65
CA ASN C 256 6.93 24.70 -27.63
C ASN C 256 5.66 24.35 -26.86
N TYR C 257 4.95 23.31 -27.30
CA TYR C 257 3.63 22.96 -26.82
C TYR C 257 3.65 21.68 -25.98
N THR C 258 3.39 21.88 -24.67
CA THR C 258 3.37 20.81 -23.66
C THR C 258 1.95 20.60 -23.08
N CYS C 259 1.46 19.37 -23.20
CA CYS C 259 0.20 18.95 -22.58
C CYS C 259 0.54 18.49 -21.18
N ARG C 260 -0.24 18.94 -20.19
CA ARG C 260 -0.14 18.42 -18.81
C ARG C 260 -1.41 17.70 -18.40
N VAL C 261 -1.26 16.65 -17.59
CA VAL C 261 -2.37 15.77 -17.20
C VAL C 261 -2.37 15.45 -15.70
N TYR C 262 -3.48 15.78 -15.05
CA TYR C 262 -3.63 15.74 -13.61
C TYR C 262 -4.72 14.74 -13.25
N HIS C 263 -4.40 13.77 -12.42
CA HIS C 263 -5.39 12.75 -12.05
C HIS C 263 -4.95 12.21 -10.68
N GLU C 264 -5.88 11.67 -9.91
CA GLU C 264 -5.61 11.34 -8.51
C GLU C 264 -4.65 10.18 -8.27
N GLY C 265 -4.81 9.12 -9.04
CA GLY C 265 -3.85 8.01 -9.05
C GLY C 265 -2.43 8.37 -9.47
N LEU C 266 -2.24 9.51 -10.11
CA LEU C 266 -0.89 9.95 -10.45
C LEU C 266 -0.07 10.30 -9.21
N PRO C 267 1.20 9.86 -9.18
CA PRO C 267 2.12 10.34 -8.14
C PRO C 267 2.28 11.85 -8.25
N GLU C 268 2.48 12.31 -9.48
CA GLU C 268 2.52 13.71 -9.79
C GLU C 268 1.99 13.84 -11.22
N PRO C 269 1.69 15.07 -11.66
CA PRO C 269 1.09 15.21 -12.99
C PRO C 269 2.08 14.86 -14.09
N LEU C 270 1.56 14.51 -15.26
CA LEU C 270 2.38 14.15 -16.42
C LEU C 270 2.57 15.36 -17.27
N THR C 271 3.81 15.53 -17.74
CA THR C 271 4.10 16.50 -18.78
C THR C 271 4.41 15.68 -20.02
N LEU C 272 3.79 16.04 -21.13
CA LEU C 272 4.07 15.41 -22.43
C LEU C 272 4.08 16.43 -23.56
N ARG C 273 4.84 16.10 -24.61
CA ARG C 273 4.74 16.82 -25.88
C ARG C 273 4.84 15.82 -27.02
N TRP C 274 4.64 16.34 -28.25
CA TRP C 274 4.69 15.52 -29.47
C TRP C 274 6.07 14.89 -29.66
N GLU C 275 6.08 13.57 -29.83
CA GLU C 275 7.30 12.80 -30.09
C GLU C 275 7.18 12.10 -31.45
N PRO C 276 7.82 12.67 -32.52
CA PRO C 276 7.67 12.08 -33.85
C PRO C 276 8.53 10.82 -34.02
N ILE D 1 -39.48 19.97 -18.11
CA ILE D 1 -38.89 20.40 -19.45
C ILE D 1 -37.89 19.35 -19.94
N GLN D 2 -37.68 19.37 -21.25
CA GLN D 2 -36.84 18.41 -21.93
C GLN D 2 -35.41 18.96 -21.94
N LYS D 3 -34.45 18.15 -21.50
CA LYS D 3 -33.03 18.42 -21.74
C LYS D 3 -32.61 17.58 -22.93
N THR D 4 -31.70 18.13 -23.73
CA THR D 4 -31.40 17.63 -25.06
C THR D 4 -30.04 16.84 -25.06
N PRO D 5 -30.00 15.58 -25.57
CA PRO D 5 -28.86 14.66 -25.48
C PRO D 5 -27.57 15.05 -26.14
N GLN D 6 -26.47 15.00 -25.38
CA GLN D 6 -25.12 15.09 -25.92
C GLN D 6 -24.67 13.71 -26.33
N ILE D 7 -23.93 13.65 -27.43
CA ILE D 7 -23.54 12.40 -28.05
C ILE D 7 -22.05 12.39 -28.39
N GLN D 8 -21.35 11.34 -27.99
CA GLN D 8 -20.00 11.05 -28.49
C GLN D 8 -19.96 9.67 -29.12
N VAL D 9 -19.23 9.56 -30.23
CA VAL D 9 -19.05 8.29 -30.91
C VAL D 9 -17.57 8.01 -31.06
N TYR D 10 -17.14 6.87 -30.54
CA TYR D 10 -15.71 6.61 -30.42
C TYR D 10 -15.47 5.13 -30.16
N SER D 11 -14.22 4.72 -30.30
CA SER D 11 -13.80 3.34 -30.11
C SER D 11 -13.08 3.15 -28.76
N ARG D 12 -13.24 1.97 -28.15
CA ARG D 12 -12.59 1.64 -26.87
C ARG D 12 -11.09 1.74 -27.01
N HIS D 13 -10.54 0.94 -27.94
CA HIS D 13 -9.09 0.86 -28.13
C HIS D 13 -8.79 1.70 -29.34
N PRO D 14 -7.59 2.30 -29.42
CA PRO D 14 -7.29 3.08 -30.62
C PRO D 14 -7.42 2.22 -31.88
N PRO D 15 -7.91 2.80 -33.00
CA PRO D 15 -8.28 1.95 -34.12
C PRO D 15 -7.14 1.68 -35.13
N GLU D 16 -7.13 0.45 -35.64
CA GLU D 16 -6.25 0.01 -36.72
C GLU D 16 -7.17 -0.70 -37.71
N ASN D 17 -7.10 -0.37 -39.00
CA ASN D 17 -7.97 -1.04 -39.94
C ASN D 17 -7.71 -2.53 -39.88
N GLY D 18 -8.77 -3.33 -39.83
CA GLY D 18 -8.67 -4.79 -39.77
C GLY D 18 -8.60 -5.39 -38.37
N LYS D 19 -8.18 -4.58 -37.38
CA LYS D 19 -8.16 -4.98 -35.95
C LYS D 19 -9.55 -4.91 -35.29
N PRO D 20 -10.09 -6.04 -34.76
CA PRO D 20 -11.38 -5.90 -34.07
C PRO D 20 -11.34 -5.00 -32.81
N ASN D 21 -12.48 -4.39 -32.52
CA ASN D 21 -12.55 -3.28 -31.58
C ASN D 21 -13.97 -3.16 -31.10
N ILE D 22 -14.19 -2.30 -30.10
CA ILE D 22 -15.53 -1.95 -29.66
C ILE D 22 -15.78 -0.50 -30.00
N LEU D 23 -16.98 -0.22 -30.54
CA LEU D 23 -17.40 1.14 -30.88
C LEU D 23 -18.52 1.61 -29.95
N ASN D 24 -18.24 2.73 -29.28
CA ASN D 24 -19.13 3.27 -28.30
C ASN D 24 -19.97 4.44 -28.82
N CYS D 25 -21.23 4.47 -28.39
CA CYS D 25 -22.03 5.68 -28.49
C CYS D 25 -22.43 6.12 -27.08
N TYR D 26 -21.74 7.14 -26.57
CA TYR D 26 -22.02 7.67 -25.25
C TYR D 26 -23.05 8.76 -25.36
N VAL D 27 -24.23 8.54 -24.76
CA VAL D 27 -25.32 9.52 -24.78
C VAL D 27 -25.66 10.03 -23.38
N THR D 28 -25.62 11.34 -23.22
CA THR D 28 -25.69 11.97 -21.90
C THR D 28 -26.54 13.21 -21.90
N GLN D 29 -26.81 13.70 -20.70
CA GLN D 29 -27.44 15.00 -20.48
C GLN D 29 -28.85 15.11 -21.03
N PHE D 30 -29.59 14.02 -20.99
CA PHE D 30 -30.92 14.07 -21.56
C PHE D 30 -31.96 13.80 -20.50
N HIS D 31 -33.19 14.13 -20.86
CA HIS D 31 -34.36 13.99 -20.02
C HIS D 31 -35.56 14.34 -20.89
N PRO D 32 -36.64 13.54 -20.90
CA PRO D 32 -36.87 12.40 -20.01
C PRO D 32 -36.08 11.18 -20.42
N PRO D 33 -36.06 10.14 -19.56
CA PRO D 33 -35.12 9.04 -19.74
C PRO D 33 -35.47 8.07 -20.90
N HIS D 34 -36.68 8.15 -21.45
CA HIS D 34 -36.98 7.42 -22.67
C HIS D 34 -36.25 8.00 -23.89
N ILE D 35 -35.45 7.13 -24.51
CA ILE D 35 -34.59 7.49 -25.61
C ILE D 35 -34.43 6.27 -26.51
N GLU D 36 -34.23 6.47 -27.82
CA GLU D 36 -33.88 5.38 -28.75
C GLU D 36 -32.52 5.59 -29.39
N ILE D 37 -31.69 4.56 -29.36
CA ILE D 37 -30.34 4.64 -29.85
C ILE D 37 -30.07 3.50 -30.84
N GLN D 38 -29.76 3.87 -32.09
CA GLN D 38 -29.31 2.93 -33.10
C GLN D 38 -27.87 3.26 -33.41
N MET D 39 -27.13 2.22 -33.80
CA MET D 39 -25.79 2.34 -34.36
C MET D 39 -25.83 1.81 -35.79
N LEU D 40 -25.14 2.49 -36.69
CA LEU D 40 -25.27 2.22 -38.12
C LEU D 40 -23.90 2.00 -38.75
N LYS D 41 -23.82 1.00 -39.63
CA LYS D 41 -22.65 0.74 -40.46
C LYS D 41 -23.11 1.01 -41.86
N ASN D 42 -22.43 1.94 -42.52
CA ASN D 42 -22.76 2.28 -43.88
C ASN D 42 -24.27 2.49 -44.06
N GLY D 43 -24.84 3.29 -43.17
CA GLY D 43 -26.24 3.66 -43.24
C GLY D 43 -27.23 2.56 -42.85
N LYS D 44 -26.70 1.37 -42.51
CA LYS D 44 -27.53 0.23 -42.13
C LYS D 44 -27.41 -0.18 -40.65
N LYS D 45 -28.58 -0.33 -40.01
CA LYS D 45 -28.71 -0.67 -38.59
C LYS D 45 -27.93 -1.92 -38.23
N ILE D 46 -26.94 -1.78 -37.35
CA ILE D 46 -26.22 -2.90 -36.77
C ILE D 46 -27.18 -3.60 -35.82
N PRO D 47 -27.30 -4.93 -35.92
CA PRO D 47 -28.48 -5.56 -35.30
C PRO D 47 -28.39 -5.82 -33.78
N LYS D 48 -27.30 -6.42 -33.32
CA LYS D 48 -27.15 -6.76 -31.89
C LYS D 48 -26.19 -5.79 -31.22
N VAL D 49 -26.79 -4.82 -30.54
CA VAL D 49 -26.10 -3.68 -29.96
C VAL D 49 -26.33 -3.69 -28.46
N GLU D 50 -25.25 -3.67 -27.70
CA GLU D 50 -25.32 -3.64 -26.23
C GLU D 50 -25.84 -2.26 -25.75
N MET D 51 -26.75 -2.29 -24.78
CA MET D 51 -27.30 -1.08 -24.16
C MET D 51 -27.16 -1.16 -22.63
N SER D 52 -26.25 -0.36 -22.08
CA SER D 52 -26.10 -0.23 -20.63
C SER D 52 -27.42 0.26 -20.03
N ASP D 53 -27.62 0.03 -18.74
CA ASP D 53 -28.94 0.28 -18.09
C ASP D 53 -29.17 1.72 -17.66
N MET D 54 -30.45 2.07 -17.51
CA MET D 54 -30.86 3.44 -17.13
C MET D 54 -30.00 3.94 -15.95
N SER D 55 -29.43 5.12 -16.05
CA SER D 55 -28.63 5.68 -14.97
C SER D 55 -28.72 7.20 -15.02
N PHE D 56 -28.49 7.87 -13.90
CA PHE D 56 -28.48 9.30 -13.91
C PHE D 56 -27.38 9.90 -13.11
N SER D 57 -27.00 11.12 -13.50
CA SER D 57 -25.86 11.78 -12.90
C SER D 57 -26.32 12.66 -11.75
N LYS D 58 -25.39 13.25 -11.01
CA LYS D 58 -25.77 14.04 -9.84
C LYS D 58 -26.52 15.31 -10.19
N ASP D 59 -26.57 15.67 -11.46
CA ASP D 59 -27.44 16.78 -11.90
C ASP D 59 -28.82 16.30 -12.39
N TRP D 60 -29.18 15.03 -12.21
CA TRP D 60 -30.48 14.43 -12.54
C TRP D 60 -30.62 14.06 -14.00
N SER D 61 -29.65 14.43 -14.84
CA SER D 61 -29.72 14.10 -16.25
C SER D 61 -29.35 12.63 -16.45
N PHE D 62 -30.02 12.01 -17.40
CA PHE D 62 -29.77 10.63 -17.76
C PHE D 62 -28.63 10.44 -18.76
N TYR D 63 -28.09 9.23 -18.74
CA TYR D 63 -27.00 8.82 -19.61
C TYR D 63 -27.07 7.32 -19.85
N ILE D 64 -26.86 6.95 -21.11
CA ILE D 64 -26.78 5.57 -21.54
C ILE D 64 -25.51 5.36 -22.39
N LEU D 65 -24.91 4.18 -22.27
CA LEU D 65 -23.80 3.78 -23.14
C LEU D 65 -24.22 2.63 -24.03
N ALA D 66 -24.14 2.87 -25.33
CA ALA D 66 -24.40 1.85 -26.33
C ALA D 66 -23.08 1.46 -26.91
N HIS D 67 -22.88 0.16 -27.09
CA HIS D 67 -21.64 -0.35 -27.70
C HIS D 67 -21.88 -1.63 -28.52
N THR D 68 -20.91 -1.90 -29.37
CA THR D 68 -20.96 -3.07 -30.26
C THR D 68 -19.57 -3.42 -30.75
N GLU D 69 -19.44 -4.66 -31.18
CA GLU D 69 -18.18 -5.13 -31.74
C GLU D 69 -18.12 -4.58 -33.16
N PHE D 70 -16.94 -4.12 -33.57
CA PHE D 70 -16.76 -3.71 -34.95
C PHE D 70 -15.32 -3.87 -35.41
N THR D 71 -15.17 -4.11 -36.71
CA THR D 71 -13.86 -4.19 -37.29
C THR D 71 -13.74 -3.07 -38.32
N PRO D 72 -13.03 -1.99 -37.94
CA PRO D 72 -12.88 -0.84 -38.79
C PRO D 72 -12.11 -1.19 -40.06
N THR D 73 -12.66 -0.77 -41.19
CA THR D 73 -11.99 -0.89 -42.47
C THR D 73 -11.65 0.51 -42.95
N GLU D 74 -10.86 0.56 -44.02
CA GLU D 74 -10.49 1.81 -44.70
C GLU D 74 -11.70 2.70 -45.03
N THR D 75 -12.77 2.04 -45.45
CA THR D 75 -13.80 2.64 -46.26
C THR D 75 -15.21 2.71 -45.57
N ASP D 76 -15.44 1.81 -44.62
CA ASP D 76 -16.73 1.75 -43.90
C ASP D 76 -16.94 2.98 -43.02
N THR D 77 -18.14 3.54 -43.07
CA THR D 77 -18.52 4.59 -42.13
C THR D 77 -19.49 4.06 -41.10
N TYR D 78 -19.29 4.58 -39.88
CA TYR D 78 -20.03 4.15 -38.72
C TYR D 78 -20.67 5.37 -38.10
N ALA D 79 -21.89 5.21 -37.61
CA ALA D 79 -22.65 6.32 -37.03
C ALA D 79 -23.56 5.85 -35.90
N CYS D 80 -24.03 6.83 -35.11
CA CYS D 80 -25.01 6.62 -34.05
C CYS D 80 -26.20 7.53 -34.29
N ARG D 81 -27.40 6.96 -34.25
CA ARG D 81 -28.62 7.73 -34.47
C ARG D 81 -29.47 7.69 -33.21
N VAL D 82 -29.80 8.87 -32.71
CA VAL D 82 -30.51 9.05 -31.44
C VAL D 82 -31.88 9.68 -31.67
N LYS D 83 -32.94 9.05 -31.16
CA LYS D 83 -34.30 9.61 -31.18
C LYS D 83 -34.74 9.92 -29.74
N HIS D 84 -35.26 11.13 -29.52
CA HIS D 84 -35.64 11.64 -28.18
C HIS D 84 -36.58 12.83 -28.31
N ASP D 85 -37.56 12.95 -27.40
CA ASP D 85 -38.62 13.98 -27.54
C ASP D 85 -38.09 15.41 -27.66
N SER D 86 -36.97 15.68 -26.97
CA SER D 86 -36.28 16.99 -27.03
C SER D 86 -35.92 17.47 -28.43
N MET D 87 -35.94 16.57 -29.40
CA MET D 87 -35.63 16.91 -30.75
C MET D 87 -36.67 16.32 -31.69
N ALA D 88 -37.08 17.15 -32.64
CA ALA D 88 -38.11 16.79 -33.60
C ALA D 88 -37.66 15.65 -34.51
N GLU D 89 -36.42 15.77 -34.99
CA GLU D 89 -35.83 14.75 -35.87
C GLU D 89 -34.71 13.97 -35.19
N PRO D 90 -34.52 12.70 -35.60
CA PRO D 90 -33.39 11.94 -35.10
C PRO D 90 -32.10 12.67 -35.36
N LYS D 91 -31.12 12.46 -34.50
CA LYS D 91 -29.82 13.07 -34.66
C LYS D 91 -28.82 11.97 -34.94
N THR D 92 -28.02 12.16 -36.00
CA THR D 92 -26.98 11.22 -36.40
C THR D 92 -25.65 11.88 -36.16
N VAL D 93 -24.74 11.20 -35.46
CA VAL D 93 -23.35 11.68 -35.39
C VAL D 93 -22.40 10.59 -35.85
N TYR D 94 -21.50 10.98 -36.76
CA TYR D 94 -20.65 10.05 -37.51
C TYR D 94 -19.39 9.81 -36.71
N TRP D 95 -18.91 8.56 -36.75
CA TRP D 95 -17.68 8.19 -36.09
C TRP D 95 -16.54 8.82 -36.85
N ASP D 96 -15.69 9.50 -36.10
CA ASP D 96 -14.50 10.12 -36.60
C ASP D 96 -13.36 9.43 -35.84
N ARG D 97 -12.57 8.62 -36.55
CA ARG D 97 -11.45 7.85 -35.98
C ARG D 97 -10.39 8.69 -35.27
N ASP D 98 -10.27 9.97 -35.63
CA ASP D 98 -9.30 10.87 -35.02
C ASP D 98 -9.74 11.46 -33.70
N MET D 99 -11.02 11.83 -33.59
CA MET D 99 -11.50 12.66 -32.48
C MET D 99 -12.46 11.85 -31.56
N GLY E 1 -3.15 11.40 -1.72
CA GLY E 1 -2.52 12.56 -1.00
C GLY E 1 -2.89 13.93 -1.55
N PRO E 2 -3.79 14.68 -0.87
CA PRO E 2 -3.98 16.12 -1.05
C PRO E 2 -2.97 16.95 -0.25
N HIS E 3 -2.74 18.18 -0.67
CA HIS E 3 -1.60 18.97 -0.17
C HIS E 3 -1.96 20.42 -0.07
N SER E 4 -1.07 21.17 0.57
CA SER E 4 -1.30 22.58 0.85
C SER E 4 -0.02 23.31 1.12
N MET E 5 -0.08 24.63 0.98
CA MET E 5 1.01 25.49 1.44
C MET E 5 0.38 26.72 2.10
N ARG E 6 1.07 27.27 3.10
CA ARG E 6 0.63 28.46 3.79
C ARG E 6 1.79 29.34 4.14
N TYR E 7 1.52 30.64 4.22
CA TYR E 7 2.42 31.56 4.85
C TYR E 7 1.66 32.40 5.91
N PHE E 8 2.08 32.23 7.15
CA PHE E 8 1.49 32.88 8.34
C PHE E 8 2.41 34.03 8.76
N GLU E 9 2.04 35.25 8.45
CA GLU E 9 2.84 36.38 8.82
C GLU E 9 2.19 37.08 10.02
N THR E 10 3.02 37.68 10.87
CA THR E 10 2.60 38.35 12.09
C THR E 10 3.47 39.59 12.27
N ALA E 11 2.87 40.70 12.68
CA ALA E 11 3.65 41.82 13.14
C ALA E 11 3.09 42.30 14.50
N VAL E 12 3.98 42.52 15.47
CA VAL E 12 3.58 42.83 16.83
C VAL E 12 4.21 44.13 17.24
N SER E 13 3.36 45.05 17.71
CA SER E 13 3.81 46.30 18.30
C SER E 13 3.50 46.20 19.79
N ARG E 14 4.45 46.67 20.60
CA ARG E 14 4.36 46.66 22.07
C ARG E 14 4.73 48.07 22.56
N PRO E 15 4.21 48.47 23.74
CA PRO E 15 3.90 49.89 24.01
C PRO E 15 5.05 50.88 23.83
N GLY E 16 6.24 50.46 24.27
CA GLY E 16 7.48 51.22 24.09
C GLY E 16 8.46 50.70 23.05
N LEU E 17 8.35 49.42 22.65
CA LEU E 17 9.12 48.86 21.52
C LEU E 17 9.24 49.86 20.37
N GLU E 18 10.43 49.97 19.79
CA GLU E 18 10.68 51.01 18.79
C GLU E 18 9.87 50.74 17.51
N GLU E 19 10.24 49.65 16.82
CA GLU E 19 9.61 49.20 15.58
C GLU E 19 8.91 47.85 15.91
N PRO E 20 7.81 47.53 15.21
CA PRO E 20 7.19 46.22 15.29
C PRO E 20 8.13 45.09 14.90
N ARG E 21 7.89 43.93 15.50
CA ARG E 21 8.57 42.71 15.15
C ARG E 21 7.78 41.95 14.11
N TYR E 22 8.43 41.59 13.01
CA TYR E 22 7.78 40.92 11.87
C TYR E 22 8.28 39.51 11.83
N ILE E 23 7.37 38.57 11.61
CA ILE E 23 7.69 37.14 11.66
C ILE E 23 6.82 36.44 10.61
N SER E 24 7.46 35.63 9.79
CA SER E 24 6.79 34.92 8.71
C SER E 24 7.21 33.49 8.79
N VAL E 25 6.23 32.61 8.66
CA VAL E 25 6.46 31.18 8.79
C VAL E 25 5.74 30.51 7.63
N GLY E 26 6.47 29.70 6.90
CA GLY E 26 5.92 29.01 5.75
C GLY E 26 5.66 27.59 6.16
N TYR E 27 4.56 27.03 5.67
CA TYR E 27 4.18 25.65 5.98
C TYR E 27 3.90 24.94 4.66
N VAL E 28 4.50 23.76 4.47
CA VAL E 28 4.07 22.89 3.41
C VAL E 28 3.51 21.70 4.12
N ASP E 29 2.33 21.25 3.66
CA ASP E 29 1.48 20.25 4.31
C ASP E 29 1.49 20.36 5.84
N ASN E 30 1.21 21.57 6.32
CA ASN E 30 1.19 21.85 7.76
C ASN E 30 2.50 21.67 8.52
N LYS E 31 3.58 21.35 7.81
CA LYS E 31 4.87 21.19 8.47
C LYS E 31 5.66 22.46 8.19
N GLU E 32 6.15 23.08 9.25
CA GLU E 32 6.94 24.29 9.13
C GLU E 32 8.12 23.98 8.22
N PHE E 33 8.39 24.87 7.27
CA PHE E 33 9.45 24.61 6.29
C PHE E 33 10.34 25.80 5.95
N VAL E 34 9.90 27.03 6.19
CA VAL E 34 10.83 28.19 6.22
C VAL E 34 10.43 29.14 7.33
N ARG E 35 11.25 30.14 7.59
CA ARG E 35 10.97 31.09 8.66
C ARG E 35 11.87 32.33 8.57
N PHE E 36 11.27 33.51 8.77
CA PHE E 36 11.95 34.80 8.85
C PHE E 36 11.55 35.46 10.16
N ASP E 37 12.47 36.19 10.78
CA ASP E 37 12.22 36.85 12.06
C ASP E 37 13.11 38.09 12.18
N SER E 38 12.48 39.24 12.24
CA SER E 38 13.18 40.53 12.23
C SER E 38 14.05 40.80 13.46
N ASP E 39 13.82 40.04 14.53
CA ASP E 39 14.60 40.13 15.78
C ASP E 39 15.95 39.44 15.69
N ALA E 40 16.07 38.43 14.84
CA ALA E 40 17.35 37.76 14.56
C ALA E 40 18.47 38.79 14.30
N GLU E 41 19.69 38.41 14.68
CA GLU E 41 20.86 39.29 14.60
C GLU E 41 21.10 39.73 13.15
N ASN E 42 21.03 38.75 12.24
CA ASN E 42 20.95 39.01 10.83
C ASN E 42 19.61 38.44 10.32
N PRO E 43 18.59 39.32 10.10
CA PRO E 43 17.30 38.83 9.65
C PRO E 43 17.34 38.26 8.24
N ARG E 44 16.93 37.00 8.12
CA ARG E 44 16.92 36.28 6.86
C ARG E 44 15.89 35.16 6.97
N TYR E 45 15.34 34.75 5.84
CA TYR E 45 14.64 33.46 5.78
C TYR E 45 15.65 32.31 5.93
N GLU E 46 15.48 31.47 6.96
CA GLU E 46 16.26 30.22 7.12
C GLU E 46 15.37 29.03 6.72
N PRO E 47 15.95 27.96 6.13
CA PRO E 47 15.17 26.72 6.04
C PRO E 47 14.90 26.11 7.41
N ARG E 48 13.91 25.24 7.44
CA ARG E 48 13.40 24.67 8.69
C ARG E 48 13.13 23.16 8.64
N ALA E 49 13.13 22.59 7.43
CA ALA E 49 13.20 21.14 7.22
C ALA E 49 14.50 20.79 6.45
N PRO E 50 15.09 19.59 6.72
CA PRO E 50 16.23 19.11 5.94
C PRO E 50 16.13 19.42 4.44
N TRP E 51 15.08 18.90 3.80
CA TRP E 51 14.92 18.95 2.34
C TRP E 51 14.96 20.35 1.68
N MET E 52 14.92 21.40 2.49
CA MET E 52 14.98 22.77 1.98
C MET E 52 16.37 23.33 1.86
N GLU E 53 17.37 22.71 2.50
CA GLU E 53 18.78 23.11 2.31
C GLU E 53 19.33 22.81 0.91
N GLN E 54 18.52 22.11 0.11
CA GLN E 54 18.53 21.98 -1.37
C GLN E 54 18.34 23.25 -2.23
N GLU E 55 18.32 24.44 -1.64
CA GLU E 55 17.94 25.65 -2.36
C GLU E 55 19.09 26.65 -2.41
N GLY E 56 19.36 27.16 -3.60
CA GLY E 56 20.54 27.97 -3.85
C GLY E 56 20.37 29.38 -3.30
N PRO E 57 21.43 29.98 -2.71
CA PRO E 57 21.37 31.29 -2.04
C PRO E 57 20.59 32.42 -2.75
N GLU E 58 20.50 32.40 -4.08
CA GLU E 58 19.65 33.37 -4.80
C GLU E 58 18.18 33.30 -4.35
N TYR E 59 17.65 32.10 -4.23
CA TYR E 59 16.36 31.87 -3.59
C TYR E 59 16.25 32.56 -2.21
N TRP E 60 17.16 32.25 -1.28
CA TRP E 60 17.15 32.88 0.06
C TRP E 60 17.30 34.42 0.05
N GLU E 61 17.98 34.96 -0.94
CA GLU E 61 18.15 36.38 -1.07
C GLU E 61 16.83 37.04 -1.53
N ARG E 62 16.17 36.43 -2.53
CA ARG E 62 14.91 36.90 -3.08
C ARG E 62 13.81 36.89 -1.99
N GLU E 63 13.61 35.73 -1.34
CA GLU E 63 12.68 35.61 -0.22
C GLU E 63 12.99 36.61 0.86
N THR E 64 14.23 36.62 1.33
CA THR E 64 14.65 37.60 2.34
C THR E 64 14.29 39.02 1.94
N GLN E 65 14.44 39.35 0.65
CA GLN E 65 14.03 40.69 0.20
C GLN E 65 12.53 40.91 0.35
N LYS E 66 11.72 40.01 -0.18
CA LYS E 66 10.27 40.04 0.07
C LYS E 66 9.94 40.31 1.53
N ALA E 67 10.51 39.51 2.41
CA ALA E 67 10.34 39.70 3.85
C ALA E 67 10.54 41.14 4.26
N LYS E 68 11.63 41.76 3.81
CA LYS E 68 11.94 43.12 4.22
C LYS E 68 10.87 44.12 3.74
N GLY E 69 10.35 43.87 2.52
CA GLY E 69 9.21 44.59 2.01
C GLY E 69 7.93 44.35 2.82
N GLN E 70 7.64 43.09 3.11
CA GLN E 70 6.52 42.74 3.95
C GLN E 70 6.65 43.45 5.31
N GLU E 71 7.83 43.38 5.92
CA GLU E 71 8.06 44.04 7.21
C GLU E 71 7.59 45.51 7.12
N GLN E 72 8.00 46.21 6.08
CA GLN E 72 7.58 47.60 5.90
C GLN E 72 6.08 47.72 5.69
N TRP E 73 5.48 46.80 4.93
CA TRP E 73 4.04 46.84 4.66
C TRP E 73 3.23 46.68 5.95
N PHE E 74 3.67 45.76 6.82
CA PHE E 74 3.04 45.58 8.12
C PHE E 74 3.20 46.81 9.02
N ARG E 75 4.38 47.45 8.98
CA ARG E 75 4.63 48.70 9.68
C ARG E 75 3.57 49.71 9.32
N VAL E 76 3.45 50.00 8.03
CA VAL E 76 2.51 51.05 7.60
C VAL E 76 1.09 50.67 7.92
N SER E 77 0.74 49.40 7.71
CA SER E 77 -0.60 48.92 7.99
C SER E 77 -1.00 49.05 9.47
N LEU E 78 -0.14 48.55 10.35
CA LEU E 78 -0.31 48.76 11.83
C LEU E 78 -0.55 50.21 12.21
N ARG E 79 0.21 51.09 11.61
CA ARG E 79 0.10 52.53 11.86
C ARG E 79 -1.28 53.04 11.45
N ASN E 80 -1.75 52.61 10.28
CA ASN E 80 -3.06 53.03 9.82
C ASN E 80 -4.18 52.49 10.67
N LEU E 81 -4.00 51.24 11.16
CA LEU E 81 -5.04 50.57 11.94
C LEU E 81 -5.31 51.31 13.22
N LEU E 82 -4.25 51.75 13.90
CA LEU E 82 -4.39 52.65 15.05
C LEU E 82 -5.38 53.79 14.80
N GLY E 83 -5.19 54.43 13.66
CA GLY E 83 -6.03 55.54 13.25
C GLY E 83 -7.43 55.06 12.92
N TYR E 84 -7.56 53.97 12.16
CA TYR E 84 -8.88 53.46 11.81
C TYR E 84 -9.68 53.10 13.05
N TYR E 85 -9.03 52.59 14.09
CA TYR E 85 -9.74 52.17 15.29
C TYR E 85 -9.74 53.22 16.38
N ASN E 86 -9.15 54.38 16.14
CA ASN E 86 -9.05 55.46 17.15
C ASN E 86 -8.45 54.92 18.46
N GLN E 87 -7.44 54.08 18.30
CA GLN E 87 -6.60 53.62 19.38
C GLN E 87 -5.51 54.69 19.61
N SER E 88 -5.24 55.01 20.87
CA SER E 88 -4.17 55.96 21.17
C SER E 88 -2.85 55.19 21.29
N ALA E 89 -1.77 55.88 21.61
CA ALA E 89 -0.46 55.23 21.75
C ALA E 89 -0.32 54.50 23.09
N GLY E 90 0.76 53.73 23.20
CA GLY E 90 1.07 52.99 24.42
C GLY E 90 0.15 51.81 24.70
N GLY E 91 -0.21 51.06 23.66
CA GLY E 91 -0.89 49.76 23.79
C GLY E 91 -0.13 48.69 23.02
N SER E 92 -0.57 47.44 23.11
CA SER E 92 0.00 46.34 22.30
C SER E 92 -0.93 46.01 21.16
N HIS E 93 -0.36 45.73 19.99
CA HIS E 93 -1.17 45.44 18.80
C HIS E 93 -0.59 44.32 17.99
N THR E 94 -1.47 43.63 17.28
CA THR E 94 -1.10 42.52 16.44
C THR E 94 -1.77 42.62 15.06
N LEU E 95 -1.01 42.38 13.99
CA LEU E 95 -1.58 42.23 12.66
C LEU E 95 -1.09 40.93 12.12
N GLN E 96 -1.99 40.15 11.55
CA GLN E 96 -1.68 38.81 11.09
C GLN E 96 -2.20 38.61 9.71
N GLN E 97 -1.56 37.70 8.97
CA GLN E 97 -1.98 37.34 7.63
C GLN E 97 -1.77 35.86 7.43
N MET E 98 -2.74 35.21 6.76
CA MET E 98 -2.57 33.82 6.30
C MET E 98 -2.80 33.87 4.83
N SER E 99 -1.91 33.24 4.07
CA SER E 99 -1.97 33.26 2.61
C SER E 99 -1.52 31.88 2.19
N GLY E 100 -2.15 31.33 1.18
CA GLY E 100 -1.71 30.04 0.66
C GLY E 100 -2.76 29.34 -0.17
N CYS E 101 -2.48 28.09 -0.51
CA CYS E 101 -3.28 27.33 -1.48
C CYS E 101 -3.41 25.90 -1.06
N ASP E 102 -4.50 25.27 -1.51
CA ASP E 102 -4.82 23.88 -1.23
C ASP E 102 -4.91 23.20 -2.55
N LEU E 103 -4.33 21.99 -2.63
CA LEU E 103 -4.39 21.18 -3.83
C LEU E 103 -5.12 19.89 -3.58
N GLY E 104 -5.90 19.46 -4.57
CA GLY E 104 -6.50 18.12 -4.58
C GLY E 104 -5.41 17.07 -4.70
N SER E 105 -5.78 15.80 -4.58
CA SER E 105 -4.81 14.72 -4.78
C SER E 105 -4.37 14.63 -6.24
N ASP E 106 -5.16 15.21 -7.14
CA ASP E 106 -4.73 15.42 -8.54
C ASP E 106 -3.70 16.53 -8.72
N TRP E 107 -3.33 17.21 -7.63
CA TRP E 107 -2.35 18.32 -7.62
C TRP E 107 -2.85 19.64 -8.24
N ARG E 108 -4.14 19.70 -8.57
CA ARG E 108 -4.80 20.90 -9.09
C ARG E 108 -5.16 21.79 -7.92
N LEU E 109 -5.35 23.08 -8.20
CA LEU E 109 -5.83 24.03 -7.20
C LEU E 109 -7.25 23.71 -6.73
N LEU E 110 -7.46 23.82 -5.43
CA LEU E 110 -8.76 23.62 -4.82
C LEU E 110 -9.26 24.97 -4.29
N ARG E 111 -8.49 25.60 -3.41
CA ARG E 111 -8.86 26.86 -2.78
C ARG E 111 -7.62 27.73 -2.65
N GLY E 112 -7.79 29.04 -2.74
CA GLY E 112 -6.76 29.99 -2.32
C GLY E 112 -7.23 30.63 -1.02
N TYR E 113 -6.31 31.00 -0.15
CA TYR E 113 -6.66 31.70 1.07
C TYR E 113 -5.85 32.95 1.10
N LEU E 114 -6.47 34.03 1.51
CA LEU E 114 -5.81 35.31 1.75
C LEU E 114 -6.68 35.96 2.82
N GLN E 115 -6.15 36.10 4.03
CA GLN E 115 -6.90 36.56 5.19
C GLN E 115 -6.04 37.40 6.12
N PHE E 116 -6.64 38.38 6.76
CA PHE E 116 -5.97 39.22 7.69
C PHE E 116 -6.75 39.32 8.95
N ALA E 117 -6.03 39.55 10.03
CA ALA E 117 -6.64 39.73 11.31
C ALA E 117 -5.91 40.79 12.06
N TYR E 118 -6.69 41.56 12.81
CA TYR E 118 -6.21 42.63 13.63
C TYR E 118 -6.66 42.33 15.05
N GLU E 119 -5.71 42.45 15.96
CA GLU E 119 -5.92 42.09 17.36
C GLU E 119 -6.46 40.66 17.52
N GLY E 120 -6.07 39.75 16.65
CA GLY E 120 -6.57 38.39 16.74
C GLY E 120 -7.98 38.20 16.22
N ARG E 121 -8.55 39.25 15.61
CA ARG E 121 -9.91 39.18 15.10
C ARG E 121 -9.90 39.41 13.62
N ASP E 122 -10.75 38.67 12.92
CA ASP E 122 -10.93 38.79 11.48
C ASP E 122 -11.12 40.24 11.13
N TYR E 123 -10.35 40.68 10.15
CA TYR E 123 -10.37 42.08 9.72
C TYR E 123 -10.83 42.18 8.29
N ILE E 124 -10.17 41.47 7.40
CA ILE E 124 -10.55 41.39 6.00
C ILE E 124 -10.01 40.10 5.40
N ALA E 125 -10.77 39.54 4.45
CA ALA E 125 -10.38 38.28 3.81
C ALA E 125 -10.84 38.21 2.38
N LEU E 126 -10.02 37.60 1.54
CA LEU E 126 -10.37 37.35 0.15
C LEU E 126 -11.29 36.18 0.15
N ASN E 127 -12.44 36.33 -0.50
CA ASN E 127 -13.43 35.25 -0.63
C ASN E 127 -12.90 34.16 -1.55
N GLU E 128 -13.51 32.98 -1.44
CA GLU E 128 -13.16 31.80 -2.28
C GLU E 128 -13.10 32.08 -3.78
N ASP E 129 -13.94 32.99 -4.27
CA ASP E 129 -13.93 33.39 -5.67
C ASP E 129 -12.64 34.09 -6.11
N LEU E 130 -11.88 34.58 -5.13
CA LEU E 130 -10.64 35.31 -5.36
C LEU E 130 -10.82 36.64 -6.11
N LYS E 131 -12.01 37.21 -6.04
CA LYS E 131 -12.35 38.50 -6.69
C LYS E 131 -12.96 39.51 -5.73
N THR E 132 -13.71 39.04 -4.72
CA THR E 132 -14.43 39.90 -3.78
C THR E 132 -13.92 39.75 -2.37
N TRP E 133 -14.09 40.78 -1.57
CA TRP E 133 -13.56 40.78 -0.21
C TRP E 133 -14.68 40.72 0.80
N THR E 134 -14.47 40.00 1.88
CA THR E 134 -15.27 40.11 3.10
C THR E 134 -14.55 40.92 4.18
N ALA E 135 -15.29 41.85 4.82
CA ALA E 135 -14.81 42.64 5.95
C ALA E 135 -15.97 43.08 6.82
N ALA E 136 -16.09 42.47 7.99
CA ALA E 136 -17.17 42.79 8.91
C ALA E 136 -17.11 44.22 9.39
N ASP E 137 -15.98 44.60 9.99
CA ASP E 137 -15.91 45.77 10.87
C ASP E 137 -16.15 47.02 10.13
N MET E 138 -16.76 47.99 10.79
CA MET E 138 -16.97 49.29 10.17
C MET E 138 -15.61 49.86 9.74
N ALA E 139 -14.65 49.88 10.65
CA ALA E 139 -13.33 50.40 10.36
C ALA E 139 -12.65 49.72 9.18
N ALA E 140 -12.95 48.46 8.97
CA ALA E 140 -12.37 47.71 7.86
C ALA E 140 -12.88 48.10 6.45
N GLN E 141 -13.98 48.82 6.38
CA GLN E 141 -14.58 49.14 5.10
C GLN E 141 -13.67 50.02 4.29
N ILE E 142 -12.94 50.88 5.00
CA ILE E 142 -11.98 51.78 4.39
C ILE E 142 -11.00 50.95 3.52
N THR E 143 -10.48 49.91 4.13
CA THR E 143 -9.57 49.00 3.48
C THR E 143 -10.25 48.31 2.30
N ARG E 144 -11.44 47.77 2.52
CA ARG E 144 -12.17 47.07 1.44
C ARG E 144 -12.25 47.95 0.19
N ARG E 145 -12.53 49.23 0.40
CA ARG E 145 -12.64 50.16 -0.73
C ARG E 145 -11.28 50.38 -1.38
N LYS E 146 -10.29 50.85 -0.61
CA LYS E 146 -8.96 51.09 -1.14
C LYS E 146 -8.50 49.91 -2.02
N TRP E 147 -8.84 48.70 -1.61
CA TRP E 147 -8.40 47.49 -2.32
C TRP E 147 -9.31 47.07 -3.47
N GLU E 148 -10.60 47.34 -3.37
CA GLU E 148 -11.46 47.18 -4.52
C GLU E 148 -10.99 48.13 -5.64
N GLN E 149 -10.73 49.38 -5.25
CA GLN E 149 -10.32 50.47 -6.14
C GLN E 149 -9.07 50.13 -6.94
N SER E 150 -8.18 49.38 -6.31
CA SER E 150 -6.81 49.21 -6.81
C SER E 150 -6.52 47.82 -7.36
N GLY E 151 -7.53 46.96 -7.46
CA GLY E 151 -7.33 45.66 -8.11
C GLY E 151 -6.43 44.74 -7.33
N ALA E 152 -6.32 44.98 -6.02
CA ALA E 152 -5.60 44.09 -5.14
C ALA E 152 -5.98 42.64 -5.38
N ALA E 153 -7.28 42.34 -5.51
CA ALA E 153 -7.71 40.94 -5.65
C ALA E 153 -7.05 40.24 -6.80
N GLU E 154 -6.90 40.93 -7.94
CA GLU E 154 -6.30 40.30 -9.13
C GLU E 154 -4.86 39.93 -8.82
N HIS E 155 -4.11 40.84 -8.19
CA HIS E 155 -2.72 40.58 -7.76
CA HIS E 155 -2.75 40.46 -7.91
C HIS E 155 -2.61 39.33 -6.88
N TYR E 156 -3.32 39.35 -5.74
CA TYR E 156 -3.36 38.15 -4.86
C TYR E 156 -3.88 36.89 -5.60
N LYS E 157 -4.89 37.05 -6.45
CA LYS E 157 -5.41 35.94 -7.28
C LYS E 157 -4.32 35.30 -8.13
N ALA E 158 -3.52 36.16 -8.78
CA ALA E 158 -2.40 35.65 -9.61
C ALA E 158 -1.45 34.80 -8.76
N TYR E 159 -0.98 35.34 -7.65
CA TYR E 159 -0.08 34.60 -6.75
C TYR E 159 -0.68 33.28 -6.35
N LEU E 160 -1.92 33.31 -5.92
CA LEU E 160 -2.59 32.11 -5.41
C LEU E 160 -2.81 31.01 -6.45
N GLU E 161 -2.98 31.40 -7.72
CA GLU E 161 -3.20 30.44 -8.81
C GLU E 161 -1.92 30.03 -9.52
N GLY E 162 -0.96 30.97 -9.61
CA GLY E 162 0.34 30.71 -10.21
C GLY E 162 1.36 30.35 -9.15
N GLU E 163 2.13 31.34 -8.71
CA GLU E 163 3.30 31.09 -7.84
C GLU E 163 3.04 30.08 -6.69
N CYS E 164 1.96 30.27 -5.94
CA CYS E 164 1.63 29.38 -4.83
C CYS E 164 1.60 27.94 -5.30
N VAL E 165 0.95 27.71 -6.45
CA VAL E 165 0.82 26.37 -7.01
C VAL E 165 2.16 25.87 -7.57
N GLU E 166 2.72 26.62 -8.54
CA GLU E 166 4.00 26.26 -9.19
C GLU E 166 5.01 25.85 -8.14
N TRP E 167 5.31 26.76 -7.20
CA TRP E 167 6.35 26.48 -6.18
C TRP E 167 6.00 25.37 -5.23
N LEU E 168 4.72 25.19 -4.90
CA LEU E 168 4.32 24.08 -4.05
C LEU E 168 4.59 22.75 -4.73
N HIS E 169 4.26 22.63 -6.02
CA HIS E 169 4.65 21.44 -6.82
C HIS E 169 6.17 21.21 -6.65
N ARG E 170 6.98 22.24 -6.87
CA ARG E 170 8.46 22.15 -6.79
C ARG E 170 8.93 21.66 -5.43
N TYR E 171 8.46 22.30 -4.38
CA TYR E 171 8.73 21.84 -3.01
C TYR E 171 8.28 20.41 -2.75
N LEU E 172 7.17 20.00 -3.34
CA LEU E 172 6.66 18.63 -3.13
C LEU E 172 7.57 17.55 -3.67
N LYS E 173 8.11 17.78 -4.88
CA LYS E 173 9.12 16.90 -5.48
C LYS E 173 10.37 16.82 -4.61
N ASN E 174 10.92 17.98 -4.27
CA ASN E 174 12.21 18.07 -3.56
C ASN E 174 12.32 17.42 -2.18
N GLY E 175 11.21 17.10 -1.56
CA GLY E 175 11.20 16.22 -0.38
C GLY E 175 10.10 15.22 -0.58
N ASN E 176 10.11 14.51 -1.72
CA ASN E 176 9.03 13.57 -2.09
C ASN E 176 9.08 12.29 -1.25
N ALA E 177 10.20 12.06 -0.55
CA ALA E 177 10.33 11.00 0.48
C ALA E 177 9.87 11.43 1.88
N THR E 178 10.24 12.65 2.28
CA THR E 178 9.98 13.20 3.63
C THR E 178 8.49 13.25 4.03
N LEU E 179 7.61 13.62 3.08
CA LEU E 179 6.18 13.90 3.34
C LEU E 179 5.17 12.87 2.76
N LEU E 180 5.61 12.04 1.80
CA LEU E 180 4.73 11.14 0.99
C LEU E 180 3.68 10.37 1.81
N ARG E 181 4.08 9.93 3.00
CA ARG E 181 3.27 9.09 3.91
C ARG E 181 2.72 9.84 5.15
N THR E 182 2.10 9.08 6.05
CA THR E 182 1.55 9.58 7.31
C THR E 182 1.69 8.49 8.38
N ASP E 183 2.14 8.88 9.57
CA ASP E 183 2.37 7.95 10.70
C ASP E 183 1.07 7.52 11.35
N SER E 184 0.66 6.28 11.12
CA SER E 184 -0.53 5.76 11.80
C SER E 184 -0.35 5.77 13.33
N PRO E 185 -1.43 5.84 14.09
CA PRO E 185 -1.33 5.83 15.55
C PRO E 185 -1.26 4.44 16.13
N LYS E 186 -0.61 4.32 17.28
CA LYS E 186 -0.61 3.09 18.07
C LYS E 186 -1.51 3.34 19.26
N ALA E 187 -2.43 2.43 19.52
CA ALA E 187 -3.42 2.61 20.58
C ALA E 187 -3.29 1.56 21.68
N HIS E 188 -3.73 1.95 22.88
CA HIS E 188 -3.85 1.02 24.02
C HIS E 188 -4.70 1.62 25.13
N VAL E 189 -5.24 0.77 25.99
CA VAL E 189 -6.13 1.22 27.06
C VAL E 189 -5.45 1.02 28.43
N THR E 190 -5.49 2.06 29.27
CA THR E 190 -4.99 1.98 30.64
C THR E 190 -6.15 1.99 31.65
N HIS E 191 -5.86 1.40 32.80
CA HIS E 191 -6.84 1.14 33.85
C HIS E 191 -6.46 1.92 35.11
N HIS E 192 -7.42 2.66 35.67
CA HIS E 192 -7.19 3.47 36.87
C HIS E 192 -8.40 3.38 37.81
N PRO E 193 -8.31 2.58 38.89
CA PRO E 193 -9.41 2.51 39.87
C PRO E 193 -9.48 3.79 40.67
N ARG E 194 -10.69 4.26 40.99
CA ARG E 194 -10.87 5.60 41.60
C ARG E 194 -11.80 5.74 42.82
N SER E 195 -13.12 5.74 42.58
CA SER E 195 -14.10 5.74 43.64
C SER E 195 -14.39 4.29 43.94
N LYS E 196 -15.22 4.04 44.95
CA LYS E 196 -15.56 2.67 45.34
C LYS E 196 -16.44 2.03 44.26
N GLY E 197 -15.95 0.93 43.68
CA GLY E 197 -16.66 0.18 42.62
C GLY E 197 -16.65 0.75 41.22
N GLU E 198 -15.91 1.85 40.98
CA GLU E 198 -15.80 2.46 39.65
C GLU E 198 -14.34 2.65 39.19
N VAL E 199 -14.12 2.48 37.88
CA VAL E 199 -12.80 2.63 37.25
C VAL E 199 -12.81 3.58 36.04
N THR E 200 -11.62 4.10 35.74
CA THR E 200 -11.39 4.94 34.59
C THR E 200 -10.72 4.06 33.55
N LEU E 201 -11.38 3.93 32.40
CA LEU E 201 -10.75 3.34 31.23
C LEU E 201 -10.31 4.48 30.35
N ARG E 202 -9.00 4.62 30.19
CA ARG E 202 -8.42 5.70 29.40
C ARG E 202 -7.73 5.15 28.14
N CYS E 203 -8.39 5.34 26.99
CA CYS E 203 -7.88 4.92 25.68
C CYS E 203 -6.88 5.93 25.11
N TRP E 204 -5.64 5.51 24.95
CA TRP E 204 -4.60 6.40 24.47
C TRP E 204 -4.47 6.20 22.99
N ALA E 205 -3.86 7.18 22.35
CA ALA E 205 -3.43 7.08 20.97
C ALA E 205 -2.15 7.88 20.84
N LEU E 206 -1.12 7.25 20.30
CA LEU E 206 0.21 7.85 20.32
C LEU E 206 0.96 7.74 18.99
N GLY E 207 1.98 8.59 18.87
CA GLY E 207 2.88 8.60 17.73
C GLY E 207 2.23 8.71 16.37
N PHE E 208 1.28 9.63 16.21
CA PHE E 208 0.57 9.81 14.93
C PHE E 208 0.78 11.15 14.28
N TYR E 209 0.67 11.15 12.94
CA TYR E 209 0.75 12.34 12.11
C TYR E 209 -0.12 12.13 10.87
N PRO E 210 -0.84 13.16 10.39
CA PRO E 210 -0.98 14.46 11.05
C PRO E 210 -1.97 14.40 12.21
N ALA E 211 -2.19 15.53 12.86
CA ALA E 211 -2.86 15.59 14.18
C ALA E 211 -4.36 15.26 14.20
N ASP E 212 -5.02 15.33 13.06
CA ASP E 212 -6.48 15.14 13.03
C ASP E 212 -6.73 13.70 13.40
N ILE E 213 -7.64 13.48 14.34
CA ILE E 213 -7.94 12.16 14.83
C ILE E 213 -9.21 12.20 15.64
N THR E 214 -9.92 11.09 15.72
CA THR E 214 -11.14 11.01 16.52
C THR E 214 -11.12 9.74 17.37
N LEU E 215 -11.51 9.88 18.64
CA LEU E 215 -11.58 8.79 19.60
C LEU E 215 -13.01 8.67 20.12
N THR E 216 -13.54 7.46 20.14
CA THR E 216 -14.91 7.25 20.62
C THR E 216 -15.01 5.99 21.46
N TRP E 217 -15.64 6.13 22.61
CA TRP E 217 -15.97 5.01 23.48
C TRP E 217 -17.37 4.55 23.17
N GLN E 218 -17.52 3.23 23.00
CA GLN E 218 -18.83 2.65 22.82
C GLN E 218 -19.16 1.67 23.96
N LEU E 219 -20.38 1.78 24.50
CA LEU E 219 -20.97 0.73 25.34
C LEU E 219 -21.57 -0.33 24.40
N ASN E 220 -20.71 -1.22 23.93
CA ASN E 220 -21.10 -2.36 23.08
C ASN E 220 -21.56 -2.01 21.64
N GLY E 221 -21.62 -0.73 21.31
CA GLY E 221 -22.28 -0.24 20.10
C GLY E 221 -22.85 1.18 20.25
N GLU E 222 -23.19 1.58 21.48
CA GLU E 222 -23.67 2.94 21.78
C GLU E 222 -22.57 3.93 22.22
N GLU E 223 -22.32 4.95 21.39
CA GLU E 223 -21.36 6.03 21.68
C GLU E 223 -21.79 6.89 22.87
N LEU E 224 -20.87 7.73 23.39
CA LEU E 224 -21.14 8.59 24.56
C LEU E 224 -20.63 10.06 24.42
N THR E 225 -21.56 10.98 24.16
CA THR E 225 -21.40 12.41 24.52
C THR E 225 -21.82 12.67 26.00
N GLN E 226 -22.40 11.63 26.61
CA GLN E 226 -22.58 11.47 28.05
C GLN E 226 -21.21 11.38 28.75
N ASP E 227 -20.72 12.53 29.20
CA ASP E 227 -19.56 12.64 30.10
C ASP E 227 -18.40 11.65 29.84
N MET E 228 -17.98 11.58 28.58
CA MET E 228 -16.68 11.03 28.23
C MET E 228 -15.68 12.18 28.42
N GLU E 229 -14.47 11.84 28.86
CA GLU E 229 -13.40 12.83 29.10
C GLU E 229 -12.30 12.70 28.04
N LEU E 230 -11.84 13.82 27.52
CA LEU E 230 -10.73 13.85 26.56
C LEU E 230 -9.72 14.96 26.88
N VAL E 231 -8.73 15.11 26.02
CA VAL E 231 -7.82 16.27 26.04
C VAL E 231 -7.54 16.71 24.62
N GLU E 232 -7.25 17.99 24.46
CA GLU E 232 -6.91 18.49 23.13
C GLU E 232 -5.74 17.69 22.66
N THR E 233 -5.76 17.33 21.37
CA THR E 233 -4.62 16.76 20.69
C THR E 233 -3.42 17.64 20.91
N ARG E 234 -2.30 16.98 21.23
CA ARG E 234 -1.06 17.63 21.73
C ARG E 234 0.14 17.00 21.05
N PRO E 235 1.17 17.79 20.79
CA PRO E 235 2.37 17.25 20.17
C PRO E 235 3.27 16.54 21.17
N ALA E 236 3.76 15.36 20.78
CA ALA E 236 4.82 14.65 21.51
C ALA E 236 6.14 15.43 21.50
N GLY E 237 6.33 16.30 20.53
CA GLY E 237 7.55 17.12 20.46
C GLY E 237 8.56 16.54 19.47
N ASP E 238 8.33 15.30 19.03
CA ASP E 238 9.19 14.62 18.06
C ASP E 238 8.62 14.73 16.65
N GLY E 239 7.64 15.61 16.44
CA GLY E 239 6.91 15.71 15.17
C GLY E 239 5.68 14.81 15.00
N THR E 240 5.32 14.03 16.03
CA THR E 240 4.09 13.22 16.10
C THR E 240 3.16 13.76 17.22
N PHE E 241 1.97 13.16 17.38
CA PHE E 241 0.93 13.71 18.26
C PHE E 241 0.29 12.67 19.14
N GLN E 242 -0.40 13.15 20.16
CA GLN E 242 -1.03 12.30 21.18
C GLN E 242 -2.42 12.80 21.48
N LYS E 243 -3.31 11.88 21.81
CA LYS E 243 -4.62 12.21 22.36
C LYS E 243 -5.09 11.03 23.18
N TRP E 244 -5.92 11.30 24.16
CA TRP E 244 -6.58 10.23 24.90
C TRP E 244 -8.01 10.57 25.17
N ALA E 245 -8.83 9.54 25.30
CA ALA E 245 -10.20 9.67 25.75
C ALA E 245 -10.46 8.65 26.84
N SER E 246 -11.16 9.06 27.90
CA SER E 246 -11.45 8.20 29.04
C SER E 246 -12.93 8.24 29.39
N VAL E 247 -13.39 7.20 30.06
CA VAL E 247 -14.76 7.21 30.57
C VAL E 247 -14.88 6.44 31.89
N VAL E 248 -15.85 6.86 32.71
CA VAL E 248 -16.29 6.16 33.94
C VAL E 248 -16.93 4.79 33.65
N VAL E 249 -16.50 3.76 34.39
CA VAL E 249 -16.92 2.38 34.14
C VAL E 249 -17.11 1.60 35.46
N PRO E 250 -18.23 0.85 35.60
CA PRO E 250 -18.39 -0.15 36.67
C PRO E 250 -17.22 -1.17 36.73
N LEU E 251 -16.63 -1.32 37.93
CA LEU E 251 -15.49 -2.26 38.10
C LEU E 251 -16.00 -3.69 37.83
N GLY E 252 -15.31 -4.41 36.96
CA GLY E 252 -15.72 -5.76 36.54
C GLY E 252 -16.50 -5.79 35.23
N LYS E 253 -17.61 -5.03 35.19
CA LYS E 253 -18.39 -4.84 33.94
C LYS E 253 -17.68 -3.84 33.01
N GLU E 254 -16.58 -4.29 32.41
CA GLU E 254 -15.62 -3.41 31.69
C GLU E 254 -15.11 -3.90 30.32
N GLN E 255 -15.52 -5.10 29.89
CA GLN E 255 -15.22 -5.58 28.54
C GLN E 255 -16.35 -5.24 27.57
N ASN E 256 -17.48 -4.73 28.10
CA ASN E 256 -18.55 -4.16 27.28
C ASN E 256 -18.14 -2.83 26.62
N TYR E 257 -16.96 -2.31 26.99
CA TYR E 257 -16.50 -0.99 26.61
C TYR E 257 -15.36 -1.07 25.59
N THR E 258 -15.68 -0.64 24.36
CA THR E 258 -14.74 -0.62 23.21
C THR E 258 -14.42 0.83 22.79
N CYS E 259 -13.13 1.15 22.80
CA CYS E 259 -12.61 2.40 22.26
C CYS E 259 -12.38 2.21 20.75
N ARG E 260 -12.83 3.15 19.92
CA ARG E 260 -12.52 3.14 18.49
C ARG E 260 -11.67 4.35 18.13
N VAL E 261 -10.77 4.19 17.17
CA VAL E 261 -9.81 5.24 16.77
C VAL E 261 -9.69 5.41 15.26
N TYR E 262 -9.94 6.64 14.79
CA TYR E 262 -10.09 6.96 13.38
C TYR E 262 -9.02 7.96 12.99
N HIS E 263 -8.21 7.64 12.00
CA HIS E 263 -7.12 8.55 11.59
C HIS E 263 -6.82 8.22 10.13
N GLU E 264 -6.27 9.18 9.39
CA GLU E 264 -6.17 9.07 7.92
C GLU E 264 -5.18 8.04 7.39
N GLY E 265 -4.02 7.96 8.00
CA GLY E 265 -3.07 6.87 7.78
C GLY E 265 -3.57 5.45 8.06
N LEU E 266 -4.64 5.31 8.84
CA LEU E 266 -5.21 4.00 9.11
C LEU E 266 -5.83 3.39 7.88
N PRO E 267 -5.59 2.10 7.65
CA PRO E 267 -6.29 1.41 6.58
C PRO E 267 -7.78 1.40 6.88
N GLU E 268 -8.09 1.11 8.13
CA GLU E 268 -9.43 1.19 8.64
C GLU E 268 -9.30 1.52 10.11
N PRO E 269 -10.40 1.87 10.76
CA PRO E 269 -10.29 2.31 12.15
C PRO E 269 -9.93 1.16 13.08
N LEU E 270 -9.37 1.48 14.23
CA LEU E 270 -8.99 0.48 15.22
C LEU E 270 -10.12 0.31 16.20
N THR E 271 -10.39 -0.93 16.57
CA THR E 271 -11.24 -1.25 17.72
C THR E 271 -10.30 -1.80 18.80
N LEU E 272 -10.44 -1.28 20.02
CA LEU E 272 -9.69 -1.80 21.17
C LEU E 272 -10.55 -1.85 22.41
N ARG E 273 -10.21 -2.77 23.32
CA ARG E 273 -10.73 -2.73 24.69
C ARG E 273 -9.64 -3.10 25.67
N TRP E 274 -9.96 -2.99 26.96
CA TRP E 274 -9.01 -3.27 28.06
C TRP E 274 -8.54 -4.72 28.02
N GLU E 275 -7.23 -4.91 27.99
CA GLU E 275 -6.62 -6.25 28.00
C GLU E 275 -5.73 -6.39 29.26
N PRO E 276 -6.24 -7.08 30.31
CA PRO E 276 -5.49 -7.15 31.56
C PRO E 276 -4.33 -8.15 31.46
N ILE F 1 -8.87 42.24 22.09
CA ILE F 1 -9.17 41.56 23.42
C ILE F 1 -8.19 40.40 23.68
N GLN F 2 -8.04 40.06 24.96
CA GLN F 2 -7.08 39.08 25.41
C GLN F 2 -7.78 37.72 25.39
N LYS F 3 -7.17 36.73 24.75
CA LYS F 3 -7.61 35.35 24.87
C LYS F 3 -6.67 34.73 25.90
N THR F 4 -7.21 33.80 26.67
CA THR F 4 -6.56 33.29 27.89
C THR F 4 -5.99 31.86 27.64
N PRO F 5 -4.69 31.62 27.95
CA PRO F 5 -3.94 30.39 27.58
C PRO F 5 -4.40 29.06 28.15
N GLN F 6 -4.62 28.07 27.30
CA GLN F 6 -4.83 26.71 27.69
C GLN F 6 -3.47 26.06 27.83
N ILE F 7 -3.38 25.18 28.82
CA ILE F 7 -2.12 24.56 29.19
C ILE F 7 -2.27 23.05 29.38
N GLN F 8 -1.39 22.29 28.77
CA GLN F 8 -1.24 20.85 29.08
C GLN F 8 0.18 20.60 29.50
N VAL F 9 0.32 19.72 30.51
CA VAL F 9 1.66 19.27 30.94
C VAL F 9 1.74 17.76 30.88
N TYR F 10 2.70 17.25 30.16
CA TYR F 10 2.76 15.81 29.85
C TYR F 10 4.15 15.42 29.35
N SER F 11 4.39 14.12 29.30
CA SER F 11 5.67 13.56 28.88
C SER F 11 5.59 13.00 27.46
N ARG F 12 6.69 13.07 26.71
CA ARG F 12 6.77 12.54 25.35
C ARG F 12 6.49 11.03 25.35
N HIS F 13 7.32 10.30 26.07
CA HIS F 13 7.23 8.83 26.11
C HIS F 13 6.53 8.48 27.40
N PRO F 14 5.81 7.35 27.45
CA PRO F 14 5.13 7.01 28.71
C PRO F 14 6.16 6.88 29.85
N PRO F 15 5.80 7.27 31.08
CA PRO F 15 6.85 7.44 32.07
C PRO F 15 7.09 6.16 32.89
N GLU F 16 8.36 5.93 33.21
CA GLU F 16 8.82 4.90 34.15
C GLU F 16 9.78 5.61 35.12
N ASN F 17 9.59 5.45 36.43
CA ASN F 17 10.50 6.11 37.35
C ASN F 17 11.94 5.68 37.05
N GLY F 18 12.86 6.64 36.99
CA GLY F 18 14.27 6.34 36.68
C GLY F 18 14.67 6.33 35.22
N LYS F 19 13.69 6.14 34.32
CA LYS F 19 13.86 6.26 32.85
C LYS F 19 13.87 7.71 32.32
N PRO F 20 14.98 8.16 31.67
CA PRO F 20 14.93 9.55 31.16
C PRO F 20 13.85 9.75 30.07
N ASN F 21 13.36 10.99 30.00
CA ASN F 21 12.18 11.32 29.23
C ASN F 21 12.20 12.84 28.91
N ILE F 22 11.28 13.27 28.05
CA ILE F 22 11.05 14.70 27.81
C ILE F 22 9.69 15.08 28.37
N LEU F 23 9.66 16.21 29.06
CA LEU F 23 8.43 16.76 29.64
C LEU F 23 7.99 18.02 28.91
N ASN F 24 6.76 17.98 28.40
CA ASN F 24 6.21 19.05 27.58
C ASN F 24 5.23 19.95 28.33
N CYS F 25 5.34 21.25 28.08
CA CYS F 25 4.30 22.20 28.45
C CYS F 25 3.71 22.81 27.20
N TYR F 26 2.56 22.31 26.78
CA TYR F 26 1.91 22.80 25.58
C TYR F 26 1.00 23.95 25.95
N VAL F 27 1.30 25.15 25.44
CA VAL F 27 0.49 26.34 25.74
C VAL F 27 -0.15 26.88 24.48
N THR F 28 -1.46 27.03 24.52
CA THR F 28 -2.23 27.33 23.31
C THR F 28 -3.34 28.34 23.58
N GLN F 29 -3.95 28.80 22.50
CA GLN F 29 -5.17 29.59 22.54
C GLN F 29 -5.02 30.92 23.24
N PHE F 30 -3.85 31.53 23.14
CA PHE F 30 -3.64 32.78 23.83
C PHE F 30 -3.39 33.90 22.84
N HIS F 31 -3.53 35.12 23.36
CA HIS F 31 -3.35 36.34 22.61
C HIS F 31 -3.42 37.46 23.64
N PRO F 32 -2.48 38.42 23.64
CA PRO F 32 -1.47 38.61 22.60
C PRO F 32 -0.33 37.62 22.74
N PRO F 33 0.54 37.54 21.70
CA PRO F 33 1.55 36.50 21.67
C PRO F 33 2.69 36.62 22.72
N HIS F 34 2.83 37.76 23.41
CA HIS F 34 3.78 37.85 24.51
C HIS F 34 3.31 37.05 25.73
N ILE F 35 4.16 36.09 26.11
CA ILE F 35 3.86 35.14 27.16
C ILE F 35 5.15 34.70 27.83
N GLU F 36 5.10 34.36 29.12
CA GLU F 36 6.26 33.80 29.82
C GLU F 36 5.93 32.41 30.33
N ILE F 37 6.84 31.48 30.05
CA ILE F 37 6.65 30.09 30.46
C ILE F 37 7.87 29.60 31.25
N GLN F 38 7.64 29.19 32.50
CA GLN F 38 8.63 28.49 33.29
C GLN F 38 8.15 27.05 33.49
N MET F 39 9.13 26.15 33.63
CA MET F 39 8.91 24.77 34.06
C MET F 39 9.62 24.57 35.40
N LEU F 40 8.95 23.86 36.31
CA LEU F 40 9.40 23.78 37.70
C LEU F 40 9.53 22.34 38.16
N LYS F 41 10.62 22.05 38.88
CA LYS F 41 10.83 20.77 39.55
C LYS F 41 10.78 21.11 41.02
N ASN F 42 9.85 20.45 41.74
CA ASN F 42 9.70 20.66 43.17
C ASN F 42 9.68 22.14 43.55
N GLY F 43 8.87 22.90 42.82
CA GLY F 43 8.73 24.33 43.03
C GLY F 43 9.88 25.22 42.56
N LYS F 44 10.95 24.61 42.01
CA LYS F 44 12.14 25.33 41.60
C LYS F 44 12.33 25.35 40.09
N LYS F 45 12.56 26.55 39.56
CA LYS F 45 12.77 26.80 38.14
C LYS F 45 13.84 25.90 37.51
N ILE F 46 13.43 25.07 36.56
CA ILE F 46 14.38 24.28 35.75
C ILE F 46 15.08 25.26 34.82
N PRO F 47 16.43 25.19 34.75
CA PRO F 47 17.14 26.34 34.15
C PRO F 47 17.16 26.38 32.62
N LYS F 48 17.53 25.28 31.97
CA LYS F 48 17.67 25.25 30.51
C LYS F 48 16.50 24.51 29.87
N VAL F 49 15.55 25.31 29.39
CA VAL F 49 14.25 24.86 28.91
C VAL F 49 14.11 25.26 27.43
N GLU F 50 13.83 24.27 26.59
CA GLU F 50 13.60 24.51 25.17
C GLU F 50 12.26 25.25 24.94
N MET F 51 12.28 26.26 24.07
CA MET F 51 11.08 27.03 23.71
C MET F 51 10.94 27.04 22.18
N SER F 52 9.95 26.32 21.68
CA SER F 52 9.59 26.39 20.25
C SER F 52 9.21 27.82 19.87
N ASP F 53 9.32 28.17 18.59
CA ASP F 53 9.16 29.59 18.16
C ASP F 53 7.71 30.05 17.99
N MET F 54 7.51 31.36 18.04
CA MET F 54 6.19 31.99 17.87
C MET F 54 5.42 31.37 16.71
N SER F 55 4.19 30.93 16.92
CA SER F 55 3.39 30.31 15.85
C SER F 55 1.95 30.54 16.14
N PHE F 56 1.13 30.54 15.10
CA PHE F 56 -0.29 30.72 15.33
C PHE F 56 -1.13 29.79 14.51
N SER F 57 -2.32 29.50 15.03
CA SER F 57 -3.18 28.53 14.43
C SER F 57 -4.11 29.23 13.45
N LYS F 58 -4.88 28.46 12.70
CA LYS F 58 -5.78 29.04 11.70
C LYS F 58 -6.89 29.90 12.32
N ASP F 59 -7.07 29.84 13.64
CA ASP F 59 -8.01 30.75 14.31
C ASP F 59 -7.33 32.00 14.86
N TRP F 60 -6.05 32.22 14.52
CA TRP F 60 -5.26 33.41 14.92
C TRP F 60 -4.68 33.35 16.32
N SER F 61 -5.06 32.34 17.10
CA SER F 61 -4.53 32.22 18.45
C SER F 61 -3.11 31.67 18.40
N PHE F 62 -2.31 32.15 19.32
CA PHE F 62 -0.94 31.68 19.44
C PHE F 62 -0.78 30.41 20.24
N TYR F 63 0.33 29.73 19.98
CA TYR F 63 0.72 28.51 20.69
C TYR F 63 2.23 28.37 20.73
N ILE F 64 2.71 27.97 21.89
CA ILE F 64 4.12 27.68 22.09
C ILE F 64 4.25 26.30 22.74
N LEU F 65 5.31 25.56 22.37
CA LEU F 65 5.67 24.33 23.07
C LEU F 65 6.98 24.53 23.82
N ALA F 66 6.91 24.34 25.14
CA ALA F 66 8.09 24.32 26.00
C ALA F 66 8.37 22.86 26.36
N HIS F 67 9.64 22.49 26.32
CA HIS F 67 10.04 21.14 26.74
C HIS F 67 11.43 21.11 27.39
N THR F 68 11.68 20.01 28.09
CA THR F 68 12.95 19.81 28.80
C THR F 68 13.18 18.35 29.10
N GLU F 69 14.44 18.01 29.32
CA GLU F 69 14.82 16.66 29.67
C GLU F 69 14.50 16.49 31.15
N PHE F 70 13.96 15.33 31.49
CA PHE F 70 13.69 15.03 32.89
C PHE F 70 13.74 13.53 33.18
N THR F 71 14.12 13.20 34.41
CA THR F 71 14.07 11.81 34.84
C THR F 71 13.10 11.68 36.01
N PRO F 72 11.90 11.14 35.74
CA PRO F 72 10.82 11.10 36.73
C PRO F 72 11.21 10.16 37.85
N THR F 73 11.02 10.63 39.06
CA THR F 73 11.21 9.81 40.26
C THR F 73 9.85 9.61 40.90
N GLU F 74 9.82 8.72 41.87
CA GLU F 74 8.64 8.42 42.68
C GLU F 74 7.96 9.68 43.23
N THR F 75 8.80 10.60 43.65
CA THR F 75 8.44 11.62 44.62
C THR F 75 8.48 13.07 44.09
N ASP F 76 9.29 13.33 43.05
CA ASP F 76 9.45 14.65 42.48
C ASP F 76 8.17 15.10 41.79
N THR F 77 7.79 16.35 42.04
CA THR F 77 6.68 16.95 41.33
C THR F 77 7.20 17.97 40.34
N TYR F 78 6.52 17.98 39.19
CA TYR F 78 6.90 18.79 38.05
C TYR F 78 5.70 19.65 37.66
N ALA F 79 5.96 20.89 37.30
CA ALA F 79 4.91 21.85 36.97
C ALA F 79 5.33 22.83 35.89
N CYS F 80 4.35 23.51 35.32
CA CYS F 80 4.55 24.58 34.36
C CYS F 80 3.86 25.85 34.85
N ARG F 81 4.58 26.96 34.83
CA ARG F 81 4.04 28.23 35.30
C ARG F 81 4.02 29.24 34.16
N VAL F 82 2.84 29.77 33.87
CA VAL F 82 2.59 30.63 32.72
C VAL F 82 2.18 32.03 33.16
N LYS F 83 2.88 33.05 32.67
CA LYS F 83 2.51 34.46 32.91
C LYS F 83 2.07 35.11 31.58
N HIS F 84 0.92 35.80 31.61
CA HIS F 84 0.31 36.38 30.40
C HIS F 84 -0.72 37.44 30.80
N ASP F 85 -0.84 38.51 30.02
CA ASP F 85 -1.70 39.67 30.42
C ASP F 85 -3.16 39.29 30.72
N SER F 86 -3.66 38.31 29.98
CA SER F 86 -5.02 37.78 30.17
C SER F 86 -5.33 37.33 31.58
N MET F 87 -4.31 37.15 32.40
CA MET F 87 -4.49 36.72 33.77
C MET F 87 -3.64 37.55 34.70
N ALA F 88 -4.26 37.95 35.80
CA ALA F 88 -3.64 38.82 36.80
C ALA F 88 -2.46 38.12 37.49
N GLU F 89 -2.67 36.86 37.85
CA GLU F 89 -1.64 36.05 38.49
C GLU F 89 -1.13 34.95 37.58
N PRO F 90 0.15 34.57 37.76
CA PRO F 90 0.67 33.40 37.05
C PRO F 90 -0.18 32.16 37.29
N LYS F 91 -0.24 31.28 36.31
CA LYS F 91 -1.00 30.05 36.43
C LYS F 91 -0.03 28.89 36.44
N THR F 92 -0.18 28.02 37.43
CA THR F 92 0.63 26.84 37.55
C THR F 92 -0.23 25.63 37.28
N VAL F 93 0.19 24.74 36.39
CA VAL F 93 -0.47 23.41 36.27
C VAL F 93 0.53 22.28 36.44
N TYR F 94 0.15 21.32 37.30
CA TYR F 94 1.04 20.29 37.79
C TYR F 94 1.01 19.14 36.83
N TRP F 95 2.18 18.51 36.65
CA TRP F 95 2.28 17.30 35.85
C TRP F 95 1.59 16.15 36.58
N ASP F 96 0.70 15.49 35.88
CA ASP F 96 0.03 14.32 36.33
C ASP F 96 0.46 13.22 35.36
N ARG F 97 1.25 12.27 35.86
CA ARG F 97 1.76 11.13 35.07
C ARG F 97 0.68 10.26 34.40
N ASP F 98 -0.53 10.25 34.95
CA ASP F 98 -1.64 9.46 34.41
C ASP F 98 -2.34 10.10 33.23
N MET F 99 -2.53 11.42 33.28
CA MET F 99 -3.44 12.11 32.35
C MET F 99 -2.65 13.04 31.40
N GLY G 1 5.00 -9.66 3.40
CA GLY G 1 6.19 -9.40 4.28
C GLY G 1 6.74 -10.62 5.01
N PRO G 2 7.86 -11.21 4.50
CA PRO G 2 8.70 -12.15 5.27
C PRO G 2 9.66 -11.43 6.20
N HIS G 3 10.10 -12.12 7.25
CA HIS G 3 10.84 -11.48 8.35
C HIS G 3 11.94 -12.38 8.90
N SER G 4 12.80 -11.78 9.72
CA SER G 4 13.97 -12.45 10.25
C SER G 4 14.45 -11.83 11.53
N MET G 5 15.23 -12.59 12.28
CA MET G 5 15.98 -12.07 13.42
C MET G 5 17.36 -12.71 13.44
N ARG G 6 18.35 -11.96 13.91
CA ARG G 6 19.71 -12.45 14.01
C ARG G 6 20.40 -11.91 15.23
N TYR G 7 21.34 -12.68 15.72
CA TYR G 7 22.27 -12.21 16.71
C TYR G 7 23.71 -12.52 16.24
N PHE G 8 24.47 -11.45 16.02
CA PHE G 8 25.83 -11.48 15.55
C PHE G 8 26.74 -11.22 16.74
N GLU G 9 27.41 -12.23 17.23
CA GLU G 9 28.33 -12.08 18.36
C GLU G 9 29.76 -12.16 17.85
N THR G 10 30.66 -11.44 18.52
CA THR G 10 32.08 -11.34 18.16
C THR G 10 32.90 -11.29 19.42
N ALA G 11 34.02 -11.98 19.46
CA ALA G 11 35.00 -11.81 20.52
C ALA G 11 36.38 -11.65 19.92
N VAL G 12 37.09 -10.61 20.36
CA VAL G 12 38.37 -10.24 19.77
C VAL G 12 39.43 -10.25 20.83
N SER G 13 40.49 -11.00 20.57
CA SER G 13 41.68 -10.98 21.39
C SER G 13 42.76 -10.26 20.59
N ARG G 14 43.54 -9.41 21.29
CA ARG G 14 44.64 -8.63 20.71
C ARG G 14 45.89 -8.84 21.59
N PRO G 15 47.10 -8.72 21.01
CA PRO G 15 48.29 -9.46 21.52
C PRO G 15 48.62 -9.29 23.01
N GLY G 16 48.50 -8.06 23.49
CA GLY G 16 48.70 -7.73 24.90
C GLY G 16 47.43 -7.44 25.70
N LEU G 17 46.31 -7.11 25.03
CA LEU G 17 44.99 -6.98 25.68
C LEU G 17 44.78 -8.08 26.73
N GLU G 18 44.25 -7.72 27.89
CA GLU G 18 44.16 -8.66 29.00
C GLU G 18 43.13 -9.76 28.68
N GLU G 19 41.86 -9.37 28.59
CA GLU G 19 40.71 -10.23 28.29
C GLU G 19 40.17 -9.82 26.90
N PRO G 20 39.60 -10.76 26.14
CA PRO G 20 38.91 -10.46 24.89
C PRO G 20 37.74 -9.52 25.08
N ARG G 21 37.48 -8.75 24.05
CA ARG G 21 36.33 -7.90 23.99
C ARG G 21 35.17 -8.65 23.33
N TYR G 22 34.01 -8.65 23.99
CA TYR G 22 32.83 -9.37 23.52
C TYR G 22 31.81 -8.34 23.08
N ILE G 23 31.15 -8.60 21.95
CA ILE G 23 30.21 -7.66 21.35
C ILE G 23 29.10 -8.46 20.68
N SER G 24 27.86 -8.10 20.98
CA SER G 24 26.67 -8.82 20.49
C SER G 24 25.67 -7.81 19.98
N VAL G 25 25.13 -8.08 18.81
CA VAL G 25 24.31 -7.14 18.13
C VAL G 25 23.14 -7.94 17.63
N GLY G 26 21.95 -7.46 17.96
CA GLY G 26 20.73 -8.12 17.54
C GLY G 26 20.13 -7.36 16.40
N TYR G 27 19.58 -8.09 15.43
CA TYR G 27 18.97 -7.48 14.25
C TYR G 27 17.58 -8.06 14.11
N VAL G 28 16.59 -7.20 13.91
CA VAL G 28 15.27 -7.64 13.47
C VAL G 28 15.09 -7.00 12.11
N ASP G 29 14.64 -7.83 11.17
CA ASP G 29 14.63 -7.53 9.74
C ASP G 29 15.84 -6.72 9.26
N ASN G 30 17.04 -7.23 9.58
CA ASN G 30 18.31 -6.59 9.21
C ASN G 30 18.57 -5.22 9.80
N LYS G 31 17.70 -4.73 10.66
CA LYS G 31 17.89 -3.44 11.27
C LYS G 31 18.37 -3.70 12.67
N GLU G 32 19.49 -3.06 13.02
CA GLU G 32 20.05 -3.19 14.36
C GLU G 32 19.01 -2.77 15.37
N PHE G 33 18.84 -3.57 16.43
CA PHE G 33 17.78 -3.31 17.42
C PHE G 33 18.18 -3.50 18.88
N VAL G 34 19.22 -4.27 19.18
CA VAL G 34 19.84 -4.23 20.52
C VAL G 34 21.35 -4.37 20.38
N ARG G 35 22.08 -4.18 21.48
CA ARG G 35 23.52 -4.21 21.44
C ARG G 35 24.13 -4.27 22.83
N PHE G 36 25.14 -5.12 22.97
CA PHE G 36 25.95 -5.25 24.17
C PHE G 36 27.41 -5.09 23.77
N ASP G 37 28.20 -4.49 24.65
CA ASP G 37 29.64 -4.29 24.39
C ASP G 37 30.44 -4.26 25.71
N SER G 38 31.33 -5.23 25.90
CA SER G 38 32.05 -5.42 27.16
C SER G 38 33.02 -4.30 27.51
N ASP G 39 33.35 -3.45 26.51
CA ASP G 39 34.22 -2.28 26.70
C ASP G 39 33.50 -1.09 27.33
N ALA G 40 32.19 -1.00 27.14
CA ALA G 40 31.37 0.02 27.81
C ALA G 40 31.68 0.12 29.30
N GLU G 41 31.54 1.32 29.86
CA GLU G 41 31.89 1.61 31.27
C GLU G 41 31.06 0.73 32.21
N ASN G 42 29.77 0.68 31.94
CA ASN G 42 28.90 -0.32 32.52
C ASN G 42 28.35 -1.21 31.38
N PRO G 43 28.92 -2.42 31.20
CA PRO G 43 28.44 -3.30 30.14
C PRO G 43 27.00 -3.79 30.36
N ARG G 44 26.13 -3.48 29.39
CA ARG G 44 24.73 -3.84 29.41
C ARG G 44 24.21 -3.89 27.97
N TYR G 45 23.18 -4.69 27.74
CA TYR G 45 22.41 -4.57 26.50
C TYR G 45 21.61 -3.26 26.53
N GLU G 46 21.85 -2.37 25.55
CA GLU G 46 21.04 -1.16 25.34
C GLU G 46 20.10 -1.38 24.15
N PRO G 47 18.89 -0.77 24.16
CA PRO G 47 18.12 -0.75 22.92
C PRO G 47 18.77 0.14 21.90
N ARG G 48 18.36 -0.04 20.66
CA ARG G 48 18.99 0.60 19.51
C ARG G 48 18.01 1.15 18.46
N ALA G 49 16.74 0.77 18.57
CA ALA G 49 15.64 1.39 17.86
C ALA G 49 14.65 1.98 18.88
N PRO G 50 13.99 3.12 18.53
CA PRO G 50 12.93 3.68 19.37
C PRO G 50 12.02 2.61 20.00
N TRP G 51 11.37 1.82 19.15
CA TRP G 51 10.33 0.84 19.58
C TRP G 51 10.75 -0.19 20.64
N MET G 52 12.04 -0.28 20.94
CA MET G 52 12.53 -1.20 21.96
C MET G 52 12.61 -0.62 23.36
N GLU G 53 12.53 0.71 23.50
CA GLU G 53 12.42 1.29 24.84
C GLU G 53 11.11 1.05 25.57
N GLN G 54 10.15 0.42 24.86
CA GLN G 54 8.98 -0.36 25.32
C GLN G 54 9.22 -1.57 26.22
N GLU G 55 10.45 -1.83 26.68
CA GLU G 55 10.75 -3.11 27.34
C GLU G 55 11.19 -2.87 28.78
N GLY G 56 10.61 -3.63 29.69
CA GLY G 56 10.80 -3.41 31.11
C GLY G 56 12.15 -3.90 31.58
N PRO G 57 12.80 -3.16 32.49
CA PRO G 57 14.16 -3.49 32.97
C PRO G 57 14.47 -4.96 33.28
N GLU G 58 13.49 -5.77 33.68
CA GLU G 58 13.74 -7.22 33.88
C GLU G 58 14.24 -7.92 32.61
N TYR G 59 13.64 -7.58 31.48
CA TYR G 59 14.17 -7.95 30.16
C TYR G 59 15.66 -7.57 29.98
N TRP G 60 16.01 -6.29 30.15
CA TRP G 60 17.42 -5.85 30.06
C TRP G 60 18.39 -6.51 31.07
N GLU G 61 17.92 -6.88 32.25
CA GLU G 61 18.77 -7.61 33.21
C GLU G 61 19.03 -9.05 32.75
N ARG G 62 17.98 -9.74 32.28
CA ARG G 62 18.10 -11.16 31.85
C ARG G 62 19.05 -11.24 30.64
N GLU G 63 18.79 -10.43 29.61
CA GLU G 63 19.67 -10.34 28.44
C GLU G 63 21.08 -10.00 28.86
N THR G 64 21.25 -8.91 29.59
CA THR G 64 22.58 -8.56 30.11
C THR G 64 23.26 -9.72 30.84
N GLN G 65 22.52 -10.49 31.60
CA GLN G 65 23.12 -11.70 32.21
C GLN G 65 23.58 -12.75 31.19
N LYS G 66 22.70 -13.16 30.26
CA LYS G 66 23.12 -13.96 29.11
C LYS G 66 24.46 -13.48 28.51
N ALA G 67 24.51 -12.20 28.16
CA ALA G 67 25.70 -11.61 27.60
C ALA G 67 26.92 -11.94 28.41
N LYS G 68 26.82 -11.81 29.72
CA LYS G 68 27.99 -12.06 30.58
C LYS G 68 28.42 -13.54 30.53
N GLY G 69 27.44 -14.43 30.42
CA GLY G 69 27.70 -15.83 30.16
C GLY G 69 28.32 -16.12 28.80
N GLN G 70 27.73 -15.52 27.75
CA GLN G 70 28.31 -15.60 26.43
C GLN G 70 29.76 -15.10 26.45
N GLU G 71 30.00 -13.93 27.08
CA GLU G 71 31.37 -13.40 27.18
C GLU G 71 32.33 -14.48 27.69
N GLN G 72 31.95 -15.15 28.77
CA GLN G 72 32.78 -16.24 29.30
C GLN G 72 32.91 -17.42 28.33
N TRP G 73 31.84 -17.76 27.63
CA TRP G 73 31.86 -18.86 26.65
C TRP G 73 32.84 -18.60 25.50
N PHE G 74 32.83 -17.36 25.02
CA PHE G 74 33.77 -16.95 23.98
C PHE G 74 35.22 -16.97 24.49
N ARG G 75 35.42 -16.53 25.73
CA ARG G 75 36.75 -16.59 26.38
C ARG G 75 37.28 -18.00 26.28
N VAL G 76 36.53 -18.95 26.80
CA VAL G 76 37.02 -20.32 26.85
C VAL G 76 37.23 -20.89 25.46
N SER G 77 36.31 -20.58 24.56
CA SER G 77 36.42 -21.07 23.20
C SER G 77 37.68 -20.56 22.47
N LEU G 78 37.90 -19.25 22.53
CA LEU G 78 39.12 -18.61 21.99
C LEU G 78 40.36 -19.30 22.47
N ARG G 79 40.37 -19.59 23.77
CA ARG G 79 41.52 -20.23 24.41
C ARG G 79 41.76 -21.62 23.80
N ASN G 80 40.68 -22.37 23.61
CA ASN G 80 40.81 -23.70 23.04
C ASN G 80 41.25 -23.65 21.58
N LEU G 81 40.78 -22.64 20.86
CA LEU G 81 41.08 -22.51 19.43
C LEU G 81 42.57 -22.32 19.17
N LEU G 82 43.20 -21.46 19.97
CA LEU G 82 44.67 -21.33 19.99
C LEU G 82 45.36 -22.70 20.00
N GLY G 83 44.87 -23.55 20.90
CA GLY G 83 45.42 -24.89 21.04
C GLY G 83 45.12 -25.74 19.82
N TYR G 84 43.87 -25.72 19.37
CA TYR G 84 43.47 -26.53 18.24
C TYR G 84 44.26 -26.14 17.01
N TYR G 85 44.56 -24.85 16.85
CA TYR G 85 45.32 -24.41 15.68
C TYR G 85 46.85 -24.29 15.90
N ASN G 86 47.34 -24.63 17.10
CA ASN G 86 48.77 -24.54 17.43
C ASN G 86 49.31 -23.13 17.11
N GLN G 87 48.49 -22.15 17.43
CA GLN G 87 48.88 -20.77 17.43
C GLN G 87 49.55 -20.48 18.78
N SER G 88 50.66 -19.73 18.77
CA SER G 88 51.30 -19.37 20.02
C SER G 88 50.69 -18.06 20.50
N ALA G 89 51.20 -17.54 21.62
CA ALA G 89 50.70 -16.27 22.17
C ALA G 89 51.21 -15.05 21.39
N GLY G 90 50.61 -13.90 21.69
CA GLY G 90 51.00 -12.63 21.07
C GLY G 90 50.58 -12.46 19.62
N GLY G 91 49.36 -12.91 19.29
CA GLY G 91 48.73 -12.62 17.98
C GLY G 91 47.36 -12.03 18.21
N SER G 92 46.68 -11.65 17.14
CA SER G 92 45.28 -11.20 17.22
C SER G 92 44.36 -12.31 16.74
N HIS G 93 43.21 -12.48 17.41
CA HIS G 93 42.26 -13.52 17.04
C HIS G 93 40.82 -13.08 17.16
N THR G 94 39.98 -13.72 16.37
CA THR G 94 38.58 -13.39 16.28
C THR G 94 37.73 -14.65 16.30
N LEU G 95 36.67 -14.64 17.11
CA LEU G 95 35.66 -15.69 17.05
C LEU G 95 34.33 -15.02 16.86
N GLN G 96 33.54 -15.53 15.93
CA GLN G 96 32.28 -14.91 15.53
C GLN G 96 31.19 -15.95 15.47
N GLN G 97 29.97 -15.50 15.72
CA GLN G 97 28.79 -16.36 15.70
C GLN G 97 27.64 -15.59 15.08
N MET G 98 26.86 -16.26 14.23
CA MET G 98 25.58 -15.73 13.76
C MET G 98 24.55 -16.76 14.14
N SER G 99 23.44 -16.30 14.72
CA SER G 99 22.38 -17.18 15.22
C SER G 99 21.10 -16.47 14.92
N GLY G 100 20.08 -17.19 14.50
CA GLY G 100 18.78 -16.56 14.28
C GLY G 100 17.84 -17.36 13.43
N CYS G 101 16.71 -16.74 13.07
CA CYS G 101 15.63 -17.43 12.36
C CYS G 101 15.01 -16.57 11.30
N ASP G 102 14.43 -17.23 10.29
CA ASP G 102 13.78 -16.60 9.17
C ASP G 102 12.36 -17.07 9.17
N LEU G 103 11.43 -16.14 8.96
CA LEU G 103 10.00 -16.46 8.88
C LEU G 103 9.42 -16.15 7.51
N GLY G 104 8.53 -17.02 7.05
CA GLY G 104 7.76 -16.79 5.83
C GLY G 104 6.80 -15.63 6.08
N SER G 105 6.11 -15.18 5.04
CA SER G 105 5.11 -14.12 5.19
C SER G 105 3.89 -14.61 5.97
N ASP G 106 3.72 -15.92 6.05
CA ASP G 106 2.78 -16.54 7.02
C ASP G 106 3.24 -16.51 8.49
N TRP G 107 4.44 -16.00 8.75
CA TRP G 107 5.02 -15.89 10.11
C TRP G 107 5.47 -17.22 10.72
N ARG G 108 5.49 -18.28 9.92
CA ARG G 108 6.02 -19.59 10.30
C ARG G 108 7.54 -19.59 10.13
N LEU G 109 8.20 -20.52 10.81
CA LEU G 109 9.63 -20.73 10.63
C LEU G 109 9.97 -21.25 9.22
N LEU G 110 11.03 -20.68 8.65
CA LEU G 110 11.54 -21.09 7.36
C LEU G 110 12.90 -21.80 7.57
N ARG G 111 13.84 -21.10 8.19
CA ARG G 111 15.21 -21.58 8.39
C ARG G 111 15.69 -21.13 9.75
N GLY G 112 16.53 -21.92 10.38
CA GLY G 112 17.30 -21.49 11.55
C GLY G 112 18.75 -21.37 11.09
N TYR G 113 19.50 -20.45 11.66
CA TYR G 113 20.91 -20.31 11.36
C TYR G 113 21.65 -20.39 12.66
N LEU G 114 22.77 -21.11 12.64
CA LEU G 114 23.69 -21.20 13.78
C LEU G 114 25.02 -21.48 13.13
N GLN G 115 25.92 -20.50 13.18
CA GLN G 115 27.19 -20.55 12.46
C GLN G 115 28.30 -19.89 13.26
N PHE G 116 29.50 -20.45 13.16
CA PHE G 116 30.67 -19.91 13.82
C PHE G 116 31.79 -19.73 12.83
N ALA G 117 32.62 -18.75 13.14
CA ALA G 117 33.77 -18.49 12.31
C ALA G 117 34.92 -18.12 13.20
N TYR G 118 36.11 -18.58 12.79
CA TYR G 118 37.34 -18.32 13.47
C TYR G 118 38.27 -17.66 12.49
N GLU G 119 38.88 -16.57 12.94
CA GLU G 119 39.72 -15.70 12.10
C GLU G 119 38.99 -15.21 10.83
N GLY G 120 37.69 -15.02 10.90
CA GLY G 120 36.93 -14.66 9.72
C GLY G 120 36.62 -15.78 8.74
N ARG G 121 36.96 -17.02 9.12
CA ARG G 121 36.74 -18.17 8.26
C ARG G 121 35.78 -19.11 8.91
N ASP G 122 34.90 -19.68 8.09
CA ASP G 122 33.94 -20.68 8.52
C ASP G 122 34.64 -21.72 9.34
N TYR G 123 34.09 -22.01 10.50
CA TYR G 123 34.69 -22.96 11.42
C TYR G 123 33.77 -24.14 11.66
N ILE G 124 32.54 -23.87 12.08
CA ILE G 124 31.51 -24.88 12.20
C ILE G 124 30.14 -24.22 12.04
N ALA G 125 29.20 -24.96 11.47
CA ALA G 125 27.83 -24.47 11.29
C ALA G 125 26.78 -25.55 11.43
N LEU G 126 25.65 -25.21 12.03
CA LEU G 126 24.49 -26.09 12.09
C LEU G 126 23.84 -26.10 10.71
N ASN G 127 23.62 -27.29 10.16
CA ASN G 127 22.96 -27.44 8.88
C ASN G 127 21.50 -27.10 9.00
N GLU G 128 20.87 -26.89 7.85
CA GLU G 128 19.44 -26.52 7.75
C GLU G 128 18.49 -27.48 8.48
N ASP G 129 18.86 -28.74 8.53
CA ASP G 129 18.07 -29.74 9.27
C ASP G 129 18.02 -29.50 10.78
N LEU G 130 18.95 -28.68 11.26
CA LEU G 130 19.09 -28.40 12.69
C LEU G 130 19.42 -29.63 13.56
N LYS G 131 20.02 -30.65 12.94
CA LYS G 131 20.46 -31.88 13.65
C LYS G 131 21.92 -32.25 13.41
N THR G 132 22.45 -31.93 12.22
CA THR G 132 23.83 -32.27 11.84
C THR G 132 24.73 -31.05 11.65
N TRP G 133 26.03 -31.24 11.81
CA TRP G 133 26.96 -30.10 11.75
C TRP G 133 27.85 -30.20 10.55
N THR G 134 28.15 -29.07 9.93
CA THR G 134 29.23 -28.95 8.95
C THR G 134 30.46 -28.27 9.55
N ALA G 135 31.63 -28.87 9.31
CA ALA G 135 32.91 -28.30 9.72
C ALA G 135 34.05 -28.78 8.80
N ALA G 136 34.57 -27.86 7.98
CA ALA G 136 35.60 -28.19 7.01
C ALA G 136 36.90 -28.59 7.68
N ASP G 137 37.40 -27.71 8.54
CA ASP G 137 38.81 -27.75 8.95
C ASP G 137 39.13 -28.99 9.78
N MET G 138 40.35 -29.49 9.63
CA MET G 138 40.79 -30.62 10.43
C MET G 138 40.63 -30.29 11.89
N ALA G 139 41.16 -29.14 12.31
CA ALA G 139 41.07 -28.73 13.70
C ALA G 139 39.65 -28.65 14.21
N ALA G 140 38.72 -28.32 13.33
CA ALA G 140 37.30 -28.20 13.73
C ALA G 140 36.59 -29.52 14.03
N GLN G 141 37.19 -30.65 13.63
CA GLN G 141 36.54 -31.95 13.83
C GLN G 141 36.40 -32.29 15.29
N ILE G 142 37.37 -31.84 16.09
CA ILE G 142 37.35 -32.00 17.53
C ILE G 142 36.03 -31.46 18.09
N THR G 143 35.71 -30.23 17.68
CA THR G 143 34.51 -29.57 18.08
C THR G 143 33.29 -30.37 17.58
N ARG G 144 33.27 -30.73 16.31
CA ARG G 144 32.10 -31.45 15.73
C ARG G 144 31.77 -32.67 16.58
N ARG G 145 32.81 -33.38 17.04
CA ARG G 145 32.61 -34.56 17.87
C ARG G 145 32.07 -34.19 19.23
N LYS G 146 32.80 -33.33 19.95
CA LYS G 146 32.34 -32.91 21.28
C LYS G 146 30.84 -32.59 21.24
N TRP G 147 30.41 -31.93 20.18
CA TRP G 147 29.04 -31.42 20.08
C TRP G 147 28.02 -32.44 19.55
N GLU G 148 28.49 -33.36 18.70
CA GLU G 148 27.66 -34.50 18.37
C GLU G 148 27.38 -35.36 19.62
N GLN G 149 28.45 -35.62 20.38
CA GLN G 149 28.44 -36.40 21.60
C GLN G 149 27.46 -35.87 22.63
N SER G 150 27.34 -34.55 22.69
CA SER G 150 26.63 -33.88 23.78
C SER G 150 25.25 -33.29 23.40
N GLY G 151 24.75 -33.55 22.19
CA GLY G 151 23.40 -33.11 21.84
C GLY G 151 23.25 -31.61 21.75
N ALA G 152 24.36 -30.91 21.52
CA ALA G 152 24.33 -29.50 21.24
C ALA G 152 23.26 -29.13 20.24
N ALA G 153 23.14 -29.89 19.16
CA ALA G 153 22.17 -29.53 18.11
C ALA G 153 20.76 -29.42 18.62
N GLU G 154 20.36 -30.30 19.54
CA GLU G 154 18.99 -30.23 20.08
C GLU G 154 18.79 -28.92 20.85
N HIS G 155 19.77 -28.52 21.69
CA HIS G 155 19.71 -27.21 22.41
CA HIS G 155 19.71 -27.23 22.39
C HIS G 155 19.48 -26.08 21.43
N TYR G 156 20.42 -25.88 20.51
CA TYR G 156 20.29 -24.81 19.52
C TYR G 156 19.01 -24.93 18.72
N LYS G 157 18.63 -26.15 18.35
CA LYS G 157 17.37 -26.39 17.64
C LYS G 157 16.16 -25.85 18.42
N ALA G 158 16.11 -26.14 19.73
CA ALA G 158 15.02 -25.64 20.57
C ALA G 158 14.92 -24.12 20.50
N TYR G 159 16.03 -23.43 20.76
CA TYR G 159 16.08 -21.98 20.70
C TYR G 159 15.60 -21.47 19.37
N LEU G 160 16.13 -22.05 18.30
CA LEU G 160 15.80 -21.58 16.95
C LEU G 160 14.32 -21.76 16.56
N GLU G 161 13.67 -22.80 17.09
CA GLU G 161 12.27 -23.09 16.76
C GLU G 161 11.29 -22.47 17.75
N GLY G 162 11.70 -22.35 19.03
CA GLY G 162 10.90 -21.71 20.05
C GLY G 162 11.27 -20.25 20.24
N GLU G 163 12.15 -19.98 21.20
CA GLU G 163 12.46 -18.60 21.62
C GLU G 163 12.70 -17.61 20.45
N CYS G 164 13.52 -18.01 19.50
CA CYS G 164 13.80 -17.16 18.32
C CYS G 164 12.51 -16.74 17.63
N VAL G 165 11.61 -17.70 17.47
CA VAL G 165 10.34 -17.43 16.81
C VAL G 165 9.42 -16.62 17.73
N GLU G 166 9.14 -17.17 18.92
CA GLU G 166 8.21 -16.52 19.87
C GLU G 166 8.58 -15.06 19.98
N TRP G 167 9.81 -14.77 20.37
CA TRP G 167 10.20 -13.37 20.65
C TRP G 167 10.21 -12.49 19.41
N LEU G 168 10.52 -13.08 18.26
CA LEU G 168 10.50 -12.30 17.01
C LEU G 168 9.08 -11.84 16.72
N HIS G 169 8.10 -12.74 16.87
CA HIS G 169 6.68 -12.34 16.76
C HIS G 169 6.41 -11.13 17.67
N ARG G 170 6.79 -11.24 18.94
CA ARG G 170 6.58 -10.18 19.92
C ARG G 170 7.21 -8.85 19.48
N TYR G 171 8.48 -8.89 19.12
CA TYR G 171 9.15 -7.70 18.59
C TYR G 171 8.47 -7.12 17.35
N LEU G 172 7.93 -7.99 16.50
CA LEU G 172 7.29 -7.54 15.26
C LEU G 172 6.06 -6.69 15.52
N LYS G 173 5.23 -7.12 16.48
CA LYS G 173 4.06 -6.37 16.90
C LYS G 173 4.46 -5.01 17.46
N ASN G 174 5.38 -5.02 18.41
CA ASN G 174 5.77 -3.81 19.17
C ASN G 174 6.37 -2.63 18.37
N GLY G 175 6.79 -2.86 17.14
CA GLY G 175 7.10 -1.79 16.20
C GLY G 175 6.49 -2.13 14.87
N ASN G 176 5.18 -2.41 14.87
CA ASN G 176 4.45 -2.86 13.66
C ASN G 176 4.26 -1.74 12.63
N ALA G 177 4.47 -0.49 13.06
CA ALA G 177 4.53 0.68 12.16
C ALA G 177 5.93 0.95 11.59
N THR G 178 6.95 0.83 12.44
CA THR G 178 8.36 1.16 12.11
C THR G 178 8.92 0.37 10.89
N LEU G 179 8.59 -0.92 10.80
CA LEU G 179 9.19 -1.86 9.82
C LEU G 179 8.26 -2.36 8.69
N LEU G 180 6.94 -2.22 8.85
CA LEU G 180 5.91 -2.82 7.96
C LEU G 180 6.19 -2.70 6.44
N ARG G 181 6.76 -1.56 6.04
CA ARG G 181 7.04 -1.18 4.64
C ARG G 181 8.55 -1.22 4.22
N THR G 182 8.83 -0.74 3.00
CA THR G 182 10.18 -0.63 2.43
C THR G 182 10.25 0.60 1.51
N ASP G 183 11.33 1.37 1.63
CA ASP G 183 11.52 2.62 0.86
C ASP G 183 11.93 2.36 -0.59
N SER G 184 11.02 2.57 -1.54
CA SER G 184 11.38 2.41 -2.95
C SER G 184 12.48 3.40 -3.34
N PRO G 185 13.26 3.08 -4.37
CA PRO G 185 14.31 3.97 -4.82
C PRO G 185 13.82 5.03 -5.78
N LYS G 186 14.51 6.18 -5.77
CA LYS G 186 14.30 7.23 -6.75
C LYS G 186 15.50 7.20 -7.68
N ALA G 187 15.23 7.18 -8.98
CA ALA G 187 16.29 7.05 -9.99
C ALA G 187 16.39 8.27 -10.89
N HIS G 188 17.59 8.48 -11.42
CA HIS G 188 17.84 9.51 -12.42
C HIS G 188 19.18 9.28 -13.09
N VAL G 189 19.35 9.83 -14.29
CA VAL G 189 20.57 9.64 -15.06
C VAL G 189 21.35 10.95 -15.17
N THR G 190 22.65 10.90 -14.90
CA THR G 190 23.54 12.06 -15.05
C THR G 190 24.46 11.87 -16.25
N HIS G 191 24.89 13.01 -16.80
CA HIS G 191 25.64 13.10 -18.04
C HIS G 191 27.02 13.70 -17.75
N HIS G 192 28.06 13.03 -18.23
CA HIS G 192 29.45 13.46 -18.03
C HIS G 192 30.27 13.24 -19.30
N PRO G 193 30.52 14.32 -20.09
CA PRO G 193 31.37 14.19 -21.28
C PRO G 193 32.83 13.97 -20.87
N ARG G 194 33.55 13.12 -21.61
CA ARG G 194 34.91 12.70 -21.18
C ARG G 194 36.03 12.73 -22.23
N SER G 195 36.05 11.73 -23.12
CA SER G 195 36.99 11.68 -24.23
C SER G 195 36.29 12.37 -25.39
N LYS G 196 37.00 12.55 -26.50
CA LYS G 196 36.44 13.22 -27.67
C LYS G 196 35.37 12.32 -28.30
N GLY G 197 34.14 12.85 -28.35
CA GLY G 197 33.00 12.15 -28.95
C GLY G 197 32.32 11.07 -28.11
N GLU G 198 32.75 10.89 -26.85
CA GLU G 198 32.16 9.88 -25.94
C GLU G 198 31.71 10.51 -24.61
N VAL G 199 30.60 9.97 -24.07
CA VAL G 199 30.05 10.39 -22.78
C VAL G 199 29.79 9.23 -21.81
N THR G 200 29.74 9.58 -20.52
CA THR G 200 29.39 8.67 -19.45
C THR G 200 27.92 8.94 -19.11
N LEU G 201 27.10 7.93 -19.26
CA LEU G 201 25.74 7.95 -18.72
C LEU G 201 25.79 7.18 -17.43
N ARG G 202 25.57 7.89 -16.32
CA ARG G 202 25.61 7.29 -15.00
C ARG G 202 24.20 7.28 -14.37
N CYS G 203 23.58 6.10 -14.34
CA CYS G 203 22.26 5.89 -13.73
C CYS G 203 22.36 5.75 -12.22
N TRP G 204 21.78 6.68 -11.49
CA TRP G 204 21.82 6.64 -10.05
C TRP G 204 20.56 5.96 -9.55
N ALA G 205 20.62 5.53 -8.32
CA ALA G 205 19.47 5.05 -7.56
C ALA G 205 19.71 5.46 -6.11
N LEU G 206 18.74 6.15 -5.52
CA LEU G 206 18.93 6.74 -4.20
C LEU G 206 17.76 6.50 -3.25
N GLY G 207 18.07 6.69 -1.98
CA GLY G 207 17.08 6.64 -0.91
C GLY G 207 16.23 5.38 -0.85
N PHE G 208 16.87 4.21 -0.98
CA PHE G 208 16.15 2.92 -0.93
C PHE G 208 16.52 2.01 0.24
N TYR G 209 15.55 1.20 0.64
CA TYR G 209 15.68 0.21 1.69
C TYR G 209 14.76 -0.97 1.37
N PRO G 210 15.19 -2.21 1.61
CA PRO G 210 16.56 -2.58 2.04
C PRO G 210 17.53 -2.57 0.85
N ALA G 211 18.79 -2.90 1.12
CA ALA G 211 19.91 -2.63 0.19
C ALA G 211 19.99 -3.44 -1.09
N ASP G 212 19.26 -4.55 -1.14
CA ASP G 212 19.32 -5.42 -2.33
C ASP G 212 18.69 -4.68 -3.47
N ILE G 213 19.38 -4.64 -4.60
CA ILE G 213 18.93 -3.89 -5.77
C ILE G 213 19.77 -4.30 -6.96
N THR G 214 19.22 -4.19 -8.16
CA THR G 214 19.96 -4.49 -9.38
C THR G 214 19.76 -3.37 -10.39
N LEU G 215 20.85 -2.97 -11.04
CA LEU G 215 20.87 -1.93 -12.07
C LEU G 215 21.39 -2.52 -13.37
N THR G 216 20.70 -2.27 -14.47
CA THR G 216 21.11 -2.79 -15.79
C THR G 216 20.92 -1.76 -16.88
N TRP G 217 21.97 -1.58 -17.67
CA TRP G 217 21.92 -0.74 -18.84
C TRP G 217 21.59 -1.60 -20.05
N GLN G 218 20.63 -1.15 -20.86
CA GLN G 218 20.31 -1.83 -22.10
C GLN G 218 20.55 -0.91 -23.30
N LEU G 219 21.22 -1.46 -24.33
CA LEU G 219 21.23 -0.84 -25.66
C LEU G 219 19.95 -1.26 -26.37
N ASN G 220 18.87 -0.52 -26.08
CA ASN G 220 17.55 -0.70 -26.72
C ASN G 220 16.78 -2.00 -26.35
N GLY G 221 17.40 -2.86 -25.55
CA GLY G 221 16.93 -4.23 -25.32
C GLY G 221 18.04 -5.20 -24.96
N GLU G 222 19.27 -4.92 -25.42
CA GLU G 222 20.47 -5.73 -25.11
C GLU G 222 21.27 -5.25 -23.89
N GLU G 223 21.27 -6.06 -22.83
CA GLU G 223 22.05 -5.80 -21.60
C GLU G 223 23.57 -5.83 -21.86
N LEU G 224 24.36 -5.35 -20.88
CA LEU G 224 25.84 -5.27 -21.00
C LEU G 224 26.61 -5.73 -19.73
N THR G 225 27.16 -6.93 -19.77
CA THR G 225 28.33 -7.33 -18.96
C THR G 225 29.65 -6.89 -19.64
N GLN G 226 29.52 -6.42 -20.89
CA GLN G 226 30.52 -5.64 -21.63
C GLN G 226 30.76 -4.30 -20.93
N ASP G 227 31.77 -4.29 -20.07
CA ASP G 227 32.34 -3.07 -19.46
C ASP G 227 31.34 -1.96 -19.08
N MET G 228 30.29 -2.37 -18.37
CA MET G 228 29.47 -1.44 -17.60
C MET G 228 30.21 -1.24 -16.27
N GLU G 229 30.12 -0.03 -15.72
CA GLU G 229 30.80 0.33 -14.48
C GLU G 229 29.77 0.51 -13.36
N LEU G 230 30.06 -0.02 -12.17
CA LEU G 230 29.19 0.14 -11.01
C LEU G 230 30.01 0.44 -9.74
N VAL G 231 29.31 0.52 -8.60
CA VAL G 231 29.95 0.56 -7.29
C VAL G 231 29.15 -0.29 -6.34
N GLU G 232 29.81 -0.80 -5.32
CA GLU G 232 29.09 -1.57 -4.29
C GLU G 232 28.02 -0.67 -3.71
N THR G 233 26.84 -1.24 -3.49
CA THR G 233 25.78 -0.60 -2.74
C THR G 233 26.34 -0.10 -1.42
N ARG G 234 25.97 1.13 -1.10
CA ARG G 234 26.55 1.92 0.00
C ARG G 234 25.44 2.66 0.77
N PRO G 235 25.60 2.80 2.10
CA PRO G 235 24.59 3.49 2.88
C PRO G 235 24.74 5.00 2.74
N ALA G 236 23.61 5.68 2.54
CA ALA G 236 23.54 7.14 2.65
C ALA G 236 23.85 7.63 4.08
N GLY G 237 23.66 6.79 5.09
CA GLY G 237 23.93 7.17 6.47
C GLY G 237 22.69 7.62 7.21
N ASP G 238 21.58 7.81 6.48
CA ASP G 238 20.27 8.14 7.04
C ASP G 238 19.36 6.90 7.21
N GLY G 239 19.93 5.70 7.10
CA GLY G 239 19.15 4.45 7.08
C GLY G 239 18.63 3.96 5.72
N THR G 240 18.96 4.69 4.63
CA THR G 240 18.69 4.26 3.24
C THR G 240 20.02 4.01 2.47
N PHE G 241 19.93 3.60 1.21
CA PHE G 241 21.10 3.15 0.43
C PHE G 241 21.18 3.73 -0.97
N GLN G 242 22.37 3.66 -1.55
CA GLN G 242 22.68 4.23 -2.87
C GLN G 242 23.47 3.26 -3.69
N LYS G 243 23.25 3.31 -4.99
CA LYS G 243 24.07 2.59 -5.96
C LYS G 243 23.99 3.33 -7.27
N TRP G 244 25.03 3.21 -8.08
CA TRP G 244 24.97 3.72 -9.43
C TRP G 244 25.61 2.76 -10.38
N ALA G 245 25.16 2.81 -11.63
CA ALA G 245 25.79 2.08 -12.73
C ALA G 245 25.96 3.05 -13.89
N SER G 246 27.12 2.99 -14.53
CA SER G 246 27.43 3.86 -15.65
C SER G 246 27.94 3.07 -16.85
N VAL G 247 27.84 3.65 -18.04
CA VAL G 247 28.42 3.04 -19.22
C VAL G 247 28.92 4.10 -20.21
N VAL G 248 29.94 3.72 -20.98
CA VAL G 248 30.45 4.48 -22.15
C VAL G 248 29.43 4.57 -23.30
N VAL G 249 29.24 5.78 -23.84
CA VAL G 249 28.21 6.05 -24.86
C VAL G 249 28.71 7.05 -25.92
N PRO G 250 28.49 6.76 -27.23
CA PRO G 250 28.63 7.76 -28.29
C PRO G 250 27.85 9.07 -28.04
N LEU G 251 28.53 10.21 -28.11
CA LEU G 251 27.87 11.53 -27.88
C LEU G 251 26.81 11.74 -28.98
N GLY G 252 25.59 12.07 -28.57
CA GLY G 252 24.46 12.21 -29.50
C GLY G 252 23.60 10.95 -29.63
N LYS G 253 24.23 9.83 -29.99
CA LYS G 253 23.55 8.51 -30.01
C LYS G 253 23.42 7.95 -28.58
N GLU G 254 22.51 8.55 -27.81
CA GLU G 254 22.40 8.33 -26.35
C GLU G 254 20.99 8.14 -25.77
N GLN G 255 19.95 8.20 -26.60
CA GLN G 255 18.59 7.86 -26.18
C GLN G 255 18.27 6.40 -26.48
N ASN G 256 19.16 5.72 -27.20
CA ASN G 256 19.10 4.26 -27.37
C ASN G 256 19.42 3.49 -26.07
N TYR G 257 19.85 4.23 -25.03
CA TYR G 257 20.36 3.66 -23.80
C TYR G 257 19.39 3.87 -22.64
N THR G 258 18.82 2.75 -22.19
CA THR G 258 17.85 2.70 -21.09
C THR G 258 18.43 1.95 -19.87
N CYS G 259 18.45 2.63 -18.74
CA CYS G 259 18.80 2.04 -17.44
C CYS G 259 17.52 1.44 -16.86
N ARG G 260 17.60 0.20 -16.36
CA ARG G 260 16.48 -0.41 -15.62
C ARG G 260 16.90 -0.68 -14.17
N VAL G 261 15.93 -0.56 -13.26
CA VAL G 261 16.17 -0.65 -11.82
C VAL G 261 15.13 -1.53 -11.12
N TYR G 262 15.62 -2.57 -10.43
CA TYR G 262 14.80 -3.64 -9.84
C TYR G 262 15.01 -3.65 -8.34
N HIS G 263 13.94 -3.54 -7.58
CA HIS G 263 14.06 -3.48 -6.11
C HIS G 263 12.71 -3.96 -5.57
N GLU G 264 12.71 -4.46 -4.34
CA GLU G 264 11.52 -5.15 -3.82
C GLU G 264 10.31 -4.26 -3.52
N GLY G 265 10.55 -3.10 -2.91
CA GLY G 265 9.51 -2.08 -2.74
C GLY G 265 8.87 -1.56 -4.02
N LEU G 266 9.52 -1.77 -5.16
CA LEU G 266 8.95 -1.35 -6.43
C LEU G 266 7.73 -2.17 -6.80
N PRO G 267 6.67 -1.50 -7.29
CA PRO G 267 5.53 -2.24 -7.84
C PRO G 267 5.99 -3.04 -9.04
N GLU G 268 6.79 -2.41 -9.89
CA GLU G 268 7.43 -3.05 -10.99
C GLU G 268 8.71 -2.29 -11.21
N PRO G 269 9.61 -2.82 -12.04
CA PRO G 269 10.89 -2.16 -12.21
C PRO G 269 10.77 -0.83 -12.95
N LEU G 270 11.76 0.04 -12.75
CA LEU G 270 11.78 1.35 -13.39
C LEU G 270 12.58 1.28 -14.66
N THR G 271 12.07 1.93 -15.71
CA THR G 271 12.84 2.18 -16.93
C THR G 271 13.12 3.67 -16.95
N LEU G 272 14.37 4.02 -17.18
CA LEU G 272 14.78 5.42 -17.33
C LEU G 272 15.81 5.59 -18.43
N ARG G 273 15.83 6.79 -19.01
CA ARG G 273 16.94 7.21 -19.87
C ARG G 273 17.26 8.68 -19.62
N TRP G 274 18.33 9.15 -20.25
CA TRP G 274 18.81 10.54 -20.11
C TRP G 274 17.75 11.53 -20.57
N GLU G 275 17.41 12.48 -19.71
CA GLU G 275 16.44 13.55 -20.01
C GLU G 275 17.16 14.90 -19.89
N PRO G 276 17.56 15.51 -21.04
CA PRO G 276 18.30 16.77 -20.98
C PRO G 276 17.37 17.95 -20.68
N ILE H 1 43.71 -15.10 8.70
CA ILE H 1 44.35 -14.19 7.66
C ILE H 1 43.63 -12.83 7.61
N GLN H 2 44.36 -11.82 7.12
CA GLN H 2 43.92 -10.46 7.09
C GLN H 2 43.19 -10.24 5.78
N LYS H 3 41.97 -9.72 5.84
CA LYS H 3 41.26 -9.23 4.65
C LYS H 3 41.46 -7.73 4.65
N THR H 4 41.58 -7.17 3.45
CA THR H 4 42.10 -5.81 3.23
C THR H 4 40.92 -4.85 2.87
N PRO H 5 40.79 -3.69 3.57
CA PRO H 5 39.58 -2.82 3.53
C PRO H 5 39.26 -2.13 2.25
N GLN H 6 38.02 -2.29 1.77
CA GLN H 6 37.51 -1.52 0.64
C GLN H 6 36.94 -0.23 1.18
N ILE H 7 37.14 0.85 0.41
CA ILE H 7 36.85 2.20 0.86
C ILE H 7 36.10 2.97 -0.21
N GLN H 8 34.98 3.57 0.16
CA GLN H 8 34.30 4.56 -0.68
C GLN H 8 34.20 5.86 0.10
N VAL H 9 34.40 6.96 -0.62
CA VAL H 9 34.24 8.31 -0.05
C VAL H 9 33.25 9.10 -0.88
N TYR H 10 32.18 9.58 -0.26
CA TYR H 10 31.05 10.14 -1.00
C TYR H 10 30.19 10.95 -0.04
N SER H 11 29.28 11.73 -0.63
CA SER H 11 28.38 12.62 0.10
C SER H 11 26.97 12.03 0.13
N ARG H 12 26.25 12.28 1.23
CA ARG H 12 24.86 11.82 1.38
C ARG H 12 23.99 12.38 0.26
N HIS H 13 23.91 13.71 0.21
CA HIS H 13 23.06 14.41 -0.77
C HIS H 13 23.97 14.88 -1.89
N PRO H 14 23.45 14.96 -3.12
CA PRO H 14 24.35 15.43 -4.21
C PRO H 14 24.93 16.82 -3.87
N PRO H 15 26.18 17.08 -4.27
CA PRO H 15 26.86 18.25 -3.71
C PRO H 15 26.67 19.52 -4.57
N GLU H 16 26.54 20.65 -3.88
CA GLU H 16 26.50 21.99 -4.47
C GLU H 16 27.48 22.79 -3.62
N ASN H 17 28.40 23.50 -4.24
CA ASN H 17 29.35 24.30 -3.45
C ASN H 17 28.58 25.27 -2.57
N GLY H 18 28.96 25.36 -1.29
CA GLY H 18 28.28 26.24 -0.33
C GLY H 18 27.10 25.63 0.42
N LYS H 19 26.47 24.59 -0.15
CA LYS H 19 25.36 23.82 0.48
C LYS H 19 25.85 22.81 1.54
N PRO H 20 25.38 22.91 2.82
CA PRO H 20 25.89 21.92 3.79
C PRO H 20 25.38 20.51 3.48
N ASN H 21 26.18 19.54 3.89
CA ASN H 21 26.05 18.17 3.43
C ASN H 21 26.74 17.26 4.44
N ILE H 22 26.55 15.95 4.26
CA ILE H 22 27.29 14.96 5.05
C ILE H 22 28.21 14.20 4.11
N LEU H 23 29.44 14.00 4.56
CA LEU H 23 30.44 13.25 3.81
C LEU H 23 30.74 11.92 4.48
N ASN H 24 30.56 10.85 3.71
CA ASN H 24 30.71 9.49 4.19
C ASN H 24 32.01 8.84 3.79
N CYS H 25 32.60 8.11 4.71
CA CYS H 25 33.65 7.14 4.40
C CYS H 25 33.16 5.75 4.75
N TYR H 26 32.72 5.02 3.73
CA TYR H 26 32.26 3.65 3.91
C TYR H 26 33.41 2.68 3.81
N VAL H 27 33.74 2.01 4.91
CA VAL H 27 34.86 1.05 4.94
C VAL H 27 34.35 -0.38 5.21
N THR H 28 34.69 -1.29 4.31
CA THR H 28 34.10 -2.62 4.30
C THR H 28 35.14 -3.69 4.00
N GLN H 29 34.73 -4.93 4.19
CA GLN H 29 35.46 -6.11 3.77
C GLN H 29 36.80 -6.25 4.45
N PHE H 30 36.88 -5.86 5.70
CA PHE H 30 38.16 -5.96 6.36
C PHE H 30 38.07 -6.92 7.51
N HIS H 31 39.26 -7.31 7.98
CA HIS H 31 39.44 -8.22 9.10
C HIS H 31 40.95 -8.25 9.40
N PRO H 32 41.39 -8.15 10.66
CA PRO H 32 40.52 -8.15 11.84
C PRO H 32 39.79 -6.83 12.06
N PRO H 33 38.83 -6.80 13.01
CA PRO H 33 37.96 -5.65 13.12
C PRO H 33 38.60 -4.37 13.67
N HIS H 34 39.80 -4.45 14.27
CA HIS H 34 40.49 -3.25 14.68
C HIS H 34 40.98 -2.48 13.47
N ILE H 35 40.51 -1.24 13.37
CA ILE H 35 40.80 -0.38 12.26
C ILE H 35 40.81 1.06 12.76
N GLU H 36 41.59 1.94 12.12
CA GLU H 36 41.55 3.39 12.42
C GLU H 36 41.15 4.18 11.19
N ILE H 37 40.19 5.08 11.37
CA ILE H 37 39.65 5.86 10.27
C ILE H 37 39.72 7.32 10.63
N GLN H 38 40.45 8.10 9.82
CA GLN H 38 40.44 9.55 9.90
C GLN H 38 39.80 10.08 8.63
N MET H 39 39.18 11.25 8.76
CA MET H 39 38.71 12.03 7.64
C MET H 39 39.50 13.34 7.62
N LEU H 40 39.87 13.79 6.42
CA LEU H 40 40.77 14.92 6.27
C LEU H 40 40.20 15.98 5.35
N LYS H 41 40.37 17.24 5.75
CA LYS H 41 40.03 18.41 4.93
C LYS H 41 41.37 19.04 4.63
N ASN H 42 41.68 19.18 3.34
CA ASN H 42 42.91 19.80 2.90
C ASN H 42 44.12 19.25 3.67
N GLY H 43 44.19 17.93 3.75
CA GLY H 43 45.28 17.24 4.45
C GLY H 43 45.27 17.30 5.98
N LYS H 44 44.28 17.99 6.56
CA LYS H 44 44.19 18.16 8.01
C LYS H 44 42.99 17.41 8.64
N LYS H 45 43.30 16.64 9.69
CA LYS H 45 42.34 15.83 10.42
C LYS H 45 41.10 16.63 10.87
N ILE H 46 39.93 16.26 10.35
CA ILE H 46 38.65 16.81 10.84
C ILE H 46 38.41 16.24 12.24
N PRO H 47 38.09 17.10 13.23
CA PRO H 47 38.22 16.65 14.61
C PRO H 47 37.07 15.78 15.16
N LYS H 48 35.82 16.21 14.97
CA LYS H 48 34.66 15.48 15.49
C LYS H 48 33.95 14.74 14.35
N VAL H 49 34.26 13.44 14.27
CA VAL H 49 33.84 12.55 13.20
C VAL H 49 32.97 11.44 13.79
N GLU H 50 31.76 11.27 13.26
CA GLU H 50 30.87 10.18 13.67
C GLU H 50 31.40 8.82 13.21
N MET H 51 31.37 7.83 14.11
CA MET H 51 31.81 6.46 13.81
C MET H 51 30.70 5.49 14.18
N SER H 52 30.06 4.91 13.17
CA SER H 52 29.09 3.85 13.41
C SER H 52 29.78 2.69 14.13
N ASP H 53 29.03 1.87 14.82
CA ASP H 53 29.63 0.81 15.67
C ASP H 53 30.05 -0.46 14.95
N MET H 54 30.95 -1.22 15.57
CA MET H 54 31.42 -2.50 15.04
C MET H 54 30.26 -3.33 14.48
N SER H 55 30.36 -3.78 13.24
CA SER H 55 29.31 -4.63 12.65
C SER H 55 29.97 -5.57 11.67
N PHE H 56 29.33 -6.70 11.40
CA PHE H 56 29.85 -7.58 10.38
C PHE H 56 28.77 -8.14 9.50
N SER H 57 29.18 -8.48 8.28
CA SER H 57 28.23 -8.90 7.27
C SER H 57 28.11 -10.41 7.32
N LYS H 58 27.19 -10.97 6.54
CA LYS H 58 26.98 -12.41 6.56
C LYS H 58 28.19 -13.21 6.06
N ASP H 59 29.16 -12.54 5.44
CA ASP H 59 30.40 -13.20 5.06
C ASP H 59 31.50 -13.09 6.15
N TRP H 60 31.16 -12.57 7.33
CA TRP H 60 32.04 -12.39 8.47
C TRP H 60 32.94 -11.15 8.41
N SER H 61 32.96 -10.47 7.27
CA SER H 61 33.85 -9.31 7.11
C SER H 61 33.22 -8.11 7.81
N PHE H 62 34.08 -7.30 8.40
CA PHE H 62 33.64 -6.13 9.11
C PHE H 62 33.40 -4.95 8.17
N TYR H 63 32.59 -4.02 8.67
CA TYR H 63 32.30 -2.76 8.00
C TYR H 63 31.97 -1.68 9.03
N ILE H 64 32.53 -0.50 8.79
CA ILE H 64 32.24 0.68 9.58
C ILE H 64 31.86 1.84 8.63
N LEU H 65 30.94 2.69 9.09
CA LEU H 65 30.64 3.92 8.38
C LEU H 65 31.07 5.11 9.22
N ALA H 66 31.96 5.90 8.64
CA ALA H 66 32.39 7.16 9.24
C ALA H 66 31.71 8.28 8.46
N HIS H 67 31.21 9.28 9.17
CA HIS H 67 30.61 10.46 8.54
C HIS H 67 30.81 11.74 9.35
N THR H 68 30.62 12.86 8.66
CA THR H 68 30.82 14.19 9.26
C THR H 68 30.10 15.23 8.44
N GLU H 69 29.82 16.34 9.10
CA GLU H 69 29.16 17.47 8.44
C GLU H 69 30.24 18.18 7.68
N PHE H 70 29.89 18.61 6.47
CA PHE H 70 30.83 19.39 5.67
C PHE H 70 30.11 20.34 4.72
N THR H 71 30.77 21.45 4.42
CA THR H 71 30.27 22.35 3.41
C THR H 71 31.28 22.43 2.25
N PRO H 72 30.96 21.77 1.12
CA PRO H 72 31.88 21.67 0.01
C PRO H 72 32.08 23.04 -0.59
N THR H 73 33.33 23.39 -0.83
CA THR H 73 33.68 24.59 -1.55
C THR H 73 34.30 24.18 -2.87
N GLU H 74 34.47 25.17 -3.73
CA GLU H 74 35.15 25.00 -5.02
C GLU H 74 36.47 24.24 -4.93
N THR H 75 37.20 24.55 -3.88
CA THR H 75 38.64 24.40 -3.84
C THR H 75 39.15 23.40 -2.76
N ASP H 76 38.36 23.19 -1.72
CA ASP H 76 38.71 22.29 -0.64
C ASP H 76 38.70 20.85 -1.10
N THR H 77 39.73 20.11 -0.70
CA THR H 77 39.77 18.67 -0.96
C THR H 77 39.56 17.93 0.34
N TYR H 78 38.83 16.82 0.21
CA TYR H 78 38.41 16.00 1.32
C TYR H 78 38.86 14.59 1.07
N ALA H 79 39.29 13.91 2.13
CA ALA H 79 39.83 12.55 2.02
C ALA H 79 39.51 11.72 3.25
N CYS H 80 39.69 10.41 3.11
CA CYS H 80 39.58 9.44 4.20
C CYS H 80 40.86 8.64 4.30
N ARG H 81 41.42 8.56 5.51
CA ARG H 81 42.66 7.83 5.73
C ARG H 81 42.41 6.66 6.67
N VAL H 82 42.75 5.45 6.20
CA VAL H 82 42.47 4.21 6.90
C VAL H 82 43.76 3.51 7.31
N LYS H 83 43.90 3.18 8.60
CA LYS H 83 45.02 2.37 9.11
C LYS H 83 44.51 1.00 9.61
N HIS H 84 45.17 -0.08 9.18
CA HIS H 84 44.73 -1.47 9.41
C HIS H 84 45.88 -2.43 9.15
N ASP H 85 45.99 -3.49 9.94
CA ASP H 85 47.15 -4.41 9.86
C ASP H 85 47.39 -5.01 8.48
N SER H 86 46.31 -5.27 7.75
CA SER H 86 46.37 -5.76 6.37
C SER H 86 47.21 -4.94 5.41
N MET H 87 47.53 -3.72 5.81
CA MET H 87 48.36 -2.84 4.99
C MET H 87 49.43 -2.18 5.86
N ALA H 88 50.64 -2.14 5.30
CA ALA H 88 51.82 -1.59 6.00
C ALA H 88 51.69 -0.10 6.24
N GLU H 89 51.24 0.61 5.19
CA GLU H 89 51.02 2.05 5.27
C GLU H 89 49.54 2.42 5.25
N PRO H 90 49.20 3.54 5.91
CA PRO H 90 47.83 4.05 5.81
C PRO H 90 47.42 4.23 4.36
N LYS H 91 46.14 4.08 4.09
CA LYS H 91 45.60 4.27 2.75
C LYS H 91 44.72 5.50 2.79
N THR H 92 44.96 6.41 1.85
CA THR H 92 44.15 7.60 1.70
C THR H 92 43.35 7.48 0.39
N VAL H 93 42.04 7.70 0.45
CA VAL H 93 41.27 7.86 -0.79
C VAL H 93 40.56 9.21 -0.76
N TYR H 94 40.71 9.94 -1.87
CA TYR H 94 40.26 11.32 -2.02
C TYR H 94 38.81 11.32 -2.47
N TRP H 95 38.05 12.28 -1.92
CA TRP H 95 36.66 12.46 -2.31
C TRP H 95 36.65 12.96 -3.72
N ASP H 96 35.87 12.29 -4.55
CA ASP H 96 35.60 12.68 -5.91
C ASP H 96 34.11 12.99 -5.95
N ARG H 97 33.77 14.28 -6.10
CA ARG H 97 32.37 14.76 -6.16
C ARG H 97 31.50 14.10 -7.26
N ASP H 98 32.13 13.60 -8.32
CA ASP H 98 31.41 12.97 -9.44
C ASP H 98 31.02 11.53 -9.19
N MET H 99 31.92 10.77 -8.56
CA MET H 99 31.78 9.31 -8.49
C MET H 99 31.52 8.85 -7.04
N LYS I 1 4.44 -17.59 -22.68
CA LYS I 1 4.83 -18.34 -23.93
C LYS I 1 5.15 -19.78 -23.57
N ALA I 2 4.35 -20.73 -24.05
CA ALA I 2 4.73 -22.12 -23.88
C ALA I 2 6.18 -22.30 -24.40
N PRO I 3 6.97 -23.19 -23.76
CA PRO I 3 8.30 -23.49 -24.29
C PRO I 3 8.18 -24.45 -25.47
N TYR I 4 9.24 -24.60 -26.24
CA TYR I 4 9.25 -25.65 -27.27
C TYR I 4 10.49 -26.52 -27.11
N ASP I 5 10.36 -27.83 -27.30
CA ASP I 5 11.41 -28.75 -26.89
C ASP I 5 12.49 -28.92 -27.97
N TYR I 6 13.69 -29.33 -27.57
CA TYR I 6 14.81 -29.59 -28.49
C TYR I 6 14.53 -30.97 -29.09
N ALA I 7 15.49 -31.88 -29.11
CA ALA I 7 15.28 -33.22 -29.63
C ALA I 7 14.31 -34.00 -28.77
N PRO I 8 13.63 -34.97 -29.38
CA PRO I 8 12.81 -35.89 -28.57
C PRO I 8 13.62 -36.67 -27.49
N ILE I 9 12.88 -37.40 -26.66
CA ILE I 9 13.46 -38.17 -25.57
C ILE I 9 14.19 -39.37 -26.14
N LYS J 1 -26.71 -0.66 2.37
CA LYS J 1 -28.17 -0.79 2.64
C LYS J 1 -28.88 0.41 2.08
N ALA J 2 -29.94 0.18 1.31
CA ALA J 2 -30.79 1.24 0.83
C ALA J 2 -31.36 2.01 2.03
N PRO J 3 -31.60 3.32 1.88
CA PRO J 3 -32.49 3.97 2.84
C PRO J 3 -33.93 3.50 2.61
N TYR J 4 -34.82 3.91 3.51
CA TYR J 4 -36.23 3.79 3.27
C TYR J 4 -36.83 5.11 3.67
N ASP J 5 -37.81 5.54 2.88
CA ASP J 5 -38.38 6.86 3.02
C ASP J 5 -39.42 6.82 4.10
N TYR J 6 -39.95 8.00 4.41
CA TYR J 6 -40.78 8.27 5.58
C TYR J 6 -42.14 8.63 4.98
N ALA J 7 -42.78 9.73 5.40
CA ALA J 7 -44.06 10.14 4.82
C ALA J 7 -43.87 10.49 3.36
N PRO J 8 -44.88 10.21 2.54
CA PRO J 8 -44.75 10.52 1.12
C PRO J 8 -44.60 12.04 0.86
N ILE J 9 -44.33 12.38 -0.40
CA ILE J 9 -44.18 13.76 -0.82
C ILE J 9 -45.54 14.44 -0.83
N LYS K 1 7.16 29.77 -2.11
CA LYS K 1 7.48 31.22 -2.14
C LYS K 1 6.37 32.06 -1.53
N ALA K 2 6.75 32.96 -0.64
CA ALA K 2 5.80 33.79 0.07
C ALA K 2 5.06 34.71 -0.86
N PRO K 3 3.87 35.17 -0.44
CA PRO K 3 3.24 36.23 -1.19
C PRO K 3 3.86 37.56 -0.84
N TYR K 4 3.69 38.51 -1.74
CA TYR K 4 4.05 39.89 -1.47
C TYR K 4 2.79 40.74 -1.60
N ASP K 5 2.54 41.59 -0.60
CA ASP K 5 1.29 42.32 -0.51
C ASP K 5 1.43 43.60 -1.26
N TYR K 6 0.29 44.24 -1.53
CA TYR K 6 0.22 45.34 -2.44
C TYR K 6 -0.23 46.59 -1.73
N ALA K 7 -1.48 47.01 -1.93
CA ALA K 7 -1.93 48.22 -1.30
C ALA K 7 -2.02 47.88 0.15
N PRO K 8 -1.42 48.71 1.02
CA PRO K 8 -1.52 48.46 2.46
C PRO K 8 -2.91 48.66 2.99
N ILE K 9 -3.08 48.28 4.24
CA ILE K 9 -4.36 48.35 4.93
C ILE K 9 -4.81 49.78 5.08
N LYS L 1 15.32 -12.26 21.55
CA LYS L 1 16.21 -12.68 22.68
C LYS L 1 17.38 -13.53 22.20
N ALA L 2 18.54 -13.28 22.79
CA ALA L 2 19.76 -13.90 22.32
C ALA L 2 19.79 -15.37 22.69
N PRO L 3 20.57 -16.17 21.94
CA PRO L 3 20.71 -17.57 22.25
C PRO L 3 21.67 -17.77 23.37
N TYR L 4 21.44 -18.83 24.10
CA TYR L 4 22.35 -19.33 25.09
C TYR L 4 23.22 -20.32 24.35
N ASP L 5 24.53 -20.12 24.29
CA ASP L 5 25.36 -21.19 23.78
C ASP L 5 25.56 -22.32 24.78
N TYR L 6 25.95 -23.46 24.23
CA TYR L 6 25.99 -24.77 24.89
C TYR L 6 27.44 -25.15 25.27
N ALA L 7 27.95 -26.24 24.72
CA ALA L 7 29.29 -26.70 24.95
C ALA L 7 30.21 -25.72 24.28
N PRO L 8 31.21 -25.22 25.00
CA PRO L 8 32.30 -24.47 24.37
C PRO L 8 32.91 -25.15 23.16
N ILE L 9 33.64 -24.36 22.39
CA ILE L 9 34.31 -24.85 21.21
C ILE L 9 35.39 -25.85 21.58
#